data_2KTL
#
_entry.id   2KTL
#
_entity_poly.entity_id   1
_entity_poly.type   'polypeptide(L)'
_entity_poly.pdbx_seq_one_letter_code
;MPRTASPGNPKSSLSGFVNPQSGNPHAPQTNFANMPSARVTLPKSLVYDKTFSKVLWSAGLVASKSEGQRIINNNGAYVG
SRPGVKKNEPGGGMPDDLTFTPIKTWNASKTQEFIIDGDLLILKLGKWKMKLVSIVSDEKFKELGLTAPGWDEVVGKGKE
EPSP
;
_entity_poly.pdbx_strand_id   A
#
# COMPACT_ATOMS: atom_id res chain seq x y z
N MET A 1 -59.79 13.27 12.33
CA MET A 1 -58.53 12.51 12.17
C MET A 1 -57.42 13.38 11.57
N PRO A 2 -57.62 13.92 10.36
CA PRO A 2 -56.63 14.76 9.70
C PRO A 2 -56.53 16.16 10.33
N ARG A 3 -57.69 16.74 10.62
CA ARG A 3 -57.74 18.07 11.22
C ARG A 3 -57.37 18.01 12.71
N THR A 4 -57.62 16.86 13.33
CA THR A 4 -57.32 16.66 14.74
C THR A 4 -56.09 15.79 14.92
N ALA A 5 -55.16 15.89 13.98
CA ALA A 5 -53.92 15.11 14.04
C ALA A 5 -53.10 15.46 15.28
N SER A 6 -52.06 14.68 15.54
CA SER A 6 -51.20 14.90 16.69
C SER A 6 -49.82 15.38 16.25
N PRO A 7 -49.60 16.71 16.27
CA PRO A 7 -48.31 17.30 15.88
C PRO A 7 -47.13 16.66 16.61
N GLY A 8 -46.25 16.02 15.85
CA GLY A 8 -45.09 15.38 16.44
C GLY A 8 -45.38 13.96 16.90
N ASN A 9 -45.84 13.13 15.97
CA ASN A 9 -46.16 11.74 16.29
C ASN A 9 -45.03 10.81 15.84
N PRO A 10 -44.85 9.69 16.55
CA PRO A 10 -43.80 8.71 16.22
C PRO A 10 -44.10 7.94 14.94
N LYS A 11 -43.27 6.95 14.63
CA LYS A 11 -43.46 6.14 13.43
C LYS A 11 -44.08 4.80 13.79
N SER A 12 -44.24 3.93 12.78
CA SER A 12 -44.82 2.62 12.99
C SER A 12 -43.74 1.53 12.99
N SER A 13 -43.20 1.24 11.82
CA SER A 13 -42.16 0.22 11.70
C SER A 13 -40.94 0.59 12.53
N LEU A 14 -40.64 1.89 12.60
CA LEU A 14 -39.49 2.37 13.37
C LEU A 14 -39.95 3.22 14.55
N SER A 15 -40.55 2.57 15.54
CA SER A 15 -41.04 3.27 16.72
C SER A 15 -40.05 3.15 17.88
N GLY A 16 -38.77 3.31 17.57
CA GLY A 16 -37.74 3.21 18.58
C GLY A 16 -36.63 2.26 18.19
N PHE A 17 -36.99 1.18 17.51
CA PHE A 17 -36.02 0.20 17.06
C PHE A 17 -35.88 0.24 15.54
N VAL A 18 -34.68 0.57 15.07
CA VAL A 18 -34.41 0.64 13.65
C VAL A 18 -33.43 -0.43 13.21
N ASN A 19 -33.92 -1.43 12.50
CA ASN A 19 -33.10 -2.53 12.02
C ASN A 19 -33.80 -3.30 10.90
N PRO A 20 -33.44 -3.02 9.63
CA PRO A 20 -34.04 -3.68 8.47
C PRO A 20 -33.65 -5.15 8.38
N GLN A 21 -33.94 -5.77 7.24
CA GLN A 21 -33.61 -7.18 7.04
C GLN A 21 -33.00 -7.40 5.65
N SER A 22 -32.20 -6.43 5.20
CA SER A 22 -31.56 -6.52 3.89
C SER A 22 -30.11 -6.96 4.03
N GLY A 23 -29.48 -6.60 5.14
CA GLY A 23 -28.10 -6.97 5.38
C GLY A 23 -27.19 -5.77 5.55
N ASN A 24 -27.70 -4.58 5.25
CA ASN A 24 -26.93 -3.35 5.39
C ASN A 24 -26.27 -3.25 6.76
N PRO A 25 -27.03 -3.42 7.85
CA PRO A 25 -26.51 -3.35 9.21
C PRO A 25 -25.71 -4.60 9.59
N HIS A 26 -26.00 -5.71 8.94
CA HIS A 26 -25.32 -6.97 9.21
C HIS A 26 -23.83 -6.86 8.88
N ALA A 27 -23.06 -6.35 9.83
CA ALA A 27 -21.63 -6.19 9.64
C ALA A 27 -20.89 -7.53 9.79
N PRO A 28 -20.30 -8.05 8.70
CA PRO A 28 -19.58 -9.33 8.73
C PRO A 28 -18.58 -9.40 9.88
N GLN A 29 -17.43 -8.75 9.71
CA GLN A 29 -16.39 -8.74 10.74
C GLN A 29 -15.83 -7.34 10.95
N THR A 30 -15.05 -6.89 9.97
CA THR A 30 -14.45 -5.56 10.02
C THR A 30 -14.55 -4.86 8.67
N ASN A 31 -14.85 -3.58 8.70
CA ASN A 31 -14.98 -2.79 7.48
C ASN A 31 -13.76 -2.97 6.57
N PHE A 32 -12.58 -2.69 7.12
CA PHE A 32 -11.32 -2.83 6.39
C PHE A 32 -11.20 -4.17 5.68
N ALA A 33 -11.54 -5.23 6.38
CA ALA A 33 -11.41 -6.58 5.86
C ALA A 33 -12.03 -6.79 4.46
N ASN A 34 -13.36 -6.77 4.36
CA ASN A 34 -13.97 -7.06 3.05
C ASN A 34 -13.83 -5.97 1.96
N MET A 35 -14.62 -4.90 2.06
CA MET A 35 -14.60 -3.83 1.05
C MET A 35 -13.22 -3.22 0.79
N PRO A 36 -12.54 -2.77 1.84
CA PRO A 36 -11.24 -2.10 1.78
C PRO A 36 -10.04 -3.05 1.84
N SER A 37 -10.13 -4.16 1.13
CA SER A 37 -9.03 -5.13 1.14
C SER A 37 -8.47 -5.38 -0.26
N ALA A 38 -8.38 -4.33 -1.06
CA ALA A 38 -7.84 -4.48 -2.41
C ALA A 38 -6.44 -3.90 -2.50
N ARG A 39 -5.54 -4.65 -3.14
CA ARG A 39 -4.16 -4.24 -3.30
C ARG A 39 -3.67 -4.47 -4.73
N VAL A 40 -2.96 -3.48 -5.25
CA VAL A 40 -2.40 -3.57 -6.59
C VAL A 40 -0.94 -3.09 -6.61
N THR A 41 -0.20 -3.42 -7.66
CA THR A 41 1.19 -2.97 -7.75
C THR A 41 1.44 -2.18 -9.03
N LEU A 42 2.14 -1.05 -8.89
CA LEU A 42 2.47 -0.19 -10.01
C LEU A 42 3.94 0.25 -9.91
N PRO A 43 4.51 0.77 -11.02
CA PRO A 43 5.91 1.24 -11.03
C PRO A 43 6.14 2.35 -10.00
N LYS A 44 7.06 2.09 -9.07
CA LYS A 44 7.40 3.02 -8.00
C LYS A 44 7.89 4.38 -8.51
N SER A 45 8.52 4.39 -9.67
CA SER A 45 9.10 5.63 -10.20
C SER A 45 8.08 6.75 -10.45
N LEU A 46 6.98 6.45 -11.12
CA LEU A 46 5.96 7.46 -11.41
C LEU A 46 5.14 7.85 -10.19
N VAL A 47 5.32 7.14 -9.09
CA VAL A 47 4.58 7.40 -7.87
C VAL A 47 5.09 8.68 -7.19
N TYR A 48 6.34 9.00 -7.45
CA TYR A 48 7.00 10.16 -6.87
C TYR A 48 6.24 11.47 -7.09
N ASP A 49 5.49 11.59 -8.19
CA ASP A 49 4.82 12.87 -8.50
C ASP A 49 3.62 13.20 -7.58
N LYS A 50 2.68 12.28 -7.40
CA LYS A 50 1.53 12.54 -6.55
C LYS A 50 1.47 11.56 -5.38
N THR A 51 1.24 12.09 -4.20
CA THR A 51 1.16 11.26 -3.01
C THR A 51 -0.12 10.41 -2.94
N PHE A 52 -1.23 11.06 -2.59
CA PHE A 52 -2.53 10.38 -2.47
C PHE A 52 -3.19 10.06 -3.82
N SER A 53 -3.46 11.10 -4.58
CA SER A 53 -4.16 10.99 -5.87
C SER A 53 -3.62 9.91 -6.79
N LYS A 54 -2.45 10.16 -7.38
CA LYS A 54 -1.89 9.22 -8.34
C LYS A 54 -1.89 7.78 -7.82
N VAL A 55 -1.42 7.58 -6.61
CA VAL A 55 -1.37 6.25 -6.03
C VAL A 55 -2.74 5.55 -6.05
N LEU A 56 -3.72 6.16 -5.42
CA LEU A 56 -5.05 5.59 -5.31
C LEU A 56 -5.73 5.25 -6.64
N TRP A 57 -5.94 6.25 -7.50
CA TRP A 57 -6.67 6.01 -8.75
C TRP A 57 -5.89 5.23 -9.80
N SER A 58 -4.70 5.69 -10.07
CA SER A 58 -3.86 5.10 -11.10
C SER A 58 -3.42 3.70 -10.75
N ALA A 59 -2.94 3.54 -9.55
CA ALA A 59 -2.37 2.28 -9.12
C ALA A 59 -3.30 1.12 -8.91
N GLY A 60 -4.08 1.15 -7.85
CA GLY A 60 -4.86 -0.03 -7.53
C GLY A 60 -6.36 -0.01 -7.59
N LEU A 61 -6.99 1.08 -7.23
CA LEU A 61 -8.44 0.99 -7.09
C LEU A 61 -9.33 1.67 -8.11
N VAL A 62 -9.10 2.92 -8.50
CA VAL A 62 -10.11 3.53 -9.36
C VAL A 62 -9.64 4.64 -10.31
N ALA A 63 -10.59 5.01 -11.17
CA ALA A 63 -10.49 6.09 -12.15
C ALA A 63 -10.46 7.43 -11.42
N SER A 64 -10.47 7.33 -10.09
CA SER A 64 -10.61 8.42 -9.17
C SER A 64 -9.56 9.51 -9.29
N LYS A 65 -8.70 9.51 -10.31
CA LYS A 65 -7.79 10.66 -10.40
C LYS A 65 -8.67 11.87 -10.16
N SER A 66 -9.81 11.86 -10.85
CA SER A 66 -10.84 12.85 -10.66
C SER A 66 -11.57 12.62 -9.32
N GLU A 67 -12.12 11.39 -9.17
CA GLU A 67 -12.86 11.02 -7.96
C GLU A 67 -11.98 11.02 -6.72
N GLY A 68 -10.83 10.39 -6.85
CA GLY A 68 -9.88 10.32 -5.76
C GLY A 68 -9.52 11.67 -5.25
N GLN A 69 -9.09 12.56 -6.14
CA GLN A 69 -8.74 13.92 -5.76
C GLN A 69 -9.84 14.50 -4.87
N ARG A 70 -11.08 14.36 -5.31
CA ARG A 70 -12.23 14.85 -4.54
C ARG A 70 -12.15 14.33 -3.11
N ILE A 71 -11.91 13.03 -2.97
CA ILE A 71 -11.80 12.42 -1.65
C ILE A 71 -10.73 13.13 -0.83
N ILE A 72 -9.54 13.22 -1.41
CA ILE A 72 -8.43 13.92 -0.78
C ILE A 72 -8.93 15.28 -0.36
N ASN A 73 -9.62 15.93 -1.30
CA ASN A 73 -10.23 17.25 -1.09
C ASN A 73 -11.17 17.15 0.10
N ASN A 74 -11.99 16.11 0.05
CA ASN A 74 -12.92 15.78 1.11
C ASN A 74 -12.16 15.83 2.43
N ASN A 75 -10.94 15.33 2.39
CA ASN A 75 -10.08 15.26 3.57
C ASN A 75 -10.53 14.16 4.51
N GLY A 76 -10.92 13.04 3.91
CA GLY A 76 -11.33 11.88 4.68
C GLY A 76 -10.45 10.68 4.42
N ALA A 77 -9.14 10.92 4.25
CA ALA A 77 -8.18 9.86 3.97
C ALA A 77 -6.93 9.95 4.87
N TYR A 78 -6.20 8.84 4.90
CA TYR A 78 -4.97 8.68 5.67
C TYR A 78 -3.91 8.02 4.78
N VAL A 79 -2.62 8.26 5.05
CA VAL A 79 -1.57 7.64 4.25
C VAL A 79 -0.48 7.05 5.13
N GLY A 80 -0.08 5.83 4.77
CA GLY A 80 0.96 5.15 5.52
C GLY A 80 2.02 4.53 4.64
N SER A 81 3.22 4.45 5.17
CA SER A 81 4.34 3.85 4.45
C SER A 81 5.13 2.90 5.34
N ARG A 82 5.52 1.75 4.80
CA ARG A 82 6.31 0.79 5.57
C ARG A 82 7.05 -0.20 4.69
N PRO A 83 8.30 0.13 4.29
CA PRO A 83 9.12 -0.74 3.45
C PRO A 83 9.75 -1.88 4.24
N GLY A 84 10.27 -1.56 5.42
CA GLY A 84 10.91 -2.57 6.25
C GLY A 84 12.40 -2.67 6.01
N VAL A 85 13.09 -1.54 6.04
CA VAL A 85 14.52 -1.51 5.81
C VAL A 85 15.27 -1.04 7.05
N LYS A 86 14.77 0.03 7.64
CA LYS A 86 15.39 0.61 8.81
C LYS A 86 14.59 0.36 10.08
N LYS A 87 15.26 0.52 11.20
CA LYS A 87 14.64 0.32 12.51
C LYS A 87 14.41 1.66 13.20
N ASN A 88 14.17 2.70 12.40
CA ASN A 88 13.92 4.03 12.92
C ASN A 88 12.43 4.28 13.08
N GLU A 89 11.97 4.15 14.32
CA GLU A 89 10.55 4.35 14.64
C GLU A 89 10.04 5.67 14.07
N PRO A 90 8.74 5.96 14.24
CA PRO A 90 8.14 7.20 13.73
C PRO A 90 9.00 8.43 13.99
N GLY A 91 9.39 8.60 15.25
CA GLY A 91 10.23 9.73 15.61
C GLY A 91 9.73 11.05 15.06
N GLY A 92 8.44 11.13 14.77
CA GLY A 92 7.82 12.36 14.24
C GLY A 92 8.51 12.95 13.01
N GLY A 93 9.83 13.10 13.04
CA GLY A 93 10.59 13.68 11.94
C GLY A 93 10.31 13.07 10.56
N MET A 94 9.05 13.07 10.13
CA MET A 94 8.70 12.53 8.82
C MET A 94 9.25 11.12 8.61
N PRO A 95 8.97 10.21 9.55
CA PRO A 95 9.43 8.81 9.47
C PRO A 95 9.19 8.19 8.10
N ASP A 96 9.82 7.04 7.86
CA ASP A 96 9.68 6.32 6.61
C ASP A 96 9.20 4.91 6.90
N ASP A 97 9.48 4.43 8.11
CA ASP A 97 9.07 3.10 8.50
C ASP A 97 7.55 3.04 8.56
N LEU A 98 6.97 4.06 9.19
CA LEU A 98 5.52 4.18 9.30
C LEU A 98 5.09 5.57 8.90
N THR A 99 3.96 5.69 8.22
CA THR A 99 3.48 7.00 7.82
C THR A 99 2.00 7.18 8.15
N PHE A 100 1.66 8.41 8.46
CA PHE A 100 0.31 8.81 8.79
C PHE A 100 -0.02 10.06 7.98
N THR A 101 -1.23 10.17 7.44
CA THR A 101 -1.56 11.35 6.65
C THR A 101 -2.87 12.01 7.04
N PRO A 102 -2.88 13.36 7.00
CA PRO A 102 -4.06 14.15 7.30
C PRO A 102 -4.89 14.34 6.02
N ILE A 103 -4.41 13.75 4.93
CA ILE A 103 -5.09 13.81 3.64
C ILE A 103 -5.21 15.23 3.08
N LYS A 104 -4.22 16.06 3.33
CA LYS A 104 -4.25 17.43 2.84
C LYS A 104 -3.32 17.46 1.66
N THR A 105 -3.68 18.19 0.62
CA THR A 105 -2.91 18.12 -0.60
C THR A 105 -1.43 18.45 -0.46
N TRP A 106 -0.64 17.41 -0.74
CA TRP A 106 0.81 17.47 -0.79
C TRP A 106 1.21 16.62 -1.99
N ASN A 107 1.75 17.19 -3.06
CA ASN A 107 2.05 16.36 -4.22
C ASN A 107 3.40 15.65 -4.12
N ALA A 108 4.47 16.38 -4.36
CA ALA A 108 5.81 15.82 -4.32
C ALA A 108 6.39 15.54 -2.93
N SER A 109 6.32 16.53 -2.06
CA SER A 109 6.88 16.40 -0.71
C SER A 109 6.44 15.12 0.01
N LYS A 110 5.14 14.91 0.10
CA LYS A 110 4.62 13.75 0.80
C LYS A 110 4.88 12.46 0.03
N THR A 111 4.59 12.47 -1.26
CA THR A 111 4.77 11.27 -2.09
C THR A 111 6.17 10.67 -1.89
N GLN A 112 7.18 11.35 -2.40
CA GLN A 112 8.55 10.88 -2.28
C GLN A 112 8.89 10.50 -0.84
N GLU A 113 8.52 11.36 0.10
CA GLU A 113 8.81 11.14 1.51
C GLU A 113 8.42 9.74 1.98
N PHE A 114 7.14 9.43 1.89
CA PHE A 114 6.64 8.14 2.35
C PHE A 114 6.50 7.11 1.23
N ILE A 115 6.02 7.56 0.09
CA ILE A 115 5.82 6.71 -1.08
C ILE A 115 7.08 6.10 -1.62
N ILE A 116 8.17 6.26 -0.90
CA ILE A 116 9.41 5.66 -1.37
C ILE A 116 9.09 4.21 -1.54
N ASP A 117 8.32 3.70 -0.59
CA ASP A 117 7.79 2.35 -0.67
C ASP A 117 8.74 1.39 -1.34
N GLY A 118 9.93 1.19 -0.81
CA GLY A 118 10.80 0.25 -1.48
C GLY A 118 10.03 -1.03 -1.69
N ASP A 119 9.35 -1.47 -0.64
CA ASP A 119 8.50 -2.63 -0.73
C ASP A 119 7.03 -2.34 -0.38
N LEU A 120 6.73 -1.19 0.26
CA LEU A 120 5.35 -0.94 0.66
C LEU A 120 4.83 0.47 0.49
N LEU A 121 3.62 0.54 -0.01
CA LEU A 121 2.88 1.77 -0.13
C LEU A 121 1.47 1.47 0.37
N ILE A 122 0.89 2.29 1.21
CA ILE A 122 -0.49 2.04 1.67
C ILE A 122 -1.32 3.31 1.63
N LEU A 123 -2.55 3.16 1.17
CA LEU A 123 -3.47 4.27 1.12
C LEU A 123 -4.79 3.81 1.70
N LYS A 124 -5.39 4.63 2.54
CA LYS A 124 -6.67 4.27 3.10
C LYS A 124 -7.64 5.42 2.98
N LEU A 125 -8.87 5.12 2.58
CA LEU A 125 -9.89 6.13 2.49
C LEU A 125 -11.09 5.66 3.28
N GLY A 126 -11.61 6.54 4.12
CA GLY A 126 -12.74 6.20 4.94
C GLY A 126 -14.06 6.51 4.31
N LYS A 127 -14.03 7.09 3.12
CA LYS A 127 -15.28 7.39 2.46
C LYS A 127 -15.90 6.11 1.96
N TRP A 128 -15.11 5.28 1.28
CA TRP A 128 -15.62 4.01 0.80
C TRP A 128 -14.65 2.84 0.95
N LYS A 129 -13.42 3.00 0.44
CA LYS A 129 -12.48 1.90 0.43
C LYS A 129 -11.05 2.28 0.78
N MET A 130 -10.29 1.25 1.06
CA MET A 130 -8.88 1.36 1.29
C MET A 130 -8.18 0.55 0.21
N LYS A 131 -7.17 1.15 -0.36
CA LYS A 131 -6.41 0.51 -1.39
C LYS A 131 -4.96 0.61 -0.98
N LEU A 132 -4.26 -0.47 -1.08
CA LEU A 132 -2.86 -0.51 -0.72
C LEU A 132 -2.09 -1.05 -1.90
N VAL A 133 -0.98 -0.43 -2.19
CA VAL A 133 -0.18 -0.81 -3.33
C VAL A 133 1.28 -0.98 -2.97
N SER A 134 1.92 -1.95 -3.62
CA SER A 134 3.34 -2.17 -3.43
C SER A 134 4.05 -1.69 -4.69
N ILE A 135 5.15 -0.97 -4.53
CA ILE A 135 5.86 -0.45 -5.68
C ILE A 135 7.35 -0.68 -5.62
N VAL A 136 7.90 -1.06 -6.76
CA VAL A 136 9.33 -1.30 -6.89
C VAL A 136 9.86 -0.63 -8.14
N SER A 137 11.02 0.00 -8.02
CA SER A 137 11.64 0.69 -9.14
C SER A 137 12.23 -0.31 -10.13
N ASP A 138 11.91 -0.13 -11.41
CA ASP A 138 12.41 -1.01 -12.44
C ASP A 138 13.92 -1.18 -12.32
N GLU A 139 14.61 -0.05 -12.20
CA GLU A 139 16.07 -0.04 -12.06
C GLU A 139 16.53 -0.99 -10.96
N LYS A 140 15.90 -0.86 -9.79
CA LYS A 140 16.24 -1.72 -8.65
C LYS A 140 16.19 -3.18 -9.09
N PHE A 141 15.08 -3.52 -9.76
CA PHE A 141 14.89 -4.86 -10.28
C PHE A 141 16.11 -5.29 -11.08
N LYS A 142 16.57 -4.43 -11.97
CA LYS A 142 17.75 -4.74 -12.76
C LYS A 142 18.88 -5.22 -11.87
N GLU A 143 19.11 -4.49 -10.78
CA GLU A 143 20.17 -4.82 -9.83
C GLU A 143 20.06 -6.27 -9.32
N LEU A 144 18.93 -6.62 -8.70
CA LEU A 144 18.76 -7.98 -8.14
C LEU A 144 18.86 -9.06 -9.22
N GLY A 145 18.00 -8.96 -10.21
CA GLY A 145 17.94 -9.89 -11.32
C GLY A 145 18.97 -9.59 -12.39
N LEU A 146 19.94 -8.72 -12.08
CA LEU A 146 20.93 -8.28 -13.06
C LEU A 146 21.56 -9.43 -13.86
N THR A 147 21.34 -10.67 -13.44
CA THR A 147 21.88 -11.79 -14.18
C THR A 147 20.89 -12.93 -14.24
N ALA A 148 19.79 -12.66 -14.91
CA ALA A 148 18.73 -13.61 -15.11
C ALA A 148 18.32 -13.63 -16.58
N PRO A 149 17.35 -14.46 -16.96
CA PRO A 149 16.87 -14.52 -18.34
C PRO A 149 15.92 -13.35 -18.65
N GLY A 150 15.57 -12.60 -17.61
CA GLY A 150 14.66 -11.49 -17.75
C GLY A 150 15.27 -10.29 -18.48
N TRP A 151 16.45 -9.86 -18.05
CA TRP A 151 17.10 -8.72 -18.67
C TRP A 151 17.62 -9.05 -20.06
N ASP A 152 18.28 -10.19 -20.17
CA ASP A 152 18.83 -10.62 -21.44
C ASP A 152 17.78 -10.54 -22.53
N GLU A 153 16.67 -11.21 -22.28
CA GLU A 153 15.56 -11.24 -23.22
C GLU A 153 14.98 -9.85 -23.49
N VAL A 154 14.43 -9.23 -22.46
CA VAL A 154 13.80 -7.91 -22.57
C VAL A 154 14.68 -6.87 -23.26
N VAL A 155 15.71 -6.44 -22.55
CA VAL A 155 16.63 -5.41 -23.02
C VAL A 155 17.51 -5.85 -24.19
N GLY A 156 18.29 -6.90 -23.98
CA GLY A 156 19.18 -7.39 -25.01
C GLY A 156 18.46 -7.78 -26.29
N LYS A 157 17.60 -8.78 -26.19
CA LYS A 157 16.84 -9.25 -27.34
C LYS A 157 15.81 -8.20 -27.77
N GLY A 158 14.91 -7.85 -26.85
CA GLY A 158 13.89 -6.87 -27.16
C GLY A 158 13.03 -7.26 -28.34
N LYS A 159 12.89 -8.56 -28.55
CA LYS A 159 12.09 -9.08 -29.66
C LYS A 159 11.04 -10.06 -29.16
N GLU A 160 10.45 -9.76 -28.01
CA GLU A 160 9.42 -10.63 -27.43
C GLU A 160 8.03 -10.11 -27.75
N GLU A 161 7.04 -11.00 -27.69
CA GLU A 161 5.66 -10.63 -27.97
C GLU A 161 5.18 -9.55 -27.01
N PRO A 162 5.16 -9.85 -25.70
CA PRO A 162 4.73 -8.91 -24.67
C PRO A 162 5.73 -7.78 -24.46
N SER A 163 5.48 -6.64 -25.12
CA SER A 163 6.38 -5.49 -25.01
C SER A 163 6.31 -4.89 -23.60
N PRO A 164 7.41 -4.30 -23.13
CA PRO A 164 7.47 -3.69 -21.79
C PRO A 164 6.64 -2.41 -21.70
N MET A 1 -44.85 -30.56 5.43
CA MET A 1 -45.86 -29.58 4.93
C MET A 1 -47.22 -30.24 4.72
N PRO A 2 -47.27 -31.36 3.96
CA PRO A 2 -48.53 -32.07 3.69
C PRO A 2 -49.31 -32.37 4.97
N ARG A 3 -50.58 -32.72 4.80
CA ARG A 3 -51.44 -33.02 5.94
C ARG A 3 -51.23 -34.46 6.42
N THR A 4 -50.80 -35.32 5.51
CA THR A 4 -50.55 -36.72 5.83
C THR A 4 -49.10 -37.10 5.61
N ALA A 5 -48.20 -36.15 5.88
CA ALA A 5 -46.77 -36.38 5.70
C ALA A 5 -46.17 -37.09 6.92
N SER A 6 -45.41 -38.15 6.66
CA SER A 6 -44.78 -38.91 7.73
C SER A 6 -43.55 -38.17 8.27
N PRO A 7 -42.93 -38.71 9.34
CA PRO A 7 -41.75 -38.08 9.95
C PRO A 7 -40.66 -37.81 8.93
N GLY A 8 -40.01 -36.65 9.06
CA GLY A 8 -38.95 -36.28 8.14
C GLY A 8 -39.12 -34.88 7.58
N ASN A 9 -39.48 -33.95 8.45
CA ASN A 9 -39.68 -32.56 8.05
C ASN A 9 -38.58 -31.67 8.61
N PRO A 10 -38.32 -30.53 7.94
CA PRO A 10 -37.28 -29.58 8.37
C PRO A 10 -37.67 -28.85 9.65
N LYS A 11 -36.66 -28.41 10.41
CA LYS A 11 -36.89 -27.68 11.66
C LYS A 11 -37.71 -26.42 11.41
N SER A 12 -38.45 -26.00 12.42
CA SER A 12 -39.27 -24.80 12.32
C SER A 12 -38.56 -23.58 12.90
N SER A 13 -37.23 -23.65 12.98
CA SER A 13 -36.43 -22.57 13.52
C SER A 13 -36.44 -21.36 12.57
N LEU A 14 -36.76 -21.61 11.31
CA LEU A 14 -36.80 -20.55 10.31
C LEU A 14 -38.00 -19.64 10.54
N SER A 15 -37.91 -18.80 11.56
CA SER A 15 -39.00 -17.86 11.88
C SER A 15 -38.48 -16.43 11.93
N GLY A 16 -37.65 -16.08 10.95
CA GLY A 16 -37.10 -14.73 10.90
C GLY A 16 -35.59 -14.74 10.75
N PHE A 17 -34.94 -15.70 11.40
CA PHE A 17 -33.48 -15.81 11.33
C PHE A 17 -33.09 -17.13 10.68
N VAL A 18 -32.40 -17.04 9.54
CA VAL A 18 -31.95 -18.23 8.83
C VAL A 18 -30.44 -18.34 8.85
N ASN A 19 -29.94 -19.31 9.61
CA ASN A 19 -28.51 -19.53 9.73
C ASN A 19 -28.11 -20.86 9.07
N PRO A 20 -27.74 -20.83 7.78
CA PRO A 20 -27.34 -22.02 7.04
C PRO A 20 -26.02 -22.60 7.55
N GLN A 21 -25.60 -23.71 6.95
CA GLN A 21 -24.35 -24.36 7.34
C GLN A 21 -23.21 -23.97 6.40
N SER A 22 -23.23 -22.72 5.96
CA SER A 22 -22.20 -22.22 5.06
C SER A 22 -20.81 -22.32 5.69
N GLY A 23 -20.77 -22.21 7.01
CA GLY A 23 -19.50 -22.29 7.72
C GLY A 23 -19.19 -21.02 8.49
N ASN A 24 -19.67 -19.88 7.99
CA ASN A 24 -19.44 -18.60 8.64
C ASN A 24 -17.95 -18.39 8.94
N PRO A 25 -17.09 -18.53 7.92
CA PRO A 25 -15.64 -18.35 8.07
C PRO A 25 -15.21 -16.90 7.97
N HIS A 26 -16.05 -15.98 8.45
CA HIS A 26 -15.74 -14.56 8.42
C HIS A 26 -15.32 -14.05 9.79
N ALA A 27 -14.04 -14.20 10.11
CA ALA A 27 -13.52 -13.75 11.39
C ALA A 27 -12.47 -12.65 11.21
N PRO A 28 -12.35 -11.74 12.19
CA PRO A 28 -11.39 -10.64 12.14
C PRO A 28 -10.00 -11.03 12.63
N GLN A 29 -9.57 -12.24 12.28
CA GLN A 29 -8.26 -12.73 12.69
C GLN A 29 -7.17 -11.72 12.32
N THR A 30 -7.31 -11.13 11.15
CA THR A 30 -6.35 -10.14 10.66
C THR A 30 -7.07 -8.94 10.05
N ASN A 31 -6.31 -7.91 9.73
CA ASN A 31 -6.88 -6.71 9.14
C ASN A 31 -6.55 -6.66 7.65
N PHE A 32 -5.53 -7.41 7.25
CA PHE A 32 -5.11 -7.48 5.86
C PHE A 32 -6.28 -7.74 4.92
N ALA A 33 -7.11 -8.70 5.27
CA ALA A 33 -8.25 -9.09 4.45
C ALA A 33 -9.39 -8.05 4.46
N ASN A 34 -9.78 -7.58 5.64
CA ASN A 34 -10.90 -6.64 5.75
C ASN A 34 -10.64 -5.23 5.21
N MET A 35 -9.86 -4.43 5.94
CA MET A 35 -9.60 -3.04 5.51
C MET A 35 -9.06 -2.98 4.08
N PRO A 36 -8.00 -3.76 3.78
CA PRO A 36 -7.37 -3.82 2.46
C PRO A 36 -8.20 -4.58 1.43
N SER A 37 -9.51 -4.35 1.44
CA SER A 37 -10.42 -5.04 0.52
C SER A 37 -9.83 -5.22 -0.87
N ALA A 38 -9.06 -4.24 -1.32
CA ALA A 38 -8.43 -4.32 -2.64
C ALA A 38 -6.95 -3.95 -2.60
N ARG A 39 -6.14 -4.75 -3.29
CA ARG A 39 -4.70 -4.50 -3.37
C ARG A 39 -4.19 -4.66 -4.80
N VAL A 40 -3.38 -3.71 -5.24
CA VAL A 40 -2.80 -3.75 -6.56
C VAL A 40 -1.31 -3.38 -6.53
N THR A 41 -0.58 -3.69 -7.60
CA THR A 41 0.84 -3.31 -7.67
C THR A 41 1.12 -2.51 -8.94
N LEU A 42 1.84 -1.41 -8.78
CA LEU A 42 2.20 -0.54 -9.90
C LEU A 42 3.66 -0.12 -9.80
N PRO A 43 4.25 0.40 -10.90
CA PRO A 43 5.64 0.86 -10.89
C PRO A 43 5.89 1.87 -9.77
N LYS A 44 6.80 1.55 -8.86
CA LYS A 44 7.13 2.42 -7.72
C LYS A 44 7.70 3.76 -8.18
N SER A 45 8.39 3.76 -9.31
CA SER A 45 9.02 4.97 -9.83
C SER A 45 8.03 6.11 -10.07
N LEU A 46 6.91 5.82 -10.71
CA LEU A 46 5.91 6.83 -11.02
C LEU A 46 5.13 7.26 -9.77
N VAL A 47 5.34 6.58 -8.65
CA VAL A 47 4.65 6.91 -7.42
C VAL A 47 5.21 8.17 -6.78
N TYR A 48 6.47 8.44 -7.10
CA TYR A 48 7.21 9.58 -6.57
C TYR A 48 6.52 10.94 -6.78
N ASP A 49 5.73 11.08 -7.84
CA ASP A 49 5.13 12.39 -8.14
C ASP A 49 3.95 12.81 -7.25
N LYS A 50 2.94 11.94 -7.06
CA LYS A 50 1.80 12.28 -6.23
C LYS A 50 1.67 11.32 -5.06
N THR A 51 1.42 11.87 -3.88
CA THR A 51 1.28 11.05 -2.69
C THR A 51 -0.04 10.27 -2.66
N PHE A 52 -1.14 10.97 -2.33
CA PHE A 52 -2.46 10.34 -2.25
C PHE A 52 -3.10 10.04 -3.60
N SER A 53 -3.31 11.09 -4.39
CA SER A 53 -3.99 10.98 -5.68
C SER A 53 -3.46 9.88 -6.58
N LYS A 54 -2.28 10.07 -7.15
CA LYS A 54 -1.72 9.10 -8.08
C LYS A 54 -1.78 7.68 -7.53
N VAL A 55 -1.35 7.50 -6.30
CA VAL A 55 -1.34 6.18 -5.69
C VAL A 55 -2.71 5.50 -5.78
N LEU A 56 -3.71 6.12 -5.20
CA LEU A 56 -5.05 5.56 -5.16
C LEU A 56 -5.70 5.26 -6.52
N TRP A 57 -5.89 6.26 -7.36
CA TRP A 57 -6.57 6.04 -8.63
C TRP A 57 -5.75 5.29 -9.67
N SER A 58 -4.56 5.77 -9.90
CA SER A 58 -3.68 5.19 -10.90
C SER A 58 -3.25 3.78 -10.57
N ALA A 59 -2.83 3.59 -9.35
CA ALA A 59 -2.28 2.32 -8.94
C ALA A 59 -3.24 1.16 -8.79
N GLY A 60 -4.05 1.17 -7.74
CA GLY A 60 -4.86 0.00 -7.48
C GLY A 60 -6.36 0.04 -7.59
N LEU A 61 -6.99 1.14 -7.23
CA LEU A 61 -8.44 1.10 -7.15
C LEU A 61 -9.27 1.80 -8.20
N VAL A 62 -8.99 3.04 -8.58
CA VAL A 62 -9.94 3.66 -9.48
C VAL A 62 -9.43 4.78 -10.41
N ALA A 63 -10.34 5.19 -11.29
CA ALA A 63 -10.19 6.27 -12.27
C ALA A 63 -10.09 7.61 -11.55
N SER A 64 -10.09 7.52 -10.22
CA SER A 64 -10.17 8.63 -9.31
C SER A 64 -9.09 9.69 -9.46
N LYS A 65 -8.25 9.67 -10.49
CA LYS A 65 -7.32 10.79 -10.59
C LYS A 65 -8.17 12.03 -10.34
N SER A 66 -9.32 12.05 -11.03
CA SER A 66 -10.33 13.07 -10.82
C SER A 66 -11.09 12.81 -9.49
N GLU A 67 -11.71 11.61 -9.42
CA GLU A 67 -12.48 11.22 -8.25
C GLU A 67 -11.64 11.20 -6.98
N GLY A 68 -10.48 10.59 -7.07
CA GLY A 68 -9.56 10.50 -5.96
C GLY A 68 -9.35 11.84 -5.33
N GLN A 69 -8.93 12.81 -6.12
CA GLN A 69 -8.71 14.16 -5.63
C GLN A 69 -9.91 14.59 -4.79
N ARG A 70 -11.12 14.38 -5.32
CA ARG A 70 -12.35 14.74 -4.60
C ARG A 70 -12.32 14.14 -3.19
N ILE A 71 -12.01 12.86 -3.09
CA ILE A 71 -11.94 12.17 -1.80
C ILE A 71 -10.94 12.90 -0.89
N ILE A 72 -9.73 13.06 -1.39
CA ILE A 72 -8.70 13.77 -0.67
C ILE A 72 -9.28 15.10 -0.23
N ASN A 73 -9.94 15.75 -1.18
CA ASN A 73 -10.62 17.02 -0.96
C ASN A 73 -11.60 16.85 0.17
N ASN A 74 -12.36 15.77 0.07
CA ASN A 74 -13.32 15.40 1.09
C ASN A 74 -12.62 15.47 2.44
N ASN A 75 -11.37 15.02 2.44
CA ASN A 75 -10.55 15.00 3.64
C ASN A 75 -10.99 13.89 4.59
N GLY A 76 -11.32 12.74 4.01
CA GLY A 76 -11.73 11.60 4.80
C GLY A 76 -10.82 10.40 4.62
N ALA A 77 -9.53 10.65 4.39
CA ALA A 77 -8.55 9.58 4.17
C ALA A 77 -7.26 9.78 4.99
N TYR A 78 -6.48 8.72 5.11
CA TYR A 78 -5.20 8.74 5.80
C TYR A 78 -4.16 8.03 4.93
N VAL A 79 -2.87 8.35 5.12
CA VAL A 79 -1.83 7.68 4.31
C VAL A 79 -0.72 7.12 5.17
N GLY A 80 -0.32 5.89 4.82
CA GLY A 80 0.72 5.21 5.55
C GLY A 80 1.78 4.60 4.66
N SER A 81 3.01 4.58 5.16
CA SER A 81 4.15 4.02 4.42
C SER A 81 5.00 3.12 5.32
N ARG A 82 5.42 1.97 4.81
CA ARG A 82 6.27 1.08 5.58
C ARG A 82 7.01 0.09 4.70
N PRO A 83 8.23 0.44 4.25
CA PRO A 83 9.04 -0.44 3.40
C PRO A 83 9.71 -1.55 4.20
N GLY A 84 10.06 -1.24 5.45
CA GLY A 84 10.71 -2.23 6.30
C GLY A 84 12.15 -2.49 5.89
N VAL A 85 12.95 -1.43 5.81
CA VAL A 85 14.35 -1.55 5.43
C VAL A 85 15.27 -1.13 6.56
N LYS A 86 14.95 0.00 7.16
CA LYS A 86 15.77 0.53 8.23
C LYS A 86 15.10 0.38 9.60
N LYS A 87 15.92 0.29 10.63
CA LYS A 87 15.43 0.15 11.99
C LYS A 87 15.43 1.50 12.70
N ASN A 88 15.23 2.57 11.94
CA ASN A 88 15.20 3.92 12.47
C ASN A 88 13.78 4.28 12.91
N GLU A 89 13.55 4.19 14.21
CA GLU A 89 12.24 4.50 14.78
C GLU A 89 11.72 5.83 14.25
N PRO A 90 10.39 6.02 14.23
CA PRO A 90 9.77 7.26 13.74
C PRO A 90 10.36 8.51 14.37
N GLY A 91 10.42 8.54 15.69
CA GLY A 91 10.97 9.70 16.39
C GLY A 91 10.57 11.02 15.76
N GLY A 92 9.31 11.13 15.35
CA GLY A 92 8.79 12.34 14.72
C GLY A 92 9.59 12.85 13.51
N GLY A 93 10.90 12.61 13.49
CA GLY A 93 11.76 13.04 12.38
C GLY A 93 11.28 12.63 10.99
N MET A 94 10.06 12.99 10.60
CA MET A 94 9.56 12.61 9.28
C MET A 94 9.72 11.12 9.03
N PRO A 95 9.16 10.28 9.93
CA PRO A 95 9.26 8.82 9.83
C PRO A 95 8.96 8.29 8.43
N ASP A 96 9.55 7.14 8.13
CA ASP A 96 9.36 6.47 6.86
C ASP A 96 8.86 5.06 7.10
N ASP A 97 9.23 4.51 8.26
CA ASP A 97 8.82 3.17 8.64
C ASP A 97 7.31 3.08 8.65
N LEU A 98 6.69 4.07 9.30
CA LEU A 98 5.25 4.15 9.37
C LEU A 98 4.81 5.56 9.00
N THR A 99 3.71 5.69 8.30
CA THR A 99 3.24 7.01 7.92
C THR A 99 1.76 7.20 8.19
N PHE A 100 1.41 8.43 8.51
CA PHE A 100 0.05 8.83 8.76
C PHE A 100 -0.18 10.13 8.00
N THR A 101 -1.28 10.27 7.34
CA THR A 101 -1.54 11.49 6.61
C THR A 101 -2.96 11.98 6.89
N PRO A 102 -3.12 13.30 7.07
CA PRO A 102 -4.43 13.87 7.32
C PRO A 102 -5.20 14.11 6.02
N ILE A 103 -4.78 13.43 4.96
CA ILE A 103 -5.44 13.50 3.66
C ILE A 103 -5.44 14.87 3.00
N LYS A 104 -4.40 15.66 3.20
CA LYS A 104 -4.35 16.98 2.59
C LYS A 104 -3.40 16.89 1.41
N THR A 105 -3.90 17.29 0.26
CA THR A 105 -3.16 17.11 -0.98
C THR A 105 -1.78 17.75 -1.03
N TRP A 106 -0.80 16.86 -1.19
CA TRP A 106 0.60 17.19 -1.37
C TRP A 106 1.11 16.25 -2.46
N ASN A 107 1.80 16.75 -3.48
CA ASN A 107 2.22 15.84 -4.53
C ASN A 107 3.61 15.23 -4.31
N ALA A 108 4.65 16.00 -4.55
CA ALA A 108 6.03 15.52 -4.43
C ALA A 108 6.56 15.35 -2.99
N SER A 109 6.54 16.42 -2.22
CA SER A 109 7.09 16.39 -0.87
C SER A 109 6.62 15.20 -0.04
N LYS A 110 5.31 15.02 0.03
CA LYS A 110 4.75 13.93 0.82
C LYS A 110 5.01 12.56 0.19
N THR A 111 4.75 12.44 -1.09
CA THR A 111 4.94 11.18 -1.79
C THR A 111 6.32 10.60 -1.51
N GLN A 112 7.35 11.23 -2.03
CA GLN A 112 8.70 10.78 -1.82
C GLN A 112 9.00 10.51 -0.35
N GLU A 113 8.62 11.44 0.51
CA GLU A 113 8.89 11.29 1.94
C GLU A 113 8.46 9.92 2.46
N PHE A 114 7.16 9.65 2.44
CA PHE A 114 6.61 8.40 2.92
C PHE A 114 6.38 7.41 1.80
N ILE A 115 5.67 7.89 0.79
CA ILE A 115 5.32 7.11 -0.38
C ILE A 115 6.51 6.54 -1.11
N ILE A 116 7.69 6.63 -0.50
CA ILE A 116 8.86 6.08 -1.13
C ILE A 116 8.48 4.64 -1.41
N ASP A 117 7.76 4.08 -0.44
CA ASP A 117 7.19 2.77 -0.58
C ASP A 117 8.09 1.86 -1.36
N GLY A 118 9.36 1.81 -0.98
CA GLY A 118 10.25 0.97 -1.71
C GLY A 118 9.65 -0.41 -1.82
N ASP A 119 9.10 -0.90 -0.72
CA ASP A 119 8.41 -2.17 -0.73
C ASP A 119 6.92 -2.02 -0.37
N LEU A 120 6.52 -0.91 0.29
CA LEU A 120 5.11 -0.78 0.65
C LEU A 120 4.55 0.61 0.49
N LEU A 121 3.35 0.65 -0.04
CA LEU A 121 2.60 1.88 -0.16
C LEU A 121 1.20 1.55 0.32
N ILE A 122 0.63 2.37 1.18
CA ILE A 122 -0.73 2.11 1.65
C ILE A 122 -1.58 3.36 1.64
N LEU A 123 -2.80 3.22 1.18
CA LEU A 123 -3.73 4.31 1.17
C LEU A 123 -5.05 3.84 1.73
N LYS A 124 -5.65 4.64 2.58
CA LYS A 124 -6.95 4.25 3.10
C LYS A 124 -7.91 5.41 2.99
N LEU A 125 -9.13 5.11 2.54
CA LEU A 125 -10.14 6.13 2.43
C LEU A 125 -11.36 5.68 3.21
N GLY A 126 -11.87 6.59 4.04
CA GLY A 126 -13.01 6.27 4.87
C GLY A 126 -14.32 6.56 4.20
N LYS A 127 -14.28 7.10 2.99
CA LYS A 127 -15.52 7.38 2.31
C LYS A 127 -16.14 6.07 1.86
N TRP A 128 -15.35 5.21 1.23
CA TRP A 128 -15.85 3.91 0.83
C TRP A 128 -14.88 2.76 1.02
N LYS A 129 -13.66 2.90 0.50
CA LYS A 129 -12.71 1.80 0.55
C LYS A 129 -11.27 2.21 0.83
N MET A 130 -10.49 1.21 1.18
CA MET A 130 -9.08 1.35 1.37
C MET A 130 -8.40 0.54 0.28
N LYS A 131 -7.41 1.13 -0.33
CA LYS A 131 -6.64 0.47 -1.35
C LYS A 131 -5.20 0.43 -0.90
N LEU A 132 -4.60 -0.71 -1.03
CA LEU A 132 -3.22 -0.90 -0.64
C LEU A 132 -2.45 -1.29 -1.87
N VAL A 133 -1.29 -0.70 -2.04
CA VAL A 133 -0.48 -0.98 -3.21
C VAL A 133 0.97 -1.25 -2.87
N SER A 134 1.53 -2.25 -3.51
CA SER A 134 2.93 -2.59 -3.32
C SER A 134 3.67 -2.21 -4.60
N ILE A 135 4.81 -1.56 -4.47
CA ILE A 135 5.55 -1.15 -5.66
C ILE A 135 7.03 -1.44 -5.58
N VAL A 136 7.60 -1.62 -6.77
CA VAL A 136 9.02 -1.89 -6.90
C VAL A 136 9.68 -0.85 -7.80
N SER A 137 10.88 -0.42 -7.40
CA SER A 137 11.62 0.59 -8.16
C SER A 137 12.07 0.03 -9.50
N ASP A 138 12.06 0.88 -10.52
CA ASP A 138 12.48 0.49 -11.86
C ASP A 138 13.86 -0.16 -11.83
N GLU A 139 14.80 0.54 -11.22
CA GLU A 139 16.19 0.06 -11.12
C GLU A 139 16.23 -1.38 -10.58
N LYS A 140 15.54 -1.61 -9.46
CA LYS A 140 15.49 -2.95 -8.87
C LYS A 140 15.11 -3.95 -9.95
N PHE A 141 14.06 -3.61 -10.68
CA PHE A 141 13.58 -4.43 -11.77
C PHE A 141 14.75 -4.79 -12.68
N LYS A 142 15.54 -3.81 -13.06
CA LYS A 142 16.70 -4.06 -13.92
C LYS A 142 17.51 -5.21 -13.35
N GLU A 143 17.78 -5.16 -12.05
CA GLU A 143 18.54 -6.19 -11.37
C GLU A 143 18.01 -7.60 -11.66
N LEU A 144 16.74 -7.86 -11.29
CA LEU A 144 16.15 -9.19 -11.50
C LEU A 144 16.05 -9.56 -13.00
N GLY A 145 15.28 -8.77 -13.72
CA GLY A 145 15.06 -8.95 -15.14
C GLY A 145 16.24 -8.50 -16.00
N LEU A 146 17.39 -8.27 -15.38
CA LEU A 146 18.56 -7.74 -16.10
C LEU A 146 18.84 -8.48 -17.40
N THR A 147 18.24 -9.65 -17.59
CA THR A 147 18.42 -10.36 -18.86
C THR A 147 17.07 -10.82 -19.41
N ALA A 148 16.25 -9.85 -19.80
CA ALA A 148 14.94 -10.12 -20.37
C ALA A 148 14.75 -9.32 -21.65
N PRO A 149 13.73 -9.66 -22.45
CA PRO A 149 13.43 -8.93 -23.68
C PRO A 149 12.92 -7.52 -23.40
N GLY A 150 12.58 -7.27 -22.13
CA GLY A 150 12.10 -5.97 -21.72
C GLY A 150 13.16 -4.90 -21.76
N TRP A 151 14.32 -5.18 -21.17
CA TRP A 151 15.42 -4.22 -21.14
C TRP A 151 15.92 -3.91 -22.53
N ASP A 152 16.12 -4.95 -23.32
CA ASP A 152 16.64 -4.80 -24.67
C ASP A 152 15.84 -3.76 -25.45
N GLU A 153 14.55 -4.00 -25.61
CA GLU A 153 13.69 -3.08 -26.34
C GLU A 153 13.63 -1.69 -25.71
N VAL A 154 13.20 -1.62 -24.45
CA VAL A 154 13.08 -0.35 -23.74
C VAL A 154 14.33 0.52 -23.80
N VAL A 155 15.35 0.11 -23.09
CA VAL A 155 16.61 0.84 -23.00
C VAL A 155 17.42 0.79 -24.29
N GLY A 156 17.79 -0.40 -24.72
CA GLY A 156 18.59 -0.57 -25.92
C GLY A 156 17.98 0.08 -27.14
N LYS A 157 16.82 -0.41 -27.57
CA LYS A 157 16.13 0.14 -28.74
C LYS A 157 15.58 1.52 -28.44
N GLY A 158 14.64 1.59 -27.50
CA GLY A 158 14.04 2.86 -27.15
C GLY A 158 12.97 3.30 -28.13
N LYS A 159 11.97 2.45 -28.32
CA LYS A 159 10.87 2.76 -29.24
C LYS A 159 9.68 3.34 -28.50
N GLU A 160 9.96 4.16 -27.48
CA GLU A 160 8.92 4.79 -26.70
C GLU A 160 9.00 6.31 -26.78
N GLU A 161 8.18 6.99 -25.99
CA GLU A 161 8.16 8.44 -25.97
C GLU A 161 9.45 8.99 -25.37
N PRO A 162 9.73 8.66 -24.09
CA PRO A 162 10.93 9.13 -23.39
C PRO A 162 12.19 8.44 -23.90
N SER A 163 13.05 9.20 -24.58
CA SER A 163 14.29 8.66 -25.11
C SER A 163 15.47 9.54 -24.72
N PRO A 164 16.67 8.94 -24.56
CA PRO A 164 17.88 9.68 -24.20
C PRO A 164 18.38 10.57 -25.32
N MET A 1 2.53 -18.85 23.04
CA MET A 1 3.91 -19.15 22.57
C MET A 1 3.89 -19.89 21.23
N PRO A 2 5.02 -19.86 20.50
CA PRO A 2 5.14 -20.52 19.20
C PRO A 2 5.12 -22.05 19.32
N ARG A 3 5.56 -22.55 20.47
CA ARG A 3 5.61 -23.99 20.72
C ARG A 3 4.22 -24.61 20.54
N THR A 4 3.18 -23.81 20.76
CA THR A 4 1.81 -24.29 20.62
C THR A 4 1.25 -23.94 19.24
N ALA A 5 2.08 -24.07 18.21
CA ALA A 5 1.67 -23.76 16.85
C ALA A 5 1.13 -25.00 16.15
N SER A 6 -0.14 -24.94 15.75
CA SER A 6 -0.77 -26.05 15.06
C SER A 6 -0.06 -26.37 13.75
N PRO A 7 0.62 -27.54 13.67
CA PRO A 7 1.35 -27.94 12.47
C PRO A 7 0.49 -27.85 11.21
N GLY A 8 1.13 -27.80 10.05
CA GLY A 8 0.42 -27.72 8.79
C GLY A 8 0.52 -26.35 8.16
N ASN A 9 1.74 -25.84 8.03
CA ASN A 9 1.97 -24.53 7.44
C ASN A 9 2.50 -24.67 6.02
N PRO A 10 1.61 -24.68 5.02
CA PRO A 10 1.99 -24.81 3.61
C PRO A 10 2.74 -23.57 3.10
N LYS A 11 3.73 -23.79 2.26
CA LYS A 11 4.53 -22.70 1.70
C LYS A 11 3.65 -21.74 0.91
N SER A 12 3.67 -20.47 1.29
CA SER A 12 2.88 -19.45 0.61
C SER A 12 3.77 -18.45 -0.12
N SER A 13 4.82 -18.00 0.57
CA SER A 13 5.76 -17.04 -0.01
C SER A 13 7.18 -17.59 0.03
N LEU A 14 7.31 -18.91 -0.07
CA LEU A 14 8.61 -19.56 -0.04
C LEU A 14 8.99 -20.09 -1.42
N SER A 15 9.58 -19.22 -2.25
CA SER A 15 9.98 -19.60 -3.60
C SER A 15 11.48 -19.42 -3.77
N GLY A 16 12.26 -19.85 -2.77
CA GLY A 16 13.70 -19.73 -2.84
C GLY A 16 14.27 -19.08 -1.60
N PHE A 17 13.54 -18.09 -1.06
CA PHE A 17 13.98 -17.39 0.14
C PHE A 17 13.14 -17.83 1.33
N VAL A 18 13.79 -18.42 2.32
CA VAL A 18 13.11 -18.89 3.52
C VAL A 18 13.54 -18.08 4.75
N ASN A 19 12.64 -17.25 5.23
CA ASN A 19 12.92 -16.42 6.39
C ASN A 19 11.61 -16.01 7.10
N PRO A 20 11.14 -16.86 8.03
CA PRO A 20 9.89 -16.59 8.77
C PRO A 20 9.96 -15.30 9.58
N GLN A 21 9.82 -14.18 8.90
CA GLN A 21 9.87 -12.87 9.56
C GLN A 21 8.76 -11.96 9.05
N SER A 22 7.64 -12.57 8.64
CA SER A 22 6.51 -11.81 8.13
C SER A 22 5.57 -11.40 9.26
N GLY A 23 5.16 -12.37 10.06
CA GLY A 23 4.25 -12.10 11.17
C GLY A 23 2.84 -12.60 10.90
N ASN A 24 2.74 -13.82 10.38
CA ASN A 24 1.44 -14.41 10.08
C ASN A 24 0.49 -14.33 11.27
N PRO A 25 0.96 -14.72 12.47
CA PRO A 25 0.13 -14.70 13.69
C PRO A 25 -0.68 -13.42 13.85
N HIS A 26 -0.01 -12.30 14.08
CA HIS A 26 -0.68 -11.01 14.26
C HIS A 26 -0.17 -9.97 13.27
N ALA A 27 -0.78 -8.80 13.28
CA ALA A 27 -0.38 -7.72 12.39
C ALA A 27 1.09 -7.36 12.57
N PRO A 28 1.93 -7.72 11.59
CA PRO A 28 3.38 -7.44 11.65
C PRO A 28 3.68 -5.97 11.96
N GLN A 29 3.58 -5.12 10.95
CA GLN A 29 3.84 -3.69 11.10
C GLN A 29 2.76 -2.91 10.37
N THR A 30 2.56 -3.28 9.11
CA THR A 30 1.56 -2.64 8.27
C THR A 30 0.58 -3.68 7.73
N ASN A 31 -0.47 -3.21 7.08
CA ASN A 31 -1.49 -4.10 6.52
C ASN A 31 -1.10 -4.59 5.12
N PHE A 32 0.19 -4.50 4.78
CA PHE A 32 0.66 -4.95 3.47
C PHE A 32 0.33 -6.43 3.27
N ALA A 33 0.72 -7.25 4.24
CA ALA A 33 0.44 -8.68 4.18
C ALA A 33 -1.04 -8.93 4.43
N ASN A 34 -1.55 -8.30 5.47
CA ASN A 34 -2.96 -8.42 5.85
C ASN A 34 -3.89 -8.20 4.66
N MET A 35 -3.65 -7.12 3.91
CA MET A 35 -4.50 -6.80 2.76
C MET A 35 -5.97 -6.77 3.18
N PRO A 36 -6.28 -6.01 4.25
CA PRO A 36 -7.63 -5.88 4.79
C PRO A 36 -8.74 -5.95 3.75
N SER A 37 -8.69 -5.06 2.76
CA SER A 37 -9.74 -5.05 1.73
C SER A 37 -9.19 -5.29 0.33
N ALA A 38 -8.41 -4.34 -0.19
CA ALA A 38 -7.87 -4.48 -1.54
C ALA A 38 -6.38 -4.16 -1.62
N ARG A 39 -5.65 -4.96 -2.40
CA ARG A 39 -4.22 -4.73 -2.62
C ARG A 39 -3.90 -4.86 -4.11
N VAL A 40 -3.15 -3.91 -4.63
CA VAL A 40 -2.76 -3.91 -6.04
C VAL A 40 -1.29 -3.54 -6.23
N THR A 41 -0.74 -3.83 -7.41
CA THR A 41 0.63 -3.46 -7.72
C THR A 41 0.67 -2.49 -8.89
N LEU A 42 1.46 -1.43 -8.74
CA LEU A 42 1.62 -0.40 -9.77
C LEU A 42 3.09 -0.04 -9.95
N PRO A 43 3.45 0.64 -11.05
CA PRO A 43 4.83 1.06 -11.28
C PRO A 43 5.26 2.16 -10.30
N LYS A 44 6.29 1.88 -9.51
CA LYS A 44 6.79 2.82 -8.49
C LYS A 44 7.21 4.17 -9.08
N SER A 45 7.67 4.16 -10.32
CA SER A 45 8.18 5.39 -10.94
C SER A 45 7.15 6.53 -11.03
N LEU A 46 5.95 6.24 -11.51
CA LEU A 46 4.92 7.28 -11.65
C LEU A 46 4.31 7.72 -10.32
N VAL A 47 4.61 6.99 -9.26
CA VAL A 47 4.07 7.31 -7.95
C VAL A 47 4.80 8.50 -7.31
N TYR A 48 6.04 8.67 -7.70
CA TYR A 48 6.90 9.71 -7.18
C TYR A 48 6.33 11.13 -7.28
N ASP A 49 5.50 11.42 -8.28
CA ASP A 49 5.00 12.79 -8.45
C ASP A 49 3.90 13.20 -7.47
N LYS A 50 2.84 12.42 -7.33
CA LYS A 50 1.78 12.75 -6.37
C LYS A 50 1.62 11.65 -5.34
N THR A 51 1.39 12.07 -4.12
CA THR A 51 1.26 11.14 -3.01
C THR A 51 -0.06 10.33 -3.00
N PHE A 52 -1.16 10.99 -2.64
CA PHE A 52 -2.46 10.32 -2.55
C PHE A 52 -3.10 9.96 -3.88
N SER A 53 -3.31 10.97 -4.72
CA SER A 53 -3.99 10.77 -6.00
C SER A 53 -3.44 9.60 -6.81
N LYS A 54 -2.21 9.71 -7.28
CA LYS A 54 -1.62 8.67 -8.13
C LYS A 54 -1.82 7.28 -7.55
N VAL A 55 -1.36 7.09 -6.34
CA VAL A 55 -1.47 5.80 -5.68
C VAL A 55 -2.88 5.23 -5.74
N LEU A 56 -3.82 5.95 -5.16
CA LEU A 56 -5.20 5.49 -5.09
C LEU A 56 -5.84 5.10 -6.42
N TRP A 57 -5.99 6.05 -7.34
CA TRP A 57 -6.67 5.77 -8.60
C TRP A 57 -5.90 4.91 -9.59
N SER A 58 -4.68 5.31 -9.83
CA SER A 58 -3.83 4.65 -10.79
C SER A 58 -3.47 3.23 -10.40
N ALA A 59 -3.08 3.08 -9.16
CA ALA A 59 -2.58 1.81 -8.69
C ALA A 59 -3.58 0.67 -8.52
N GLY A 60 -4.40 0.74 -7.50
CA GLY A 60 -5.25 -0.39 -7.22
C GLY A 60 -6.75 -0.28 -7.32
N LEU A 61 -7.30 0.86 -6.98
CA LEU A 61 -8.75 0.90 -6.86
C LEU A 61 -9.56 1.61 -7.92
N VAL A 62 -9.21 2.82 -8.35
CA VAL A 62 -10.17 3.46 -9.25
C VAL A 62 -9.62 4.51 -10.24
N ALA A 63 -10.55 4.92 -11.11
CA ALA A 63 -10.38 5.93 -12.14
C ALA A 63 -10.23 7.31 -11.50
N SER A 64 -10.20 7.29 -10.18
CA SER A 64 -10.24 8.44 -9.33
C SER A 64 -9.14 9.47 -9.55
N LYS A 65 -8.30 9.37 -10.58
CA LYS A 65 -7.34 10.45 -10.76
C LYS A 65 -8.17 11.73 -10.56
N SER A 66 -9.32 11.75 -11.22
CA SER A 66 -10.31 12.81 -11.05
C SER A 66 -11.05 12.63 -9.70
N GLU A 67 -11.72 11.47 -9.58
CA GLU A 67 -12.50 11.14 -8.38
C GLU A 67 -11.63 11.17 -7.12
N GLY A 68 -10.48 10.54 -7.22
CA GLY A 68 -9.54 10.48 -6.12
C GLY A 68 -9.30 11.84 -5.55
N GLN A 69 -8.90 12.78 -6.40
CA GLN A 69 -8.67 14.14 -5.95
C GLN A 69 -9.84 14.58 -5.09
N ARG A 70 -11.06 14.34 -5.58
CA ARG A 70 -12.27 14.69 -4.84
C ARG A 70 -12.20 14.15 -3.41
N ILE A 71 -11.86 12.88 -3.27
CA ILE A 71 -11.75 12.26 -1.95
C ILE A 71 -10.73 13.02 -1.11
N ILE A 72 -9.54 13.15 -1.65
CA ILE A 72 -8.48 13.89 -0.99
C ILE A 72 -9.03 15.25 -0.57
N ASN A 73 -9.71 15.88 -1.53
CA ASN A 73 -10.36 17.17 -1.32
C ASN A 73 -11.31 17.03 -0.15
N ASN A 74 -12.09 15.97 -0.22
CA ASN A 74 -13.03 15.62 0.83
C ASN A 74 -12.28 15.70 2.15
N ASN A 75 -11.04 15.23 2.12
CA ASN A 75 -10.18 15.21 3.30
C ASN A 75 -10.60 14.14 4.29
N GLY A 76 -10.98 12.99 3.75
CA GLY A 76 -11.38 11.88 4.58
C GLY A 76 -10.45 10.68 4.44
N ALA A 77 -9.17 10.95 4.19
CA ALA A 77 -8.18 9.89 4.03
C ALA A 77 -6.89 10.14 4.82
N TYR A 78 -6.10 9.08 4.97
CA TYR A 78 -4.80 9.11 5.65
C TYR A 78 -3.79 8.35 4.78
N VAL A 79 -2.49 8.62 4.95
CA VAL A 79 -1.49 7.91 4.15
C VAL A 79 -0.34 7.38 5.01
N GLY A 80 0.03 6.14 4.71
CA GLY A 80 1.11 5.49 5.42
C GLY A 80 2.16 4.91 4.49
N SER A 81 3.39 4.90 4.96
CA SER A 81 4.51 4.36 4.18
C SER A 81 5.39 3.46 5.07
N ARG A 82 5.97 2.43 4.47
CA ARG A 82 6.85 1.52 5.21
C ARG A 82 7.79 0.74 4.30
N PRO A 83 8.98 1.29 4.01
CA PRO A 83 9.97 0.61 3.16
C PRO A 83 10.46 -0.69 3.79
N GLY A 84 10.59 -0.70 5.12
CA GLY A 84 11.04 -1.88 5.82
C GLY A 84 12.55 -1.91 6.02
N VAL A 85 13.07 -0.87 6.66
CA VAL A 85 14.50 -0.77 6.91
C VAL A 85 14.82 -0.80 8.39
N LYS A 86 14.08 -0.01 9.15
CA LYS A 86 14.29 0.07 10.58
C LYS A 86 13.17 -0.59 11.36
N LYS A 87 13.53 -1.61 12.14
CA LYS A 87 12.57 -2.34 12.95
C LYS A 87 11.92 -1.43 13.98
N ASN A 88 12.74 -0.78 14.79
CA ASN A 88 12.25 0.13 15.81
C ASN A 88 12.29 1.55 15.28
N GLU A 89 11.16 2.03 14.82
CA GLU A 89 11.05 3.37 14.27
C GLU A 89 9.99 4.20 15.00
N PRO A 90 10.40 5.22 15.78
CA PRO A 90 9.48 6.09 16.52
C PRO A 90 8.36 6.65 15.65
N GLY A 91 8.49 6.51 14.33
CA GLY A 91 7.50 7.02 13.41
C GLY A 91 7.16 8.49 13.63
N GLY A 92 8.04 9.21 14.34
CA GLY A 92 7.86 10.63 14.59
C GLY A 92 7.63 11.46 13.33
N GLY A 93 6.63 11.09 12.53
CA GLY A 93 6.33 11.78 11.28
C GLY A 93 7.52 11.89 10.33
N MET A 94 8.65 12.41 10.80
CA MET A 94 9.85 12.53 9.96
C MET A 94 10.18 11.20 9.29
N PRO A 95 10.26 10.11 10.08
CA PRO A 95 10.57 8.77 9.58
C PRO A 95 9.76 8.40 8.33
N ASP A 96 10.17 7.32 7.68
CA ASP A 96 9.51 6.84 6.48
C ASP A 96 9.01 5.42 6.71
N ASP A 97 9.51 4.78 7.77
CA ASP A 97 9.09 3.44 8.11
C ASP A 97 7.58 3.42 8.29
N LEU A 98 7.09 4.50 8.87
CA LEU A 98 5.66 4.68 9.10
C LEU A 98 5.27 6.07 8.64
N THR A 99 4.11 6.19 8.01
CA THR A 99 3.67 7.49 7.55
C THR A 99 2.22 7.75 7.93
N PHE A 100 1.93 9.02 8.13
CA PHE A 100 0.60 9.48 8.45
C PHE A 100 0.28 10.65 7.56
N THR A 101 -0.93 10.72 7.05
CA THR A 101 -1.32 11.81 6.19
C THR A 101 -2.64 12.42 6.62
N PRO A 102 -2.74 13.74 6.54
CA PRO A 102 -3.95 14.42 6.89
C PRO A 102 -4.83 14.59 5.65
N ILE A 103 -4.41 13.94 4.55
CA ILE A 103 -5.14 13.94 3.30
C ILE A 103 -5.30 15.32 2.66
N LYS A 104 -4.31 16.18 2.83
CA LYS A 104 -4.38 17.52 2.25
C LYS A 104 -3.45 17.50 1.06
N THR A 105 -3.84 18.15 -0.02
CA THR A 105 -3.09 18.02 -1.23
C THR A 105 -1.62 18.43 -1.11
N TRP A 106 -0.79 17.41 -1.31
CA TRP A 106 0.66 17.51 -1.36
C TRP A 106 1.12 16.61 -2.49
N ASN A 107 1.82 17.12 -3.50
CA ASN A 107 2.20 16.25 -4.60
C ASN A 107 3.56 15.57 -4.41
N ALA A 108 4.63 16.33 -4.65
CA ALA A 108 5.99 15.81 -4.55
C ALA A 108 6.53 15.60 -3.13
N SER A 109 6.40 16.61 -2.29
CA SER A 109 6.95 16.55 -0.93
C SER A 109 6.57 15.26 -0.19
N LYS A 110 5.29 15.00 -0.10
CA LYS A 110 4.81 13.82 0.60
C LYS A 110 5.13 12.53 -0.14
N THR A 111 4.84 12.49 -1.43
CA THR A 111 5.08 11.30 -2.23
C THR A 111 6.50 10.77 -2.04
N GLN A 112 7.48 11.48 -2.58
CA GLN A 112 8.86 11.08 -2.46
C GLN A 112 9.26 10.78 -1.03
N GLU A 113 8.91 11.67 -0.11
CA GLU A 113 9.28 11.49 1.29
C GLU A 113 8.95 10.08 1.78
N PHE A 114 7.67 9.76 1.86
CA PHE A 114 7.22 8.46 2.32
C PHE A 114 6.93 7.51 1.16
N ILE A 115 6.09 8.00 0.27
CA ILE A 115 5.66 7.26 -0.91
C ILE A 115 6.81 6.76 -1.75
N ILE A 116 8.02 6.84 -1.24
CA ILE A 116 9.12 6.32 -2.00
C ILE A 116 8.73 4.89 -2.27
N ASP A 117 8.04 4.34 -1.28
CA ASP A 117 7.48 3.02 -1.38
C ASP A 117 8.36 2.12 -2.17
N GLY A 118 9.65 2.21 -1.93
CA GLY A 118 10.54 1.36 -2.67
C GLY A 118 9.99 -0.03 -2.58
N ASP A 119 9.58 -0.39 -1.37
CA ASP A 119 8.92 -1.66 -1.18
C ASP A 119 7.49 -1.50 -0.65
N LEU A 120 7.10 -0.33 -0.08
CA LEU A 120 5.73 -0.22 0.43
C LEU A 120 5.04 1.10 0.23
N LEU A 121 3.80 1.00 -0.17
CA LEU A 121 2.95 2.16 -0.27
C LEU A 121 1.59 1.79 0.31
N ILE A 122 1.03 2.65 1.15
CA ILE A 122 -0.29 2.36 1.72
C ILE A 122 -1.18 3.58 1.63
N LEU A 123 -2.41 3.36 1.26
CA LEU A 123 -3.38 4.42 1.19
C LEU A 123 -4.65 3.97 1.86
N LYS A 124 -5.24 4.80 2.66
CA LYS A 124 -6.49 4.43 3.27
C LYS A 124 -7.49 5.56 3.16
N LEU A 125 -8.71 5.24 2.78
CA LEU A 125 -9.75 6.24 2.67
C LEU A 125 -10.93 5.80 3.52
N GLY A 126 -11.42 6.74 4.33
CA GLY A 126 -12.51 6.46 5.21
C GLY A 126 -13.85 6.71 4.59
N LYS A 127 -13.87 7.20 3.36
CA LYS A 127 -15.13 7.44 2.71
C LYS A 127 -15.76 6.12 2.33
N TRP A 128 -14.97 5.25 1.71
CA TRP A 128 -15.49 3.94 1.35
C TRP A 128 -14.50 2.79 1.56
N LYS A 129 -13.30 2.91 1.00
CA LYS A 129 -12.35 1.82 1.07
C LYS A 129 -10.91 2.24 1.30
N MET A 130 -10.12 1.25 1.67
CA MET A 130 -8.70 1.41 1.82
C MET A 130 -8.04 0.57 0.74
N LYS A 131 -7.08 1.16 0.09
CA LYS A 131 -6.34 0.48 -0.94
C LYS A 131 -4.88 0.51 -0.56
N LEU A 132 -4.23 -0.62 -0.68
CA LEU A 132 -2.83 -0.73 -0.34
C LEU A 132 -2.10 -1.18 -1.58
N VAL A 133 -0.98 -0.56 -1.86
CA VAL A 133 -0.24 -0.90 -3.05
C VAL A 133 1.25 -1.07 -2.80
N SER A 134 1.83 -2.02 -3.52
CA SER A 134 3.28 -2.24 -3.44
C SER A 134 3.86 -1.72 -4.75
N ILE A 135 4.96 -0.99 -4.69
CA ILE A 135 5.53 -0.42 -5.90
C ILE A 135 7.02 -0.65 -6.03
N VAL A 136 7.42 -1.01 -7.23
CA VAL A 136 8.82 -1.25 -7.53
C VAL A 136 9.28 -0.41 -8.72
N SER A 137 10.56 -0.05 -8.71
CA SER A 137 11.13 0.76 -9.77
C SER A 137 11.28 -0.03 -11.06
N ASP A 138 11.32 0.67 -12.18
CA ASP A 138 11.48 0.06 -13.49
C ASP A 138 12.66 -0.90 -13.51
N GLU A 139 13.79 -0.43 -13.01
CA GLU A 139 15.01 -1.23 -12.98
C GLU A 139 14.79 -2.58 -12.28
N LYS A 140 14.20 -2.54 -11.11
CA LYS A 140 13.96 -3.76 -10.33
C LYS A 140 13.04 -4.75 -11.06
N PHE A 141 11.82 -4.30 -11.38
CA PHE A 141 10.86 -5.15 -12.05
C PHE A 141 11.46 -5.81 -13.27
N LYS A 142 12.12 -5.04 -14.12
CA LYS A 142 12.75 -5.58 -15.30
C LYS A 142 13.65 -6.75 -14.92
N GLU A 143 14.48 -6.54 -13.90
CA GLU A 143 15.41 -7.57 -13.42
C GLU A 143 14.70 -8.91 -13.19
N LEU A 144 13.80 -8.96 -12.23
CA LEU A 144 13.08 -10.21 -11.93
C LEU A 144 12.38 -10.77 -13.16
N GLY A 145 11.48 -9.97 -13.72
CA GLY A 145 10.73 -10.34 -14.90
C GLY A 145 11.53 -10.20 -16.20
N LEU A 146 12.84 -10.01 -16.06
CA LEU A 146 13.72 -9.79 -17.21
C LEU A 146 13.58 -10.85 -18.32
N THR A 147 12.66 -11.80 -18.18
CA THR A 147 12.48 -12.79 -19.23
C THR A 147 11.22 -12.46 -20.03
N ALA A 148 11.27 -11.34 -20.75
CA ALA A 148 10.16 -10.89 -21.56
C ALA A 148 10.64 -10.52 -22.96
N PRO A 149 9.71 -10.15 -23.86
CA PRO A 149 10.07 -9.75 -25.23
C PRO A 149 11.05 -8.59 -25.25
N GLY A 150 10.79 -7.59 -24.42
CA GLY A 150 11.65 -6.43 -24.33
C GLY A 150 12.98 -6.74 -23.66
N TRP A 151 12.91 -7.40 -22.52
CA TRP A 151 14.09 -7.76 -21.75
C TRP A 151 14.95 -8.76 -22.51
N ASP A 152 14.31 -9.78 -23.04
CA ASP A 152 15.01 -10.82 -23.76
C ASP A 152 15.91 -10.23 -24.83
N GLU A 153 15.34 -9.45 -25.74
CA GLU A 153 16.10 -8.84 -26.81
C GLU A 153 17.21 -7.92 -26.29
N VAL A 154 16.85 -6.92 -25.51
CA VAL A 154 17.83 -5.95 -24.98
C VAL A 154 18.96 -6.59 -24.16
N VAL A 155 18.61 -7.03 -22.98
CA VAL A 155 19.55 -7.63 -22.04
C VAL A 155 20.15 -8.94 -22.54
N GLY A 156 19.28 -9.91 -22.82
CA GLY A 156 19.73 -11.22 -23.27
C GLY A 156 20.51 -11.18 -24.56
N LYS A 157 19.88 -10.71 -25.63
CA LYS A 157 20.54 -10.63 -26.93
C LYS A 157 21.79 -9.75 -26.85
N GLY A 158 21.64 -8.56 -26.28
CA GLY A 158 22.76 -7.66 -26.16
C GLY A 158 22.66 -6.48 -27.10
N LYS A 159 21.57 -5.73 -27.01
CA LYS A 159 21.37 -4.57 -27.87
C LYS A 159 21.85 -3.29 -27.19
N GLU A 160 22.97 -3.39 -26.49
CA GLU A 160 23.55 -2.25 -25.78
C GLU A 160 24.77 -1.73 -26.53
N GLU A 161 25.54 -0.87 -25.86
CA GLU A 161 26.74 -0.29 -26.46
C GLU A 161 27.69 -1.37 -26.97
N PRO A 162 28.21 -2.22 -26.06
CA PRO A 162 29.13 -3.30 -26.43
C PRO A 162 28.45 -4.39 -27.25
N SER A 163 29.14 -4.86 -28.28
CA SER A 163 28.60 -5.90 -29.15
C SER A 163 29.29 -7.24 -28.89
N PRO A 164 28.60 -8.35 -29.18
CA PRO A 164 29.15 -9.70 -28.98
C PRO A 164 30.51 -9.87 -29.63
N MET A 1 -24.95 -24.91 44.59
CA MET A 1 -26.42 -25.04 44.67
C MET A 1 -26.84 -26.48 44.92
N PRO A 2 -26.94 -26.89 46.20
CA PRO A 2 -27.34 -28.26 46.56
C PRO A 2 -28.79 -28.54 46.25
N ARG A 3 -29.26 -29.73 46.63
CA ARG A 3 -30.64 -30.12 46.40
C ARG A 3 -31.61 -29.17 47.08
N THR A 4 -31.16 -28.52 48.15
CA THR A 4 -31.99 -27.57 48.88
C THR A 4 -31.62 -26.14 48.52
N ALA A 5 -31.26 -25.92 47.26
CA ALA A 5 -30.89 -24.59 46.80
C ALA A 5 -32.13 -23.76 46.44
N SER A 6 -32.13 -22.51 46.86
CA SER A 6 -33.26 -21.62 46.58
C SER A 6 -33.23 -21.14 45.14
N PRO A 7 -34.35 -20.59 44.64
CA PRO A 7 -34.44 -20.09 43.26
C PRO A 7 -33.32 -19.13 42.92
N GLY A 8 -33.14 -18.88 41.63
CA GLY A 8 -32.10 -17.97 41.18
C GLY A 8 -31.05 -18.66 40.32
N ASN A 9 -31.50 -19.29 39.24
CA ASN A 9 -30.60 -19.99 38.33
C ASN A 9 -30.06 -19.04 37.26
N PRO A 10 -28.97 -19.44 36.57
CA PRO A 10 -28.36 -18.62 35.53
C PRO A 10 -29.23 -18.52 34.28
N LYS A 11 -28.71 -17.87 33.25
CA LYS A 11 -29.44 -17.71 32.00
C LYS A 11 -29.23 -18.92 31.09
N SER A 12 -30.09 -19.05 30.09
CA SER A 12 -30.00 -20.16 29.14
C SER A 12 -29.69 -19.67 27.73
N SER A 13 -29.11 -18.47 27.63
CA SER A 13 -28.76 -17.89 26.35
C SER A 13 -27.83 -18.80 25.56
N LEU A 14 -27.03 -19.58 26.28
CA LEU A 14 -26.09 -20.50 25.66
C LEU A 14 -26.55 -21.94 25.83
N SER A 15 -25.83 -22.87 25.22
CA SER A 15 -26.17 -24.29 25.28
C SER A 15 -25.66 -24.93 26.58
N GLY A 16 -25.85 -24.24 27.70
CA GLY A 16 -25.41 -24.78 28.98
C GLY A 16 -24.57 -23.80 29.78
N PHE A 17 -23.73 -23.03 29.08
CA PHE A 17 -22.87 -22.06 29.73
C PHE A 17 -22.83 -20.75 28.94
N VAL A 18 -23.30 -19.67 29.55
CA VAL A 18 -23.32 -18.37 28.90
C VAL A 18 -22.36 -17.40 29.59
N ASN A 19 -21.25 -17.12 28.92
CA ASN A 19 -20.25 -16.21 29.46
C ASN A 19 -19.04 -16.13 28.52
N PRO A 20 -18.85 -14.98 27.83
CA PRO A 20 -17.72 -14.80 26.92
C PRO A 20 -16.39 -14.73 27.65
N GLN A 21 -15.30 -14.83 26.90
CA GLN A 21 -13.96 -14.78 27.48
C GLN A 21 -13.53 -13.34 27.74
N SER A 22 -13.32 -12.60 26.66
CA SER A 22 -12.91 -11.21 26.76
C SER A 22 -13.65 -10.35 25.74
N GLY A 23 -13.68 -10.82 24.50
CA GLY A 23 -14.36 -10.09 23.43
C GLY A 23 -13.47 -9.08 22.75
N ASN A 24 -12.69 -8.35 23.54
CA ASN A 24 -11.78 -7.33 23.01
C ASN A 24 -10.93 -7.89 21.86
N PRO A 25 -10.26 -9.03 22.09
CA PRO A 25 -9.41 -9.66 21.07
C PRO A 25 -10.18 -10.56 20.11
N HIS A 26 -11.42 -10.18 19.80
CA HIS A 26 -12.25 -10.96 18.89
C HIS A 26 -11.95 -10.59 17.43
N ALA A 27 -10.92 -11.22 16.87
CA ALA A 27 -10.54 -10.96 15.49
C ALA A 27 -10.12 -12.25 14.79
N PRO A 28 -10.54 -12.45 13.52
CA PRO A 28 -10.21 -13.66 12.77
C PRO A 28 -8.71 -13.99 12.84
N GLN A 29 -7.91 -13.29 12.04
CA GLN A 29 -6.47 -13.50 12.02
C GLN A 29 -5.77 -12.14 11.99
N THR A 30 -5.90 -11.47 10.85
CA THR A 30 -5.31 -10.16 10.65
C THR A 30 -6.30 -9.24 9.97
N ASN A 31 -5.96 -7.96 9.87
CA ASN A 31 -6.82 -6.98 9.22
C ASN A 31 -6.42 -6.80 7.76
N PHE A 32 -5.42 -7.57 7.33
CA PHE A 32 -4.92 -7.52 5.96
C PHE A 32 -6.07 -7.62 4.95
N ALA A 33 -6.95 -8.58 5.17
CA ALA A 33 -8.07 -8.82 4.27
C ALA A 33 -9.15 -7.72 4.30
N ASN A 34 -9.58 -7.31 5.49
CA ASN A 34 -10.66 -6.32 5.59
C ASN A 34 -10.28 -4.90 5.16
N MET A 35 -9.52 -4.18 5.98
CA MET A 35 -9.15 -2.80 5.64
C MET A 35 -8.52 -2.72 4.25
N PRO A 36 -7.48 -3.54 4.01
CA PRO A 36 -6.75 -3.60 2.73
C PRO A 36 -7.50 -4.43 1.69
N SER A 37 -8.81 -4.23 1.60
CA SER A 37 -9.66 -4.98 0.68
C SER A 37 -8.97 -5.26 -0.66
N ALA A 38 -8.68 -4.22 -1.43
CA ALA A 38 -8.02 -4.42 -2.72
C ALA A 38 -6.66 -3.75 -2.79
N ARG A 39 -5.67 -4.48 -3.32
CA ARG A 39 -4.31 -3.98 -3.47
C ARG A 39 -3.74 -4.34 -4.84
N VAL A 40 -3.08 -3.38 -5.47
CA VAL A 40 -2.47 -3.60 -6.78
C VAL A 40 -1.03 -3.08 -6.83
N THR A 41 -0.27 -3.51 -7.84
CA THR A 41 1.12 -3.07 -7.97
C THR A 41 1.32 -2.23 -9.24
N LEU A 42 2.04 -1.13 -9.08
CA LEU A 42 2.35 -0.20 -10.16
C LEU A 42 3.83 0.18 -10.11
N PRO A 43 4.39 0.76 -11.20
CA PRO A 43 5.79 1.18 -11.23
C PRO A 43 6.09 2.27 -10.19
N LYS A 44 7.00 1.98 -9.25
CA LYS A 44 7.37 2.92 -8.18
C LYS A 44 7.79 4.28 -8.69
N SER A 45 8.35 4.34 -9.88
CA SER A 45 8.83 5.60 -10.44
C SER A 45 7.74 6.68 -10.54
N LEU A 46 6.59 6.32 -11.09
CA LEU A 46 5.49 7.29 -11.26
C LEU A 46 4.77 7.61 -9.95
N VAL A 47 5.08 6.88 -8.88
CA VAL A 47 4.42 7.12 -7.59
C VAL A 47 4.96 8.36 -6.91
N TYR A 48 6.20 8.69 -7.23
CA TYR A 48 6.90 9.83 -6.66
C TYR A 48 6.14 11.16 -6.80
N ASP A 49 5.34 11.30 -7.84
CA ASP A 49 4.65 12.59 -8.08
C ASP A 49 3.45 12.88 -7.17
N LYS A 50 2.50 11.95 -7.01
CA LYS A 50 1.34 12.19 -6.17
C LYS A 50 1.25 11.20 -5.02
N THR A 51 0.99 11.72 -3.84
CA THR A 51 0.87 10.89 -2.65
C THR A 51 -0.44 10.07 -2.61
N PHE A 52 -1.54 10.76 -2.32
CA PHE A 52 -2.86 10.14 -2.23
C PHE A 52 -3.48 9.78 -3.57
N SER A 53 -3.71 10.82 -4.37
CA SER A 53 -4.38 10.69 -5.66
C SER A 53 -3.82 9.61 -6.57
N LYS A 54 -2.64 9.86 -7.12
CA LYS A 54 -2.04 8.93 -8.07
C LYS A 54 -2.06 7.48 -7.58
N VAL A 55 -1.63 7.27 -6.35
CA VAL A 55 -1.59 5.92 -5.81
C VAL A 55 -2.94 5.22 -5.92
N LEU A 56 -3.96 5.81 -5.32
CA LEU A 56 -5.29 5.20 -5.29
C LEU A 56 -5.93 4.95 -6.68
N TRP A 57 -6.18 5.99 -7.46
CA TRP A 57 -6.86 5.83 -8.74
C TRP A 57 -6.02 5.17 -9.82
N SER A 58 -4.83 5.69 -10.00
CA SER A 58 -3.93 5.23 -11.02
C SER A 58 -3.48 3.80 -10.81
N ALA A 59 -3.08 3.51 -9.60
CA ALA A 59 -2.52 2.22 -9.31
C ALA A 59 -3.46 1.03 -9.30
N GLY A 60 -4.29 0.91 -8.27
CA GLY A 60 -5.07 -0.29 -8.17
C GLY A 60 -6.58 -0.26 -8.26
N LEU A 61 -7.23 0.77 -7.74
CA LEU A 61 -8.68 0.67 -7.61
C LEU A 61 -9.57 1.51 -8.51
N VAL A 62 -9.26 2.77 -8.81
CA VAL A 62 -10.29 3.52 -9.52
C VAL A 62 -9.84 4.67 -10.43
N ALA A 63 -10.85 5.17 -11.15
CA ALA A 63 -10.79 6.29 -12.09
C ALA A 63 -10.57 7.60 -11.33
N SER A 64 -10.42 7.48 -10.03
CA SER A 64 -10.36 8.59 -9.12
C SER A 64 -9.26 9.61 -9.40
N LYS A 65 -8.53 9.52 -10.52
CA LYS A 65 -7.57 10.59 -10.77
C LYS A 65 -8.36 11.87 -10.50
N SER A 66 -9.51 11.97 -11.14
CA SER A 66 -10.46 13.06 -10.89
C SER A 66 -11.18 12.83 -9.55
N GLU A 67 -11.85 11.66 -9.45
CA GLU A 67 -12.62 11.29 -8.26
C GLU A 67 -11.76 11.31 -7.01
N GLY A 68 -10.59 10.71 -7.11
CA GLY A 68 -9.66 10.64 -6.01
C GLY A 68 -9.43 11.98 -5.39
N GLN A 69 -9.04 12.95 -6.21
CA GLN A 69 -8.81 14.30 -5.73
C GLN A 69 -10.00 14.72 -4.86
N ARG A 70 -11.20 14.49 -5.39
CA ARG A 70 -12.42 14.82 -4.66
C ARG A 70 -12.40 14.24 -3.24
N ILE A 71 -12.05 12.96 -3.13
CA ILE A 71 -11.97 12.29 -1.83
C ILE A 71 -10.96 12.99 -0.94
N ILE A 72 -9.75 13.11 -1.45
CA ILE A 72 -8.68 13.79 -0.74
C ILE A 72 -9.21 15.15 -0.29
N ASN A 73 -9.85 15.83 -1.25
CA ASN A 73 -10.49 17.11 -1.01
C ASN A 73 -11.48 16.95 0.12
N ASN A 74 -12.28 15.92 -0.02
CA ASN A 74 -13.25 15.54 0.99
C ASN A 74 -12.55 15.52 2.34
N ASN A 75 -11.31 15.02 2.32
CA ASN A 75 -10.50 14.91 3.52
C ASN A 75 -10.98 13.78 4.40
N GLY A 76 -11.34 12.67 3.74
CA GLY A 76 -11.78 11.49 4.46
C GLY A 76 -10.83 10.32 4.23
N ALA A 77 -9.53 10.61 4.14
CA ALA A 77 -8.53 9.59 3.91
C ALA A 77 -7.32 9.72 4.86
N TYR A 78 -6.54 8.65 4.92
CA TYR A 78 -5.35 8.54 5.75
C TYR A 78 -4.21 7.94 4.91
N VAL A 79 -2.95 8.29 5.17
CA VAL A 79 -1.87 7.70 4.37
C VAL A 79 -0.76 7.12 5.24
N GLY A 80 -0.32 5.92 4.84
CA GLY A 80 0.72 5.23 5.55
C GLY A 80 1.79 4.68 4.63
N SER A 81 3.00 4.65 5.13
CA SER A 81 4.13 4.12 4.36
C SER A 81 4.99 3.20 5.22
N ARG A 82 5.52 2.14 4.62
CA ARG A 82 6.38 1.23 5.36
C ARG A 82 7.29 0.40 4.45
N PRO A 83 8.48 0.93 4.13
CA PRO A 83 9.46 0.28 3.29
C PRO A 83 10.60 -0.34 4.10
N GLY A 84 10.35 -1.48 4.72
CA GLY A 84 11.38 -2.12 5.52
C GLY A 84 11.02 -2.19 7.00
N VAL A 85 10.77 -3.40 7.48
CA VAL A 85 10.41 -3.63 8.89
C VAL A 85 11.26 -2.81 9.85
N LYS A 86 12.45 -2.44 9.41
CA LYS A 86 13.36 -1.65 10.23
C LYS A 86 12.64 -0.47 10.87
N LYS A 87 13.08 -0.10 12.07
CA LYS A 87 12.48 1.00 12.81
C LYS A 87 13.52 2.03 13.25
N ASN A 88 14.59 2.16 12.47
CA ASN A 88 15.64 3.11 12.78
C ASN A 88 15.16 4.53 12.55
N GLU A 89 14.78 5.19 13.63
CA GLU A 89 14.27 6.55 13.57
C GLU A 89 15.24 7.55 14.21
N PRO A 90 16.09 8.20 13.40
CA PRO A 90 17.08 9.20 13.86
C PRO A 90 16.50 10.30 14.74
N GLY A 91 15.83 9.92 15.83
CA GLY A 91 15.21 10.87 16.75
C GLY A 91 14.27 11.87 16.08
N GLY A 92 14.73 12.57 15.05
CA GLY A 92 13.90 13.54 14.34
C GLY A 92 12.56 12.97 13.83
N GLY A 93 12.09 11.87 14.42
CA GLY A 93 10.85 11.22 14.02
C GLY A 93 10.77 10.89 12.53
N MET A 94 10.96 11.88 11.66
CA MET A 94 10.95 11.67 10.20
C MET A 94 10.35 10.31 9.80
N PRO A 95 9.10 10.02 10.22
CA PRO A 95 8.47 8.73 9.92
C PRO A 95 8.65 8.30 8.46
N ASP A 96 9.30 7.16 8.29
CA ASP A 96 9.52 6.57 6.99
C ASP A 96 9.01 5.14 7.02
N ASP A 97 9.21 4.49 8.17
CA ASP A 97 8.78 3.13 8.37
C ASP A 97 7.26 3.08 8.47
N LEU A 98 6.68 4.04 9.16
CA LEU A 98 5.25 4.13 9.30
C LEU A 98 4.78 5.55 9.00
N THR A 99 3.67 5.68 8.31
CA THR A 99 3.17 7.01 7.99
C THR A 99 1.68 7.13 8.29
N PHE A 100 1.30 8.34 8.67
CA PHE A 100 -0.08 8.69 8.94
C PHE A 100 -0.32 10.02 8.23
N THR A 101 -1.43 10.17 7.56
CA THR A 101 -1.66 11.45 6.86
C THR A 101 -3.06 12.00 7.07
N PRO A 102 -3.18 13.33 7.25
CA PRO A 102 -4.46 13.99 7.44
C PRO A 102 -5.24 14.17 6.13
N ILE A 103 -4.78 13.50 5.05
CA ILE A 103 -5.48 13.56 3.76
C ILE A 103 -5.55 14.95 3.12
N LYS A 104 -4.53 15.77 3.31
CA LYS A 104 -4.55 17.10 2.73
C LYS A 104 -3.63 17.05 1.53
N THR A 105 -4.11 17.58 0.41
CA THR A 105 -3.38 17.42 -0.83
C THR A 105 -1.95 17.95 -0.82
N TRP A 106 -1.04 17.00 -1.00
CA TRP A 106 0.39 17.23 -1.13
C TRP A 106 0.88 16.30 -2.22
N ASN A 107 1.30 16.79 -3.37
CA ASN A 107 1.70 15.89 -4.43
C ASN A 107 3.07 15.28 -4.21
N ALA A 108 4.12 16.06 -4.46
CA ALA A 108 5.50 15.60 -4.34
C ALA A 108 6.04 15.44 -2.92
N SER A 109 5.92 16.50 -2.12
CA SER A 109 6.47 16.49 -0.77
C SER A 109 6.08 15.25 0.04
N LYS A 110 4.78 15.00 0.14
CA LYS A 110 4.30 13.87 0.92
C LYS A 110 4.60 12.54 0.27
N THR A 111 4.31 12.43 -1.02
CA THR A 111 4.55 11.20 -1.75
C THR A 111 5.98 10.68 -1.51
N GLN A 112 6.97 11.39 -2.02
CA GLN A 112 8.35 11.00 -1.85
C GLN A 112 8.68 10.69 -0.40
N GLU A 113 8.27 11.56 0.51
CA GLU A 113 8.56 11.36 1.94
C GLU A 113 8.21 9.94 2.40
N PHE A 114 6.93 9.60 2.30
CA PHE A 114 6.45 8.29 2.73
C PHE A 114 6.34 7.32 1.56
N ILE A 115 5.60 7.76 0.56
CA ILE A 115 5.33 7.00 -0.64
C ILE A 115 6.58 6.56 -1.37
N ILE A 116 7.74 6.74 -0.75
CA ILE A 116 8.95 6.27 -1.38
C ILE A 116 8.67 4.81 -1.66
N ASP A 117 7.96 4.21 -0.72
CA ASP A 117 7.50 2.84 -0.84
C ASP A 117 8.47 1.97 -1.59
N GLY A 118 9.69 1.88 -1.12
CA GLY A 118 10.61 1.05 -1.84
C GLY A 118 9.96 -0.29 -2.05
N ASP A 119 9.36 -0.80 -0.98
CA ASP A 119 8.60 -2.03 -1.07
C ASP A 119 7.13 -1.85 -0.68
N LEU A 120 6.76 -0.74 0.01
CA LEU A 120 5.36 -0.59 0.43
C LEU A 120 4.79 0.82 0.31
N LEU A 121 3.58 0.86 -0.19
CA LEU A 121 2.81 2.07 -0.25
C LEU A 121 1.39 1.73 0.21
N ILE A 122 0.81 2.50 1.10
CA ILE A 122 -0.57 2.21 1.54
C ILE A 122 -1.43 3.45 1.56
N LEU A 123 -2.66 3.28 1.13
CA LEU A 123 -3.62 4.35 1.11
C LEU A 123 -4.92 3.84 1.70
N LYS A 124 -5.54 4.63 2.54
CA LYS A 124 -6.81 4.23 3.09
C LYS A 124 -7.82 5.33 2.85
N LEU A 125 -9.02 4.97 2.42
CA LEU A 125 -10.05 5.96 2.20
C LEU A 125 -11.29 5.55 2.97
N GLY A 126 -11.84 6.50 3.70
CA GLY A 126 -13.02 6.24 4.51
C GLY A 126 -14.30 6.48 3.78
N LYS A 127 -14.23 6.95 2.54
CA LYS A 127 -15.45 7.18 1.81
C LYS A 127 -16.07 5.83 1.47
N TRP A 128 -15.25 4.92 0.93
CA TRP A 128 -15.74 3.59 0.63
C TRP A 128 -14.75 2.48 0.95
N LYS A 129 -13.53 2.60 0.42
CA LYS A 129 -12.55 1.54 0.58
C LYS A 129 -11.14 2.02 0.82
N MET A 130 -10.31 1.09 1.26
CA MET A 130 -8.90 1.34 1.42
C MET A 130 -8.21 0.55 0.33
N LYS A 131 -7.27 1.18 -0.32
CA LYS A 131 -6.51 0.55 -1.37
C LYS A 131 -5.06 0.56 -0.97
N LEU A 132 -4.43 -0.57 -1.13
CA LEU A 132 -3.04 -0.71 -0.79
C LEU A 132 -2.28 -1.02 -2.06
N VAL A 133 -1.15 -0.37 -2.24
CA VAL A 133 -0.37 -0.57 -3.44
C VAL A 133 1.10 -0.79 -3.12
N SER A 134 1.71 -1.74 -3.81
CA SER A 134 3.13 -2.01 -3.63
C SER A 134 3.86 -1.48 -4.85
N ILE A 135 4.98 -0.79 -4.64
CA ILE A 135 5.71 -0.21 -5.76
C ILE A 135 7.19 -0.49 -5.69
N VAL A 136 7.73 -0.83 -6.85
CA VAL A 136 9.15 -1.10 -6.99
C VAL A 136 9.73 -0.38 -8.20
N SER A 137 10.90 0.21 -8.04
CA SER A 137 11.54 0.95 -9.12
C SER A 137 11.99 0.00 -10.23
N ASP A 138 12.25 0.56 -11.40
CA ASP A 138 12.69 -0.22 -12.55
C ASP A 138 13.87 -1.13 -12.22
N GLU A 139 14.88 -0.56 -11.57
CA GLU A 139 16.08 -1.31 -11.21
C GLU A 139 15.78 -2.48 -10.27
N LYS A 140 15.14 -2.18 -9.15
CA LYS A 140 14.80 -3.22 -8.16
C LYS A 140 14.08 -4.39 -8.82
N PHE A 141 13.00 -4.06 -9.51
CA PHE A 141 12.20 -5.04 -10.21
C PHE A 141 13.08 -5.91 -11.11
N LYS A 142 13.95 -5.27 -11.86
CA LYS A 142 14.87 -5.98 -12.75
C LYS A 142 15.58 -7.10 -12.00
N GLU A 143 16.10 -6.78 -10.83
CA GLU A 143 16.81 -7.75 -9.99
C GLU A 143 15.94 -8.96 -9.62
N LEU A 144 14.86 -8.72 -8.88
CA LEU A 144 13.98 -9.81 -8.45
C LEU A 144 13.60 -10.74 -9.60
N GLY A 145 13.13 -10.14 -10.68
CA GLY A 145 12.71 -10.87 -11.84
C GLY A 145 13.81 -11.01 -12.88
N LEU A 146 15.03 -10.66 -12.50
CA LEU A 146 16.16 -10.69 -13.44
C LEU A 146 16.28 -12.02 -14.21
N THR A 147 15.46 -13.01 -13.89
CA THR A 147 15.52 -14.28 -14.60
C THR A 147 14.12 -14.70 -15.06
N ALA A 148 13.60 -13.92 -15.99
CA ALA A 148 12.29 -14.17 -16.57
C ALA A 148 12.39 -14.08 -18.10
N PRO A 149 11.26 -14.14 -18.83
CA PRO A 149 11.28 -14.06 -20.29
C PRO A 149 11.65 -12.67 -20.80
N GLY A 150 11.24 -11.64 -20.07
CA GLY A 150 11.53 -10.28 -20.47
C GLY A 150 12.99 -9.90 -20.29
N TRP A 151 13.52 -10.19 -19.12
CA TRP A 151 14.91 -9.87 -18.77
C TRP A 151 15.87 -10.76 -19.52
N ASP A 152 15.59 -12.05 -19.52
CA ASP A 152 16.45 -13.00 -20.18
C ASP A 152 16.75 -12.56 -21.60
N GLU A 153 15.71 -12.35 -22.38
CA GLU A 153 15.85 -11.89 -23.75
C GLU A 153 16.55 -10.53 -23.86
N VAL A 154 15.93 -9.50 -23.29
CA VAL A 154 16.46 -8.14 -23.36
C VAL A 154 17.87 -7.97 -22.80
N VAL A 155 17.98 -8.05 -21.50
CA VAL A 155 19.24 -7.89 -20.78
C VAL A 155 20.26 -8.98 -21.09
N GLY A 156 19.85 -10.23 -20.91
CA GLY A 156 20.75 -11.34 -21.14
C GLY A 156 21.23 -11.45 -22.58
N LYS A 157 20.32 -11.68 -23.51
CA LYS A 157 20.68 -11.80 -24.91
C LYS A 157 21.16 -10.47 -25.48
N GLY A 158 20.39 -9.42 -25.27
CA GLY A 158 20.77 -8.10 -25.76
C GLY A 158 20.43 -7.92 -27.22
N LYS A 159 19.15 -8.10 -27.57
CA LYS A 159 18.70 -7.95 -28.94
C LYS A 159 19.05 -6.57 -29.48
N GLU A 160 19.12 -5.59 -28.59
CA GLU A 160 19.44 -4.22 -28.98
C GLU A 160 20.81 -4.15 -29.64
N GLU A 161 21.26 -2.94 -29.94
CA GLU A 161 22.55 -2.72 -30.58
C GLU A 161 23.69 -2.98 -29.61
N PRO A 162 23.75 -2.20 -28.51
CA PRO A 162 24.79 -2.35 -27.49
C PRO A 162 24.62 -3.62 -26.66
N SER A 163 25.31 -4.68 -27.05
CA SER A 163 25.24 -5.95 -26.34
C SER A 163 26.12 -5.93 -25.09
N PRO A 164 25.51 -5.99 -23.90
CA PRO A 164 26.26 -5.98 -22.63
C PRO A 164 27.35 -7.04 -22.60
N MET A 1 21.74 -28.42 14.39
CA MET A 1 20.76 -29.44 14.84
C MET A 1 21.43 -30.79 15.10
N PRO A 2 21.93 -31.00 16.33
CA PRO A 2 22.60 -32.25 16.71
C PRO A 2 21.63 -33.42 16.77
N ARG A 3 22.17 -34.63 16.65
CA ARG A 3 21.35 -35.85 16.69
C ARG A 3 20.87 -36.12 18.12
N THR A 4 21.61 -35.63 19.10
CA THR A 4 21.27 -35.83 20.49
C THR A 4 20.50 -34.64 21.05
N ALA A 5 19.61 -34.09 20.23
CA ALA A 5 18.81 -32.93 20.63
C ALA A 5 17.38 -33.35 20.98
N SER A 6 16.76 -32.61 21.89
CA SER A 6 15.39 -32.90 22.30
C SER A 6 14.39 -32.02 21.57
N PRO A 7 13.18 -32.54 21.32
CA PRO A 7 12.13 -31.79 20.62
C PRO A 7 11.88 -30.41 21.25
N GLY A 8 10.92 -29.68 20.69
CA GLY A 8 10.60 -28.36 21.21
C GLY A 8 11.34 -27.26 20.49
N ASN A 9 11.17 -27.20 19.18
CA ASN A 9 11.83 -26.18 18.37
C ASN A 9 11.05 -24.87 18.40
N PRO A 10 11.75 -23.72 18.41
CA PRO A 10 11.10 -22.41 18.44
C PRO A 10 10.43 -22.06 17.12
N LYS A 11 9.76 -20.90 17.07
CA LYS A 11 9.08 -20.46 15.87
C LYS A 11 9.65 -19.12 15.39
N SER A 12 9.28 -18.74 14.17
CA SER A 12 9.75 -17.48 13.60
C SER A 12 8.70 -16.39 13.73
N SER A 13 7.51 -16.66 13.20
CA SER A 13 6.41 -15.70 13.25
C SER A 13 6.03 -15.40 14.69
N LEU A 14 6.03 -16.42 15.53
CA LEU A 14 5.68 -16.27 16.94
C LEU A 14 6.85 -16.65 17.84
N SER A 15 6.69 -16.46 19.14
CA SER A 15 7.74 -16.76 20.10
C SER A 15 7.64 -18.21 20.59
N GLY A 16 7.41 -19.14 19.67
CA GLY A 16 7.32 -20.54 20.03
C GLY A 16 6.07 -21.22 19.50
N PHE A 17 4.96 -20.48 19.50
CA PHE A 17 3.70 -21.02 19.01
C PHE A 17 3.04 -20.05 18.03
N VAL A 18 2.87 -20.50 16.79
CA VAL A 18 2.25 -19.68 15.76
C VAL A 18 0.91 -20.25 15.34
N ASN A 19 -0.16 -19.57 15.73
CA ASN A 19 -1.51 -20.00 15.39
C ASN A 19 -2.55 -19.01 15.92
N PRO A 20 -3.66 -18.83 15.19
CA PRO A 20 -4.73 -17.91 15.58
C PRO A 20 -5.55 -18.44 16.75
N GLN A 21 -5.20 -18.03 17.97
CA GLN A 21 -5.91 -18.46 19.16
C GLN A 21 -6.16 -17.29 20.10
N SER A 22 -6.39 -16.11 19.52
CA SER A 22 -6.65 -14.91 20.31
C SER A 22 -7.78 -14.09 19.71
N GLY A 23 -8.77 -14.78 19.15
CA GLY A 23 -9.90 -14.11 18.54
C GLY A 23 -10.24 -14.67 17.17
N ASN A 24 -10.58 -15.95 17.12
CA ASN A 24 -10.93 -16.61 15.87
C ASN A 24 -11.97 -15.80 15.09
N PRO A 25 -13.09 -15.43 15.74
CA PRO A 25 -14.16 -14.66 15.11
C PRO A 25 -13.87 -13.17 15.06
N HIS A 26 -13.29 -12.65 16.14
CA HIS A 26 -12.96 -11.24 16.23
C HIS A 26 -11.55 -10.97 15.72
N ALA A 27 -11.44 -10.15 14.69
CA ALA A 27 -10.15 -9.81 14.10
C ALA A 27 -9.41 -8.81 14.99
N PRO A 28 -8.21 -9.16 15.47
CA PRO A 28 -7.40 -8.28 16.33
C PRO A 28 -7.04 -6.97 15.64
N GLN A 29 -6.03 -7.00 14.76
CA GLN A 29 -5.60 -5.82 14.04
C GLN A 29 -5.37 -6.12 12.56
N THR A 30 -6.05 -7.14 12.05
CA THR A 30 -5.90 -7.53 10.66
C THR A 30 -6.52 -6.48 9.73
N ASN A 31 -5.93 -5.29 9.71
CA ASN A 31 -6.42 -4.21 8.86
C ASN A 31 -5.28 -3.59 8.06
N PHE A 32 -4.39 -2.90 8.76
CA PHE A 32 -3.24 -2.26 8.12
C PHE A 32 -2.23 -3.30 7.67
N ALA A 33 -1.88 -4.22 8.57
CA ALA A 33 -0.93 -5.27 8.27
C ALA A 33 -1.50 -6.27 7.26
N ASN A 34 -2.73 -6.71 7.52
CA ASN A 34 -3.41 -7.66 6.66
C ASN A 34 -3.73 -7.04 5.29
N MET A 35 -4.31 -5.84 5.29
CA MET A 35 -4.67 -5.17 4.04
C MET A 35 -5.49 -6.10 3.14
N PRO A 36 -6.57 -6.69 3.67
CA PRO A 36 -7.41 -7.62 2.93
C PRO A 36 -8.55 -6.94 2.16
N SER A 37 -8.42 -5.66 1.84
CA SER A 37 -9.48 -4.98 1.09
C SER A 37 -9.14 -4.89 -0.39
N ALA A 38 -8.14 -4.07 -0.72
CA ALA A 38 -7.70 -3.95 -2.11
C ALA A 38 -6.18 -3.96 -2.22
N ARG A 39 -5.63 -4.72 -3.16
CA ARG A 39 -4.19 -4.72 -3.38
C ARG A 39 -3.86 -4.70 -4.87
N VAL A 40 -2.95 -3.84 -5.26
CA VAL A 40 -2.54 -3.76 -6.66
C VAL A 40 -1.03 -3.59 -6.81
N THR A 41 -0.50 -3.84 -8.01
CA THR A 41 0.91 -3.62 -8.27
C THR A 41 1.07 -2.53 -9.34
N LEU A 42 1.95 -1.58 -9.07
CA LEU A 42 2.21 -0.47 -9.99
C LEU A 42 3.71 -0.18 -10.09
N PRO A 43 4.15 0.58 -11.12
CA PRO A 43 5.56 0.96 -11.31
C PRO A 43 5.96 2.08 -10.34
N LYS A 44 6.95 1.79 -9.48
CA LYS A 44 7.42 2.74 -8.47
C LYS A 44 7.80 4.12 -9.03
N SER A 45 8.23 4.16 -10.27
CA SER A 45 8.69 5.42 -10.86
C SER A 45 7.59 6.49 -10.94
N LEU A 46 6.41 6.14 -11.46
CA LEU A 46 5.31 7.10 -11.59
C LEU A 46 4.63 7.44 -10.26
N VAL A 47 4.98 6.72 -9.20
CA VAL A 47 4.39 6.96 -7.89
C VAL A 47 4.94 8.23 -7.24
N TYR A 48 6.15 8.58 -7.63
CA TYR A 48 6.86 9.74 -7.11
C TYR A 48 6.12 11.08 -7.25
N ASP A 49 5.30 11.24 -8.28
CA ASP A 49 4.66 12.55 -8.52
C ASP A 49 3.49 12.92 -7.60
N LYS A 50 2.49 12.05 -7.39
CA LYS A 50 1.36 12.38 -6.55
C LYS A 50 1.24 11.44 -5.35
N THR A 51 0.94 12.01 -4.20
CA THR A 51 0.80 11.22 -2.98
C THR A 51 -0.50 10.40 -2.93
N PHE A 52 -1.62 11.07 -2.64
CA PHE A 52 -2.91 10.41 -2.54
C PHE A 52 -3.54 10.05 -3.89
N SER A 53 -3.78 11.08 -4.71
CA SER A 53 -4.44 10.94 -5.99
C SER A 53 -3.88 9.83 -6.89
N LYS A 54 -2.69 10.05 -7.44
CA LYS A 54 -2.10 9.10 -8.37
C LYS A 54 -2.12 7.67 -7.83
N VAL A 55 -1.70 7.49 -6.60
CA VAL A 55 -1.67 6.15 -6.00
C VAL A 55 -3.01 5.45 -6.11
N LEU A 56 -4.03 6.05 -5.55
CA LEU A 56 -5.37 5.46 -5.52
C LEU A 56 -5.99 5.19 -6.90
N TRP A 57 -6.20 6.22 -7.71
CA TRP A 57 -6.86 6.04 -9.01
C TRP A 57 -6.02 5.33 -10.06
N SER A 58 -4.82 5.82 -10.25
CA SER A 58 -3.92 5.31 -11.24
C SER A 58 -3.50 3.88 -10.98
N ALA A 59 -3.10 3.63 -9.75
CA ALA A 59 -2.58 2.34 -9.41
C ALA A 59 -3.56 1.18 -9.34
N GLY A 60 -4.39 1.15 -8.31
CA GLY A 60 -5.24 -0.02 -8.14
C GLY A 60 -6.73 0.06 -8.23
N LEU A 61 -7.31 1.14 -7.76
CA LEU A 61 -8.77 1.14 -7.62
C LEU A 61 -9.63 1.96 -8.57
N VAL A 62 -9.28 3.21 -8.85
CA VAL A 62 -10.26 3.97 -9.61
C VAL A 62 -9.73 4.99 -10.63
N ALA A 63 -10.70 5.53 -11.39
CA ALA A 63 -10.52 6.53 -12.42
C ALA A 63 -10.66 7.91 -11.78
N SER A 64 -10.90 7.87 -10.48
CA SER A 64 -11.19 8.97 -9.63
C SER A 64 -10.11 10.04 -9.56
N LYS A 65 -9.07 10.02 -10.38
CA LYS A 65 -8.10 11.11 -10.27
C LYS A 65 -8.92 12.38 -10.10
N SER A 66 -10.02 12.44 -10.85
CA SER A 66 -10.99 13.50 -10.69
C SER A 66 -11.77 13.25 -9.39
N GLU A 67 -12.35 12.04 -9.29
CA GLU A 67 -13.13 11.65 -8.11
C GLU A 67 -12.24 11.52 -6.87
N GLY A 68 -11.13 10.81 -7.02
CA GLY A 68 -10.18 10.63 -5.95
C GLY A 68 -9.85 11.94 -5.31
N GLN A 69 -9.45 12.91 -6.13
CA GLN A 69 -9.14 14.24 -5.65
C GLN A 69 -10.28 14.73 -4.75
N ARG A 70 -11.51 14.57 -5.22
CA ARG A 70 -12.69 14.96 -4.45
C ARG A 70 -12.62 14.41 -3.03
N ILE A 71 -12.34 13.11 -2.91
CA ILE A 71 -12.22 12.47 -1.60
C ILE A 71 -11.13 13.16 -0.79
N ILE A 72 -9.97 13.26 -1.42
CA ILE A 72 -8.82 13.92 -0.83
C ILE A 72 -9.28 15.29 -0.33
N ASN A 73 -9.99 15.99 -1.22
CA ASN A 73 -10.57 17.29 -0.93
C ASN A 73 -11.49 17.15 0.27
N ASN A 74 -12.33 16.13 0.18
CA ASN A 74 -13.25 15.78 1.25
C ASN A 74 -12.46 15.76 2.54
N ASN A 75 -11.23 15.23 2.44
CA ASN A 75 -10.34 15.12 3.58
C ASN A 75 -10.77 14.00 4.51
N GLY A 76 -11.18 12.89 3.93
CA GLY A 76 -11.59 11.74 4.71
C GLY A 76 -10.65 10.55 4.52
N ALA A 77 -9.38 10.83 4.24
CA ALA A 77 -8.39 9.77 4.02
C ALA A 77 -7.06 10.03 4.77
N TYR A 78 -6.25 8.98 4.89
CA TYR A 78 -4.93 9.07 5.54
C TYR A 78 -3.91 8.33 4.65
N VAL A 79 -2.64 8.71 4.71
CA VAL A 79 -1.64 8.03 3.87
C VAL A 79 -0.43 7.57 4.68
N GLY A 80 -0.02 6.34 4.41
CA GLY A 80 1.11 5.76 5.10
C GLY A 80 2.10 5.07 4.20
N SER A 81 3.30 4.87 4.75
CA SER A 81 4.39 4.19 4.04
C SER A 81 5.06 3.17 4.97
N ARG A 82 5.45 2.03 4.41
CA ARG A 82 6.11 1.01 5.22
C ARG A 82 6.91 0.01 4.37
N PRO A 83 8.20 0.30 4.13
CA PRO A 83 9.08 -0.58 3.36
C PRO A 83 9.52 -1.81 4.16
N GLY A 84 9.74 -1.61 5.46
CA GLY A 84 10.17 -2.69 6.31
C GLY A 84 11.56 -2.48 6.89
N VAL A 85 11.98 -1.22 6.93
CA VAL A 85 13.31 -0.88 7.46
C VAL A 85 13.19 -0.01 8.71
N LYS A 86 12.02 -0.03 9.33
CA LYS A 86 11.77 0.78 10.53
C LYS A 86 12.90 0.65 11.55
N LYS A 87 13.80 1.62 11.52
CA LYS A 87 14.93 1.66 12.45
C LYS A 87 15.01 3.00 13.15
N ASN A 88 13.91 3.76 13.11
CA ASN A 88 13.85 5.07 13.73
C ASN A 88 13.22 4.99 15.11
N GLU A 89 14.08 4.99 16.13
CA GLU A 89 13.63 4.92 17.52
C GLU A 89 12.53 5.96 17.79
N PRO A 90 11.97 5.98 19.02
CA PRO A 90 10.91 6.92 19.38
C PRO A 90 11.11 8.32 18.79
N GLY A 91 12.36 8.79 18.81
CA GLY A 91 12.67 10.10 18.26
C GLY A 91 12.12 10.29 16.86
N GLY A 92 11.86 9.18 16.16
CA GLY A 92 11.34 9.19 14.81
C GLY A 92 12.13 10.05 13.82
N GLY A 93 12.37 11.32 14.14
CA GLY A 93 13.12 12.17 13.24
C GLY A 93 12.59 12.18 11.81
N MET A 94 11.30 12.49 11.63
CA MET A 94 10.71 12.50 10.30
C MET A 94 10.96 11.18 9.56
N PRO A 95 10.56 10.06 10.18
CA PRO A 95 10.74 8.73 9.61
C PRO A 95 9.85 8.46 8.40
N ASP A 96 10.16 7.39 7.67
CA ASP A 96 9.41 7.00 6.51
C ASP A 96 8.91 5.56 6.67
N ASP A 97 9.49 4.84 7.63
CA ASP A 97 9.10 3.47 7.90
C ASP A 97 7.60 3.41 8.06
N LEU A 98 7.07 4.46 8.67
CA LEU A 98 5.64 4.61 8.87
C LEU A 98 5.24 6.00 8.42
N THR A 99 4.12 6.12 7.75
CA THR A 99 3.69 7.44 7.29
C THR A 99 2.22 7.68 7.60
N PHE A 100 1.91 8.94 7.85
CA PHE A 100 0.57 9.38 8.10
C PHE A 100 0.31 10.63 7.29
N THR A 101 -0.85 10.73 6.68
CA THR A 101 -1.16 11.92 5.92
C THR A 101 -2.55 12.40 6.31
N PRO A 102 -2.74 13.71 6.46
CA PRO A 102 -4.03 14.24 6.85
C PRO A 102 -4.93 14.44 5.64
N ILE A 103 -4.61 13.75 4.55
CA ILE A 103 -5.40 13.79 3.33
C ILE A 103 -5.49 15.18 2.73
N LYS A 104 -4.44 15.96 2.90
CA LYS A 104 -4.41 17.30 2.35
C LYS A 104 -3.49 17.19 1.17
N THR A 105 -4.04 17.50 0.01
CA THR A 105 -3.30 17.27 -1.21
C THR A 105 -1.95 17.95 -1.27
N TRP A 106 -0.95 17.09 -1.34
CA TRP A 106 0.44 17.44 -1.50
C TRP A 106 0.97 16.46 -2.53
N ASN A 107 1.31 16.92 -3.73
CA ASN A 107 1.72 15.98 -4.76
C ASN A 107 3.13 15.45 -4.61
N ALA A 108 4.13 16.27 -4.93
CA ALA A 108 5.52 15.85 -4.88
C ALA A 108 6.13 15.71 -3.49
N SER A 109 6.12 16.78 -2.71
CA SER A 109 6.73 16.76 -1.40
C SER A 109 6.31 15.56 -0.56
N LYS A 110 5.00 15.39 -0.43
CA LYS A 110 4.46 14.30 0.37
C LYS A 110 4.70 12.93 -0.27
N THR A 111 4.38 12.81 -1.55
CA THR A 111 4.53 11.54 -2.26
C THR A 111 5.94 10.97 -2.06
N GLN A 112 6.94 11.66 -2.58
CA GLN A 112 8.33 11.22 -2.44
C GLN A 112 8.65 10.86 -0.99
N GLU A 113 8.26 11.73 -0.07
CA GLU A 113 8.53 11.52 1.35
C GLU A 113 8.13 10.11 1.81
N PHE A 114 6.87 9.75 1.59
CA PHE A 114 6.37 8.46 2.03
C PHE A 114 6.38 7.42 0.91
N ILE A 115 5.97 7.84 -0.27
CA ILE A 115 5.91 7.00 -1.45
C ILE A 115 7.24 6.44 -1.88
N ILE A 116 8.26 6.62 -1.07
CA ILE A 116 9.54 6.05 -1.44
C ILE A 116 9.23 4.59 -1.70
N ASP A 117 8.39 4.06 -0.82
CA ASP A 117 7.83 2.73 -0.97
C ASP A 117 8.76 1.76 -1.65
N GLY A 118 9.96 1.55 -1.14
CA GLY A 118 10.80 0.60 -1.83
C GLY A 118 10.03 -0.67 -2.04
N ASP A 119 9.34 -1.10 -0.98
CA ASP A 119 8.49 -2.26 -1.08
C ASP A 119 7.02 -1.94 -0.75
N LEU A 120 6.72 -0.79 -0.11
CA LEU A 120 5.33 -0.53 0.27
C LEU A 120 4.82 0.88 0.09
N LEU A 121 3.59 0.93 -0.37
CA LEU A 121 2.83 2.15 -0.48
C LEU A 121 1.45 1.83 0.07
N ILE A 122 0.90 2.68 0.92
CA ILE A 122 -0.44 2.42 1.45
C ILE A 122 -1.31 3.66 1.41
N LEU A 123 -2.53 3.46 1.00
CA LEU A 123 -3.49 4.54 0.97
C LEU A 123 -4.78 4.06 1.59
N LYS A 124 -5.38 4.85 2.44
CA LYS A 124 -6.64 4.45 3.01
C LYS A 124 -7.65 5.56 2.89
N LEU A 125 -8.86 5.22 2.48
CA LEU A 125 -9.91 6.21 2.37
C LEU A 125 -11.07 5.77 3.24
N GLY A 126 -11.57 6.70 4.04
CA GLY A 126 -12.65 6.42 4.93
C GLY A 126 -14.01 6.60 4.32
N LYS A 127 -14.05 7.04 3.07
CA LYS A 127 -15.34 7.21 2.45
C LYS A 127 -15.93 5.85 2.18
N TRP A 128 -15.15 4.96 1.57
CA TRP A 128 -15.63 3.61 1.36
C TRP A 128 -14.57 2.53 1.54
N LYS A 129 -13.41 2.68 0.89
CA LYS A 129 -12.40 1.63 0.93
C LYS A 129 -10.97 2.14 1.04
N MET A 130 -10.10 1.22 1.39
CA MET A 130 -8.69 1.48 1.45
C MET A 130 -8.03 0.71 0.31
N LYS A 131 -7.14 1.38 -0.37
CA LYS A 131 -6.42 0.79 -1.48
C LYS A 131 -4.95 0.76 -1.09
N LEU A 132 -4.32 -0.36 -1.32
CA LEU A 132 -2.93 -0.53 -1.00
C LEU A 132 -2.18 -0.88 -2.26
N VAL A 133 -1.05 -0.27 -2.44
CA VAL A 133 -0.26 -0.51 -3.63
C VAL A 133 1.20 -0.79 -3.29
N SER A 134 1.78 -1.79 -3.96
CA SER A 134 3.18 -2.10 -3.77
C SER A 134 3.92 -1.63 -5.01
N ILE A 135 5.05 -0.95 -4.85
CA ILE A 135 5.76 -0.44 -5.99
C ILE A 135 7.26 -0.66 -5.93
N VAL A 136 7.80 -1.08 -7.05
CA VAL A 136 9.23 -1.32 -7.18
C VAL A 136 9.78 -0.69 -8.46
N SER A 137 10.92 -0.05 -8.34
CA SER A 137 11.56 0.59 -9.49
C SER A 137 12.35 -0.43 -10.30
N ASP A 138 12.67 -0.08 -11.54
CA ASP A 138 13.44 -0.96 -12.42
C ASP A 138 14.70 -1.47 -11.72
N GLU A 139 15.46 -0.56 -11.13
CA GLU A 139 16.70 -0.92 -10.45
C GLU A 139 16.47 -2.04 -9.43
N LYS A 140 15.45 -1.87 -8.60
CA LYS A 140 15.12 -2.87 -7.58
C LYS A 140 14.86 -4.22 -8.22
N PHE A 141 14.03 -4.21 -9.25
CA PHE A 141 13.70 -5.44 -9.97
C PHE A 141 14.97 -6.18 -10.37
N LYS A 142 15.91 -5.47 -10.95
CA LYS A 142 17.17 -6.07 -11.37
C LYS A 142 17.78 -6.84 -10.19
N GLU A 143 17.86 -6.17 -9.06
CA GLU A 143 18.42 -6.75 -7.84
C GLU A 143 17.83 -8.11 -7.50
N LEU A 144 16.50 -8.21 -7.52
CA LEU A 144 15.83 -9.47 -7.15
C LEU A 144 15.99 -10.56 -8.22
N GLY A 145 15.56 -10.27 -9.42
CA GLY A 145 15.62 -11.20 -10.53
C GLY A 145 16.94 -11.17 -11.26
N LEU A 146 17.94 -10.50 -10.70
CA LEU A 146 19.24 -10.35 -11.36
C LEU A 146 19.79 -11.68 -11.90
N THR A 147 19.21 -12.81 -11.49
CA THR A 147 19.67 -14.10 -12.01
C THR A 147 18.66 -14.65 -13.01
N ALA A 148 18.49 -13.94 -14.12
CA ALA A 148 17.58 -14.36 -15.16
C ALA A 148 18.25 -14.24 -16.53
N PRO A 149 17.50 -14.46 -17.62
CA PRO A 149 18.04 -14.35 -18.97
C PRO A 149 18.19 -12.89 -19.40
N GLY A 150 17.28 -12.04 -18.91
CA GLY A 150 17.33 -10.62 -19.25
C GLY A 150 18.48 -9.89 -18.58
N TRP A 151 18.62 -10.09 -17.27
CA TRP A 151 19.67 -9.44 -16.51
C TRP A 151 21.03 -10.02 -16.85
N ASP A 152 21.12 -11.32 -16.86
CA ASP A 152 22.37 -12.00 -17.17
C ASP A 152 22.97 -11.44 -18.45
N GLU A 153 22.20 -11.50 -19.51
CA GLU A 153 22.64 -11.00 -20.81
C GLU A 153 23.04 -9.52 -20.77
N VAL A 154 22.10 -8.65 -20.44
CA VAL A 154 22.37 -7.20 -20.42
C VAL A 154 23.40 -6.76 -19.37
N VAL A 155 22.99 -6.82 -18.12
CA VAL A 155 23.82 -6.41 -16.99
C VAL A 155 25.15 -7.16 -16.93
N GLY A 156 25.08 -8.48 -16.89
CA GLY A 156 26.27 -9.29 -16.81
C GLY A 156 27.15 -9.19 -18.03
N LYS A 157 26.64 -9.62 -19.18
CA LYS A 157 27.40 -9.58 -20.41
C LYS A 157 27.75 -8.14 -20.78
N GLY A 158 26.76 -7.27 -20.77
CA GLY A 158 27.00 -5.88 -21.09
C GLY A 158 27.18 -5.65 -22.58
N LYS A 159 26.19 -6.07 -23.37
CA LYS A 159 26.25 -5.90 -24.83
C LYS A 159 26.18 -4.43 -25.21
N GLU A 160 25.49 -3.64 -24.39
CA GLU A 160 25.33 -2.22 -24.65
C GLU A 160 26.68 -1.49 -24.51
N GLU A 161 26.68 -0.20 -24.79
CA GLU A 161 27.89 0.61 -24.69
C GLU A 161 28.27 0.85 -23.23
N PRO A 162 27.39 1.51 -22.46
CA PRO A 162 27.64 1.80 -21.04
C PRO A 162 27.56 0.56 -20.17
N SER A 163 28.71 -0.06 -19.92
CA SER A 163 28.76 -1.27 -19.10
C SER A 163 28.60 -0.92 -17.62
N PRO A 164 28.16 -1.89 -16.81
CA PRO A 164 27.96 -1.69 -15.36
C PRO A 164 29.20 -1.11 -14.69
N MET A 1 -24.80 -11.83 -14.14
CA MET A 1 -24.61 -13.15 -14.81
C MET A 1 -24.24 -12.97 -16.28
N PRO A 2 -22.93 -12.86 -16.58
CA PRO A 2 -22.46 -12.69 -17.95
C PRO A 2 -23.01 -13.75 -18.89
N ARG A 3 -23.76 -13.30 -19.90
CA ARG A 3 -24.35 -14.21 -20.87
C ARG A 3 -23.27 -14.88 -21.73
N THR A 4 -22.14 -14.22 -21.87
CA THR A 4 -21.03 -14.75 -22.66
C THR A 4 -20.38 -15.93 -21.94
N ALA A 5 -20.04 -15.74 -20.67
CA ALA A 5 -19.41 -16.80 -19.89
C ALA A 5 -20.31 -18.02 -19.78
N SER A 6 -19.86 -19.14 -20.35
CA SER A 6 -20.63 -20.37 -20.32
C SER A 6 -20.28 -21.20 -19.08
N PRO A 7 -21.25 -21.98 -18.57
CA PRO A 7 -21.05 -22.83 -17.39
C PRO A 7 -20.11 -24.00 -17.67
N GLY A 8 -20.05 -24.94 -16.73
CA GLY A 8 -19.19 -26.09 -16.90
C GLY A 8 -17.79 -25.86 -16.35
N ASN A 9 -17.71 -25.51 -15.07
CA ASN A 9 -16.42 -25.26 -14.43
C ASN A 9 -16.50 -25.54 -12.93
N PRO A 10 -15.35 -25.82 -12.29
CA PRO A 10 -15.29 -26.11 -10.86
C PRO A 10 -15.60 -24.88 -10.01
N LYS A 11 -16.66 -24.97 -9.21
CA LYS A 11 -17.06 -23.87 -8.35
C LYS A 11 -16.58 -24.09 -6.92
N SER A 12 -15.86 -23.10 -6.38
CA SER A 12 -15.34 -23.18 -5.03
C SER A 12 -16.27 -22.48 -4.04
N SER A 13 -16.24 -21.14 -4.08
CA SER A 13 -17.07 -20.34 -3.19
C SER A 13 -18.15 -19.60 -3.98
N LEU A 14 -18.63 -20.24 -5.05
CA LEU A 14 -19.67 -19.65 -5.89
C LEU A 14 -20.73 -20.67 -6.24
N SER A 15 -21.67 -20.88 -5.33
CA SER A 15 -22.75 -21.84 -5.55
C SER A 15 -24.00 -21.14 -6.10
N GLY A 16 -23.78 -20.24 -7.05
CA GLY A 16 -24.88 -19.50 -7.63
C GLY A 16 -24.64 -18.01 -7.65
N PHE A 17 -23.96 -17.53 -6.60
CA PHE A 17 -23.65 -16.11 -6.49
C PHE A 17 -22.15 -15.89 -6.61
N VAL A 18 -21.74 -15.16 -7.64
CA VAL A 18 -20.33 -14.88 -7.86
C VAL A 18 -20.02 -13.40 -7.66
N ASN A 19 -19.34 -13.08 -6.57
CA ASN A 19 -18.97 -11.71 -6.26
C ASN A 19 -18.16 -11.65 -4.97
N PRO A 20 -16.82 -11.83 -5.08
CA PRO A 20 -15.92 -11.80 -3.93
C PRO A 20 -15.89 -10.43 -3.26
N GLN A 21 -15.51 -10.39 -1.99
CA GLN A 21 -15.43 -9.15 -1.24
C GLN A 21 -14.09 -8.46 -1.46
N SER A 22 -13.01 -9.21 -1.28
CA SER A 22 -11.67 -8.67 -1.48
C SER A 22 -10.78 -9.67 -2.21
N GLY A 23 -10.83 -10.93 -1.77
CA GLY A 23 -10.04 -11.97 -2.39
C GLY A 23 -9.20 -12.74 -1.38
N ASN A 24 -8.61 -12.02 -0.44
CA ASN A 24 -7.77 -12.64 0.60
C ASN A 24 -6.77 -13.62 -0.02
N PRO A 25 -5.97 -13.18 -1.01
CA PRO A 25 -4.98 -14.04 -1.65
C PRO A 25 -4.00 -14.66 -0.66
N HIS A 26 -3.14 -13.84 -0.07
CA HIS A 26 -2.17 -14.31 0.90
C HIS A 26 -2.29 -13.55 2.22
N ALA A 27 -3.19 -14.00 3.08
CA ALA A 27 -3.40 -13.36 4.37
C ALA A 27 -3.63 -14.39 5.48
N PRO A 28 -2.93 -14.27 6.62
CA PRO A 28 -3.07 -15.19 7.74
C PRO A 28 -4.51 -15.23 8.26
N GLN A 29 -4.94 -14.14 8.89
CA GLN A 29 -6.29 -14.05 9.42
C GLN A 29 -6.91 -12.70 9.09
N THR A 30 -6.45 -11.65 9.77
CA THR A 30 -6.95 -10.31 9.52
C THR A 30 -5.82 -9.29 9.51
N ASN A 31 -4.94 -9.43 8.53
CA ASN A 31 -3.80 -8.53 8.38
C ASN A 31 -3.72 -8.04 6.94
N PHE A 32 -3.37 -8.97 6.06
CA PHE A 32 -3.26 -8.71 4.64
C PHE A 32 -4.63 -8.49 4.02
N ALA A 33 -5.56 -9.38 4.35
CA ALA A 33 -6.91 -9.34 3.80
C ALA A 33 -7.78 -8.20 4.34
N ASN A 34 -7.80 -8.00 5.66
CA ASN A 34 -8.67 -6.98 6.26
C ASN A 34 -8.29 -5.53 5.93
N MET A 35 -7.22 -5.02 6.55
CA MET A 35 -6.81 -3.63 6.29
C MET A 35 -6.65 -3.37 4.80
N PRO A 36 -5.85 -4.21 4.13
CA PRO A 36 -5.56 -4.13 2.70
C PRO A 36 -6.60 -4.85 1.85
N SER A 37 -7.88 -4.64 2.18
CA SER A 37 -8.98 -5.29 1.48
C SER A 37 -8.70 -5.42 -0.02
N ALA A 38 -8.06 -4.41 -0.59
CA ALA A 38 -7.71 -4.47 -2.00
C ALA A 38 -6.26 -4.04 -2.21
N ARG A 39 -5.52 -4.79 -3.03
CA ARG A 39 -4.14 -4.47 -3.31
C ARG A 39 -3.79 -4.61 -4.79
N VAL A 40 -3.09 -3.63 -5.32
CA VAL A 40 -2.65 -3.65 -6.71
C VAL A 40 -1.18 -3.22 -6.82
N THR A 41 -0.54 -3.51 -7.95
CA THR A 41 0.85 -3.09 -8.15
C THR A 41 1.01 -2.24 -9.41
N LEU A 42 1.77 -1.15 -9.27
CA LEU A 42 2.03 -0.23 -10.37
C LEU A 42 3.51 0.14 -10.41
N PRO A 43 4.00 0.69 -11.54
CA PRO A 43 5.41 1.08 -11.68
C PRO A 43 5.85 2.07 -10.60
N LYS A 44 6.84 1.68 -9.80
CA LYS A 44 7.36 2.52 -8.72
C LYS A 44 7.85 3.88 -9.23
N SER A 45 8.32 3.93 -10.46
CA SER A 45 8.84 5.17 -11.03
C SER A 45 7.85 6.33 -10.90
N LEU A 46 6.60 6.11 -11.28
CA LEU A 46 5.57 7.16 -11.22
C LEU A 46 5.13 7.44 -9.78
N VAL A 47 5.58 6.60 -8.86
CA VAL A 47 5.24 6.73 -7.45
C VAL A 47 5.71 8.07 -6.90
N TYR A 48 6.72 8.62 -7.55
CA TYR A 48 7.34 9.85 -7.14
C TYR A 48 6.49 11.12 -7.38
N ASP A 49 5.63 11.13 -8.41
CA ASP A 49 4.89 12.37 -8.72
C ASP A 49 3.73 12.73 -7.76
N LYS A 50 2.80 11.80 -7.49
CA LYS A 50 1.69 12.11 -6.59
C LYS A 50 1.66 11.18 -5.39
N THR A 51 1.48 11.74 -4.22
CA THR A 51 1.44 10.94 -3.00
C THR A 51 0.15 10.11 -2.88
N PHE A 52 -0.95 10.78 -2.51
CA PHE A 52 -2.26 10.12 -2.34
C PHE A 52 -2.96 9.76 -3.65
N SER A 53 -3.22 10.78 -4.45
CA SER A 53 -3.95 10.66 -5.70
C SER A 53 -3.49 9.54 -6.62
N LYS A 54 -2.34 9.72 -7.24
CA LYS A 54 -1.85 8.74 -8.20
C LYS A 54 -1.91 7.33 -7.67
N VAL A 55 -1.40 7.12 -6.47
CA VAL A 55 -1.38 5.81 -5.87
C VAL A 55 -2.77 5.16 -5.84
N LEU A 56 -3.70 5.80 -5.18
CA LEU A 56 -5.04 5.25 -5.05
C LEU A 56 -5.81 5.02 -6.37
N TRP A 57 -6.07 6.08 -7.12
CA TRP A 57 -6.85 5.95 -8.35
C TRP A 57 -6.12 5.28 -9.50
N SER A 58 -4.97 5.81 -9.81
CA SER A 58 -4.17 5.34 -10.92
C SER A 58 -3.67 3.93 -10.72
N ALA A 59 -3.11 3.69 -9.55
CA ALA A 59 -2.49 2.43 -9.28
C ALA A 59 -3.41 1.23 -9.09
N GLY A 60 -4.12 1.17 -7.97
CA GLY A 60 -4.87 -0.02 -7.68
C GLY A 60 -6.38 0.00 -7.63
N LEU A 61 -6.98 1.07 -7.16
CA LEU A 61 -8.42 0.99 -6.92
C LEU A 61 -9.38 1.69 -7.85
N VAL A 62 -9.17 2.95 -8.21
CA VAL A 62 -10.24 3.60 -8.95
C VAL A 62 -9.87 4.75 -9.89
N ALA A 63 -10.88 5.18 -10.63
CA ALA A 63 -10.87 6.29 -11.58
C ALA A 63 -10.68 7.61 -10.83
N SER A 64 -10.50 7.48 -9.53
CA SER A 64 -10.47 8.56 -8.59
C SER A 64 -9.42 9.64 -8.84
N LYS A 65 -8.71 9.64 -9.97
CA LYS A 65 -7.80 10.76 -10.17
C LYS A 65 -8.62 11.99 -9.80
N SER A 66 -9.82 12.06 -10.36
CA SER A 66 -10.81 13.08 -10.02
C SER A 66 -11.45 12.76 -8.65
N GLU A 67 -12.04 11.55 -8.56
CA GLU A 67 -12.71 11.10 -7.34
C GLU A 67 -11.79 11.09 -6.14
N GLY A 68 -10.61 10.52 -6.34
CA GLY A 68 -9.60 10.43 -5.30
C GLY A 68 -9.40 11.75 -4.62
N GLN A 69 -9.07 12.76 -5.40
CA GLN A 69 -8.88 14.09 -4.86
C GLN A 69 -10.05 14.43 -3.94
N ARG A 70 -11.27 14.18 -4.42
CA ARG A 70 -12.47 14.43 -3.64
C ARG A 70 -12.35 13.80 -2.24
N ILE A 71 -11.95 12.54 -2.20
CA ILE A 71 -11.78 11.83 -0.93
C ILE A 71 -10.80 12.58 -0.05
N ILE A 72 -9.62 12.79 -0.61
CA ILE A 72 -8.56 13.52 0.06
C ILE A 72 -9.15 14.83 0.58
N ASN A 73 -9.88 15.49 -0.33
CA ASN A 73 -10.58 16.74 -0.02
C ASN A 73 -11.50 16.49 1.15
N ASN A 74 -12.26 15.40 1.02
CA ASN A 74 -13.16 14.95 2.07
C ASN A 74 -12.39 14.96 3.38
N ASN A 75 -11.13 14.53 3.29
CA ASN A 75 -10.24 14.47 4.43
C ASN A 75 -10.60 13.31 5.34
N GLY A 76 -10.94 12.20 4.71
CA GLY A 76 -11.29 11.00 5.45
C GLY A 76 -10.27 9.90 5.20
N ALA A 77 -9.06 10.28 4.77
CA ALA A 77 -8.01 9.31 4.49
C ALA A 77 -6.66 9.72 5.10
N TYR A 78 -5.76 8.75 5.19
CA TYR A 78 -4.41 8.96 5.69
C TYR A 78 -3.44 8.26 4.75
N VAL A 79 -2.16 8.62 4.81
CA VAL A 79 -1.18 8.00 3.94
C VAL A 79 0.06 7.51 4.70
N GLY A 80 0.47 6.29 4.37
CA GLY A 80 1.61 5.68 5.01
C GLY A 80 2.58 5.04 4.06
N SER A 81 3.84 4.96 4.49
CA SER A 81 4.90 4.34 3.69
C SER A 81 5.75 3.41 4.53
N ARG A 82 6.07 2.23 3.99
CA ARG A 82 6.91 1.29 4.72
C ARG A 82 7.55 0.25 3.81
N PRO A 83 8.77 0.53 3.29
CA PRO A 83 9.49 -0.41 2.42
C PRO A 83 10.17 -1.52 3.21
N GLY A 84 9.40 -2.19 4.06
CA GLY A 84 9.95 -3.27 4.87
C GLY A 84 10.96 -2.78 5.90
N VAL A 85 11.02 -1.46 6.08
CA VAL A 85 11.95 -0.85 7.04
C VAL A 85 11.20 -0.14 8.15
N LYS A 86 9.93 -0.47 8.33
CA LYS A 86 9.09 0.15 9.35
C LYS A 86 9.82 0.24 10.69
N LYS A 87 9.99 1.47 11.17
CA LYS A 87 10.67 1.73 12.43
C LYS A 87 9.82 2.62 13.33
N ASN A 88 8.50 2.50 13.20
CA ASN A 88 7.57 3.30 13.99
C ASN A 88 8.10 3.54 15.39
N GLU A 89 8.69 4.71 15.55
CA GLU A 89 9.27 5.12 16.83
C GLU A 89 8.84 6.54 17.20
N PRO A 90 8.97 6.90 18.50
CA PRO A 90 8.62 8.21 19.05
C PRO A 90 8.66 9.38 18.05
N GLY A 91 7.91 9.27 16.97
CA GLY A 91 7.89 10.32 15.96
C GLY A 91 9.28 10.72 15.50
N GLY A 92 10.04 9.72 15.06
CA GLY A 92 11.40 9.92 14.57
C GLY A 92 11.56 11.00 13.51
N GLY A 93 11.11 12.22 13.81
CA GLY A 93 11.24 13.29 12.83
C GLY A 93 10.63 12.98 11.48
N MET A 94 9.34 12.60 11.47
CA MET A 94 8.64 12.27 10.22
C MET A 94 9.38 11.22 9.41
N PRO A 95 9.66 10.05 10.02
CA PRO A 95 10.35 8.95 9.37
C PRO A 95 9.73 8.58 8.03
N ASP A 96 10.44 7.77 7.26
CA ASP A 96 9.97 7.32 5.97
C ASP A 96 9.65 5.83 6.06
N ASP A 97 10.26 5.18 7.05
CA ASP A 97 10.02 3.77 7.28
C ASP A 97 8.53 3.56 7.47
N LEU A 98 7.93 4.48 8.21
CA LEU A 98 6.50 4.46 8.46
C LEU A 98 5.94 5.85 8.19
N THR A 99 4.77 5.94 7.59
CA THR A 99 4.19 7.23 7.34
C THR A 99 2.72 7.31 7.72
N PHE A 100 2.34 8.50 8.10
CA PHE A 100 0.98 8.82 8.43
C PHE A 100 0.67 10.13 7.74
N THR A 101 -0.49 10.25 7.15
CA THR A 101 -0.80 11.50 6.48
C THR A 101 -2.17 11.98 6.87
N PRO A 102 -2.32 13.28 7.11
CA PRO A 102 -3.60 13.83 7.46
C PRO A 102 -4.44 14.13 6.23
N ILE A 103 -4.02 13.59 5.08
CA ILE A 103 -4.77 13.73 3.85
C ILE A 103 -4.78 15.16 3.25
N LYS A 104 -3.69 15.89 3.41
CA LYS A 104 -3.64 17.26 2.87
C LYS A 104 -2.81 17.25 1.60
N THR A 105 -3.14 18.12 0.65
CA THR A 105 -2.50 18.06 -0.65
C THR A 105 -1.02 18.47 -0.68
N TRP A 106 -0.23 17.48 -1.03
CA TRP A 106 1.20 17.59 -1.27
C TRP A 106 1.49 16.68 -2.45
N ASN A 107 2.06 17.17 -3.55
CA ASN A 107 2.27 16.25 -4.65
C ASN A 107 3.62 15.55 -4.62
N ALA A 108 4.67 16.26 -4.99
CA ALA A 108 6.02 15.69 -5.01
C ALA A 108 6.69 15.53 -3.64
N SER A 109 6.70 16.60 -2.86
CA SER A 109 7.37 16.58 -1.57
C SER A 109 7.01 15.37 -0.71
N LYS A 110 5.72 15.19 -0.45
CA LYS A 110 5.26 14.09 0.39
C LYS A 110 5.45 12.75 -0.27
N THR A 111 5.02 12.63 -1.52
CA THR A 111 5.13 11.38 -2.26
C THR A 111 6.54 10.80 -2.19
N GLN A 112 7.50 11.46 -2.82
CA GLN A 112 8.87 11.00 -2.82
C GLN A 112 9.36 10.70 -1.41
N GLU A 113 9.10 11.60 -0.48
CA GLU A 113 9.55 11.43 0.91
C GLU A 113 9.19 10.05 1.45
N PHE A 114 7.90 9.78 1.54
CA PHE A 114 7.41 8.51 2.08
C PHE A 114 7.09 7.51 0.99
N ILE A 115 6.31 7.97 0.03
CA ILE A 115 5.87 7.16 -1.10
C ILE A 115 7.02 6.60 -1.91
N ILE A 116 8.23 6.73 -1.39
CA ILE A 116 9.36 6.18 -2.10
C ILE A 116 8.98 4.75 -2.35
N ASP A 117 8.32 4.18 -1.35
CA ASP A 117 7.74 2.86 -1.45
C ASP A 117 8.56 1.94 -2.32
N GLY A 118 9.84 1.83 -2.02
CA GLY A 118 10.66 0.96 -2.83
C GLY A 118 9.99 -0.39 -2.93
N ASP A 119 9.51 -0.89 -1.78
CA ASP A 119 8.77 -2.13 -1.78
C ASP A 119 7.34 -1.95 -1.27
N LEU A 120 7.02 -0.83 -0.59
CA LEU A 120 5.67 -0.66 -0.08
C LEU A 120 5.11 0.73 -0.19
N LEU A 121 3.87 0.80 -0.60
CA LEU A 121 3.13 2.02 -0.67
C LEU A 121 1.77 1.72 -0.06
N ILE A 122 1.27 2.54 0.83
CA ILE A 122 -0.05 2.29 1.42
C ILE A 122 -0.92 3.52 1.46
N LEU A 123 -2.17 3.34 1.11
CA LEU A 123 -3.13 4.40 1.14
C LEU A 123 -4.38 3.87 1.81
N LYS A 124 -4.96 4.64 2.70
CA LYS A 124 -6.18 4.18 3.33
C LYS A 124 -7.22 5.28 3.33
N LEU A 125 -8.45 4.93 2.98
CA LEU A 125 -9.53 5.89 2.99
C LEU A 125 -10.63 5.34 3.89
N GLY A 126 -11.11 6.19 4.78
CA GLY A 126 -12.12 5.78 5.72
C GLY A 126 -13.53 6.00 5.26
N LYS A 127 -13.71 6.58 4.09
CA LYS A 127 -15.06 6.78 3.62
C LYS A 127 -15.63 5.46 3.14
N TRP A 128 -14.85 4.73 2.35
CA TRP A 128 -15.31 3.43 1.89
C TRP A 128 -14.25 2.32 1.90
N LYS A 129 -13.09 2.56 1.30
CA LYS A 129 -12.10 1.51 1.18
C LYS A 129 -10.67 1.98 1.41
N MET A 130 -9.82 1.01 1.61
CA MET A 130 -8.40 1.23 1.73
C MET A 130 -7.75 0.46 0.60
N LYS A 131 -6.82 1.11 -0.05
CA LYS A 131 -6.11 0.51 -1.14
C LYS A 131 -4.63 0.53 -0.82
N LEU A 132 -4.00 -0.60 -1.02
CA LEU A 132 -2.60 -0.73 -0.77
C LEU A 132 -1.94 -1.10 -2.07
N VAL A 133 -0.83 -0.48 -2.36
CA VAL A 133 -0.14 -0.73 -3.59
C VAL A 133 1.34 -0.98 -3.37
N SER A 134 1.88 -1.98 -4.06
CA SER A 134 3.29 -2.29 -3.97
C SER A 134 3.94 -1.92 -5.30
N ILE A 135 5.09 -1.27 -5.26
CA ILE A 135 5.74 -0.87 -6.49
C ILE A 135 7.22 -1.18 -6.52
N VAL A 136 7.67 -1.53 -7.72
CA VAL A 136 9.08 -1.85 -7.95
C VAL A 136 9.59 -1.13 -9.19
N SER A 137 10.79 -0.59 -9.09
CA SER A 137 11.40 0.13 -10.20
C SER A 137 11.80 -0.84 -11.30
N ASP A 138 11.50 -0.48 -12.55
CA ASP A 138 11.82 -1.31 -13.69
C ASP A 138 13.29 -1.73 -13.65
N GLU A 139 14.16 -0.74 -13.47
CA GLU A 139 15.60 -0.99 -13.42
C GLU A 139 15.93 -2.09 -12.40
N LYS A 140 15.40 -1.95 -11.19
CA LYS A 140 15.63 -2.95 -10.14
C LYS A 140 15.32 -4.33 -10.70
N PHE A 141 14.17 -4.42 -11.33
CA PHE A 141 13.73 -5.66 -11.94
C PHE A 141 14.84 -6.21 -12.82
N LYS A 142 15.42 -5.38 -13.66
CA LYS A 142 16.50 -5.79 -14.54
C LYS A 142 17.56 -6.53 -13.72
N GLU A 143 17.93 -5.94 -12.59
CA GLU A 143 18.94 -6.53 -11.71
C GLU A 143 18.61 -7.98 -11.34
N LEU A 144 17.46 -8.20 -10.70
CA LEU A 144 17.08 -9.56 -10.29
C LEU A 144 16.92 -10.52 -11.48
N GLY A 145 15.98 -10.19 -12.33
CA GLY A 145 15.68 -10.96 -13.53
C GLY A 145 16.68 -10.74 -14.66
N LEU A 146 17.83 -10.14 -14.34
CA LEU A 146 18.81 -9.79 -15.37
C LEU A 146 19.10 -10.94 -16.33
N THR A 147 18.72 -12.16 -15.97
CA THR A 147 18.90 -13.28 -16.89
C THR A 147 17.61 -14.06 -17.04
N ALA A 148 16.61 -13.41 -17.62
CA ALA A 148 15.32 -14.02 -17.86
C ALA A 148 14.86 -13.77 -19.29
N PRO A 149 13.99 -14.63 -19.84
CA PRO A 149 13.47 -14.45 -21.20
C PRO A 149 12.76 -13.11 -21.35
N GLY A 150 12.37 -12.53 -20.21
CA GLY A 150 11.69 -11.25 -20.21
C GLY A 150 12.54 -10.14 -20.79
N TRP A 151 13.78 -10.02 -20.34
CA TRP A 151 14.68 -8.98 -20.82
C TRP A 151 15.04 -9.19 -22.28
N ASP A 152 15.40 -10.40 -22.63
CA ASP A 152 15.78 -10.73 -23.98
C ASP A 152 14.72 -10.26 -24.96
N GLU A 153 13.50 -10.71 -24.75
CA GLU A 153 12.39 -10.35 -25.60
C GLU A 153 12.13 -8.85 -25.65
N VAL A 154 11.78 -8.28 -24.51
CA VAL A 154 11.48 -6.85 -24.39
C VAL A 154 12.55 -5.94 -24.99
N VAL A 155 13.69 -5.88 -24.34
CA VAL A 155 14.80 -5.02 -24.72
C VAL A 155 15.48 -5.47 -26.01
N GLY A 156 16.04 -6.68 -26.00
CA GLY A 156 16.74 -7.19 -27.17
C GLY A 156 15.89 -7.24 -28.41
N LYS A 157 14.82 -8.02 -28.36
CA LYS A 157 13.92 -8.15 -29.50
C LYS A 157 13.14 -6.85 -29.72
N GLY A 158 12.22 -6.57 -28.81
CA GLY A 158 11.42 -5.36 -28.93
C GLY A 158 10.10 -5.59 -29.63
N LYS A 159 9.34 -6.56 -29.14
CA LYS A 159 8.04 -6.89 -29.72
C LYS A 159 7.11 -5.68 -29.69
N GLU A 160 7.26 -4.85 -28.67
CA GLU A 160 6.43 -3.66 -28.52
C GLU A 160 7.09 -2.45 -29.17
N GLU A 161 6.35 -1.35 -29.26
CA GLU A 161 6.85 -0.13 -29.87
C GLU A 161 8.06 0.40 -29.11
N PRO A 162 7.89 0.73 -27.81
CA PRO A 162 8.98 1.25 -26.98
C PRO A 162 10.00 0.18 -26.63
N SER A 163 11.24 0.37 -27.07
CA SER A 163 12.31 -0.58 -26.82
C SER A 163 13.27 -0.04 -25.76
N PRO A 164 12.98 -0.27 -24.47
CA PRO A 164 13.82 0.19 -23.37
C PRO A 164 15.15 -0.55 -23.31
N MET A 1 -7.36 -59.17 28.59
CA MET A 1 -7.63 -60.45 27.89
C MET A 1 -7.71 -60.25 26.38
N PRO A 2 -7.31 -61.27 25.60
CA PRO A 2 -7.34 -61.19 24.14
C PRO A 2 -8.76 -61.21 23.58
N ARG A 3 -9.67 -61.84 24.32
CA ARG A 3 -11.06 -61.93 23.91
C ARG A 3 -11.84 -60.67 24.30
N THR A 4 -11.38 -60.00 25.35
CA THR A 4 -12.02 -58.78 25.83
C THR A 4 -11.54 -57.56 25.06
N ALA A 5 -10.28 -57.61 24.61
CA ALA A 5 -9.70 -56.51 23.86
C ALA A 5 -10.36 -56.37 22.48
N SER A 6 -10.92 -55.20 22.22
CA SER A 6 -11.59 -54.94 20.95
C SER A 6 -10.85 -53.86 20.16
N PRO A 7 -9.97 -54.26 19.21
CA PRO A 7 -9.20 -53.32 18.40
C PRO A 7 -10.10 -52.34 17.65
N GLY A 8 -9.48 -51.37 16.97
CA GLY A 8 -10.24 -50.39 16.23
C GLY A 8 -10.07 -48.98 16.79
N ASN A 9 -8.83 -48.53 16.87
CA ASN A 9 -8.54 -47.19 17.38
C ASN A 9 -7.17 -46.71 16.91
N PRO A 10 -7.06 -45.39 16.61
CA PRO A 10 -5.79 -44.81 16.14
C PRO A 10 -4.76 -44.69 17.26
N LYS A 11 -3.63 -45.35 17.07
CA LYS A 11 -2.55 -45.33 18.06
C LYS A 11 -1.27 -44.75 17.48
N SER A 12 -0.19 -44.80 18.26
CA SER A 12 1.10 -44.29 17.82
C SER A 12 1.96 -45.41 17.24
N SER A 13 1.32 -46.48 16.78
CA SER A 13 2.01 -47.63 16.20
C SER A 13 2.51 -47.34 14.78
N LEU A 14 3.10 -46.16 14.57
CA LEU A 14 3.63 -45.76 13.27
C LEU A 14 4.25 -46.95 12.54
N SER A 15 4.24 -46.89 11.21
CA SER A 15 4.81 -47.95 10.40
C SER A 15 6.23 -47.60 9.96
N GLY A 16 6.90 -46.77 10.76
CA GLY A 16 8.25 -46.38 10.43
C GLY A 16 8.43 -44.87 10.48
N PHE A 17 7.34 -44.15 10.27
CA PHE A 17 7.39 -42.69 10.30
C PHE A 17 6.53 -42.13 11.43
N VAL A 18 7.18 -41.46 12.37
CA VAL A 18 6.48 -40.87 13.50
C VAL A 18 6.56 -39.35 13.46
N ASN A 19 5.44 -38.72 13.16
CA ASN A 19 5.39 -37.26 13.09
C ASN A 19 3.97 -36.77 12.78
N PRO A 20 3.57 -35.62 13.36
CA PRO A 20 2.23 -35.05 13.15
C PRO A 20 1.95 -34.81 11.67
N GLN A 21 0.71 -34.39 11.38
CA GLN A 21 0.31 -34.12 10.01
C GLN A 21 0.06 -32.64 9.80
N SER A 22 0.88 -31.81 10.43
CA SER A 22 0.75 -30.35 10.32
C SER A 22 0.67 -29.92 8.86
N GLY A 23 1.69 -30.26 8.08
CA GLY A 23 1.70 -29.90 6.67
C GLY A 23 2.49 -28.64 6.40
N ASN A 24 2.68 -27.82 7.43
CA ASN A 24 3.42 -26.57 7.29
C ASN A 24 2.88 -25.74 6.12
N PRO A 25 1.57 -25.47 6.11
CA PRO A 25 0.92 -24.69 5.04
C PRO A 25 1.05 -23.18 5.24
N HIS A 26 2.17 -22.74 5.79
CA HIS A 26 2.40 -21.31 6.03
C HIS A 26 2.20 -20.51 4.74
N ALA A 27 1.54 -19.36 4.86
CA ALA A 27 1.28 -18.51 3.70
C ALA A 27 1.44 -17.03 4.05
N PRO A 28 1.30 -16.15 3.04
CA PRO A 28 1.43 -14.71 3.20
C PRO A 28 0.16 -14.05 3.74
N GLN A 29 -0.49 -14.72 4.71
CA GLN A 29 -1.72 -14.23 5.32
C GLN A 29 -1.76 -12.71 5.44
N THR A 30 -0.60 -12.09 5.62
CA THR A 30 -0.51 -10.63 5.75
C THR A 30 -1.34 -9.92 4.68
N ASN A 31 -1.48 -8.60 4.80
CA ASN A 31 -2.25 -7.78 3.87
C ASN A 31 -2.17 -8.31 2.43
N PHE A 32 -1.01 -8.85 2.06
CA PHE A 32 -0.83 -9.39 0.71
C PHE A 32 -1.87 -10.47 0.43
N ALA A 33 -1.86 -11.52 1.24
CA ALA A 33 -2.82 -12.61 1.10
C ALA A 33 -4.19 -12.15 1.56
N ASN A 34 -4.23 -11.50 2.72
CA ASN A 34 -5.46 -10.99 3.28
C ASN A 34 -6.23 -10.16 2.25
N MET A 35 -5.53 -9.24 1.59
CA MET A 35 -6.16 -8.40 0.58
C MET A 35 -7.40 -7.71 1.14
N PRO A 36 -7.26 -7.04 2.30
CA PRO A 36 -8.35 -6.32 2.96
C PRO A 36 -9.48 -5.92 2.02
N SER A 37 -9.15 -5.13 1.01
CA SER A 37 -10.17 -4.71 0.04
C SER A 37 -9.62 -4.74 -1.39
N ALA A 38 -8.69 -3.85 -1.68
CA ALA A 38 -8.08 -3.81 -3.01
C ALA A 38 -6.56 -3.66 -2.93
N ARG A 39 -5.83 -4.43 -3.73
CA ARG A 39 -4.38 -4.32 -3.77
C ARG A 39 -3.87 -4.34 -5.20
N VAL A 40 -2.99 -3.42 -5.54
CA VAL A 40 -2.40 -3.37 -6.88
C VAL A 40 -0.90 -3.05 -6.80
N THR A 41 -0.18 -3.32 -7.89
CA THR A 41 1.24 -2.98 -7.94
C THR A 41 1.55 -2.14 -9.19
N LEU A 42 2.30 -1.07 -8.99
CA LEU A 42 2.70 -0.17 -10.07
C LEU A 42 4.17 0.20 -9.96
N PRO A 43 4.78 0.75 -11.02
CA PRO A 43 6.19 1.16 -10.96
C PRO A 43 6.41 2.25 -9.91
N LYS A 44 7.26 1.94 -8.93
CA LYS A 44 7.56 2.86 -7.83
C LYS A 44 7.99 4.25 -8.31
N SER A 45 8.62 4.30 -9.48
CA SER A 45 9.12 5.56 -10.02
C SER A 45 8.05 6.62 -10.21
N LEU A 46 6.93 6.26 -10.82
CA LEU A 46 5.84 7.20 -11.09
C LEU A 46 5.05 7.57 -9.82
N VAL A 47 5.34 6.88 -8.72
CA VAL A 47 4.65 7.13 -7.46
C VAL A 47 5.14 8.42 -6.80
N TYR A 48 6.37 8.79 -7.13
CA TYR A 48 7.02 9.97 -6.60
C TYR A 48 6.22 11.26 -6.76
N ASP A 49 5.39 11.36 -7.79
CA ASP A 49 4.67 12.61 -8.06
C ASP A 49 3.45 12.91 -7.15
N LYS A 50 2.51 11.97 -6.96
CA LYS A 50 1.34 12.24 -6.13
C LYS A 50 1.23 11.28 -4.94
N THR A 51 0.91 11.84 -3.79
CA THR A 51 0.76 11.04 -2.59
C THR A 51 -0.53 10.20 -2.58
N PHE A 52 -1.65 10.86 -2.30
CA PHE A 52 -2.97 10.20 -2.24
C PHE A 52 -3.56 9.85 -3.60
N SER A 53 -3.77 10.89 -4.41
CA SER A 53 -4.41 10.78 -5.71
C SER A 53 -3.85 9.68 -6.61
N LYS A 54 -2.65 9.89 -7.12
CA LYS A 54 -2.04 8.94 -8.05
C LYS A 54 -2.13 7.51 -7.53
N VAL A 55 -1.74 7.27 -6.30
CA VAL A 55 -1.78 5.93 -5.74
C VAL A 55 -3.15 5.28 -5.91
N LEU A 56 -4.18 5.91 -5.37
CA LEU A 56 -5.53 5.36 -5.42
C LEU A 56 -6.09 5.11 -6.83
N TRP A 57 -6.31 6.17 -7.61
CA TRP A 57 -6.92 6.03 -8.94
C TRP A 57 -5.99 5.44 -10.00
N SER A 58 -4.83 6.03 -10.07
CA SER A 58 -3.84 5.66 -11.04
C SER A 58 -3.35 4.25 -10.89
N ALA A 59 -3.05 3.87 -9.66
CA ALA A 59 -2.47 2.59 -9.43
C ALA A 59 -3.37 1.39 -9.63
N GLY A 60 -4.28 1.14 -8.71
CA GLY A 60 -5.06 -0.07 -8.83
C GLY A 60 -6.55 -0.04 -9.03
N LEU A 61 -7.27 0.84 -8.37
CA LEU A 61 -8.73 0.73 -8.43
C LEU A 61 -9.58 1.78 -9.12
N VAL A 62 -9.24 3.06 -9.07
CA VAL A 62 -10.20 4.02 -9.60
C VAL A 62 -9.71 5.01 -10.66
N ALA A 63 -10.72 5.63 -11.28
CA ALA A 63 -10.61 6.64 -12.33
C ALA A 63 -10.57 8.02 -11.69
N SER A 64 -10.62 7.98 -10.36
CA SER A 64 -10.74 9.11 -9.49
C SER A 64 -9.62 10.13 -9.59
N LYS A 65 -8.72 10.05 -10.57
CA LYS A 65 -7.69 11.10 -10.63
C LYS A 65 -8.45 12.40 -10.39
N SER A 66 -9.57 12.55 -11.08
CA SER A 66 -10.49 13.66 -10.86
C SER A 66 -11.26 13.43 -9.55
N GLU A 67 -11.95 12.27 -9.49
CA GLU A 67 -12.76 11.90 -8.33
C GLU A 67 -11.90 11.78 -7.06
N GLY A 68 -10.80 11.08 -7.18
CA GLY A 68 -9.89 10.87 -6.08
C GLY A 68 -9.59 12.17 -5.39
N GLN A 69 -9.15 13.15 -6.16
CA GLN A 69 -8.87 14.46 -5.61
C GLN A 69 -10.04 14.90 -4.74
N ARG A 70 -11.25 14.75 -5.29
CA ARG A 70 -12.47 15.10 -4.56
C ARG A 70 -12.46 14.47 -3.17
N ILE A 71 -12.18 13.17 -3.10
CA ILE A 71 -12.13 12.45 -1.83
C ILE A 71 -11.12 13.13 -0.90
N ILE A 72 -9.91 13.27 -1.41
CA ILE A 72 -8.84 13.94 -0.69
C ILE A 72 -9.37 15.27 -0.18
N ASN A 73 -10.02 15.99 -1.11
CA ASN A 73 -10.64 17.28 -0.83
C ASN A 73 -11.65 17.09 0.28
N ASN A 74 -12.45 16.06 0.10
CA ASN A 74 -13.46 15.66 1.08
C ASN A 74 -12.80 15.65 2.45
N ASN A 75 -11.57 15.17 2.46
CA ASN A 75 -10.78 15.08 3.69
C ASN A 75 -11.26 13.92 4.55
N GLY A 76 -11.58 12.82 3.90
CA GLY A 76 -12.04 11.62 4.61
C GLY A 76 -11.09 10.45 4.42
N ALA A 77 -9.81 10.72 4.26
CA ALA A 77 -8.81 9.68 4.05
C ALA A 77 -7.56 9.88 4.93
N TYR A 78 -6.76 8.82 5.06
CA TYR A 78 -5.50 8.84 5.83
C TYR A 78 -4.40 8.17 5.00
N VAL A 79 -3.13 8.54 5.21
CA VAL A 79 -2.06 7.89 4.44
C VAL A 79 -0.96 7.34 5.35
N GLY A 80 -0.55 6.11 5.02
CA GLY A 80 0.48 5.44 5.77
C GLY A 80 1.54 4.80 4.90
N SER A 81 2.74 4.70 5.45
CA SER A 81 3.87 4.09 4.74
C SER A 81 4.63 3.13 5.66
N ARG A 82 5.01 1.96 5.13
CA ARG A 82 5.74 0.99 5.93
C ARG A 82 6.52 -0.01 5.09
N PRO A 83 7.79 0.29 4.77
CA PRO A 83 8.65 -0.60 3.98
C PRO A 83 8.96 -1.90 4.73
N GLY A 84 9.43 -1.76 5.97
CA GLY A 84 9.74 -2.93 6.77
C GLY A 84 11.23 -3.08 7.04
N VAL A 85 12.07 -2.41 6.25
CA VAL A 85 13.51 -2.50 6.42
C VAL A 85 14.13 -1.16 6.79
N LYS A 86 13.30 -0.24 7.28
CA LYS A 86 13.77 1.07 7.64
C LYS A 86 13.81 1.26 9.15
N LYS A 87 15.03 1.35 9.67
CA LYS A 87 15.24 1.54 11.11
C LYS A 87 15.55 3.00 11.41
N ASN A 88 14.99 3.89 10.60
CA ASN A 88 15.20 5.32 10.77
C ASN A 88 14.99 5.73 12.22
N GLU A 89 16.10 5.86 12.92
CA GLU A 89 16.09 6.27 14.33
C GLU A 89 15.22 7.51 14.53
N PRO A 90 15.07 7.98 15.79
CA PRO A 90 14.25 9.16 16.10
C PRO A 90 14.34 10.24 15.03
N GLY A 91 15.57 10.64 14.69
CA GLY A 91 15.80 11.64 13.66
C GLY A 91 14.64 12.62 13.49
N GLY A 92 14.24 13.29 14.57
CA GLY A 92 13.13 14.21 14.49
C GLY A 92 11.90 13.57 13.88
N GLY A 93 11.50 12.45 14.48
CA GLY A 93 10.36 11.66 14.03
C GLY A 93 10.42 11.25 12.56
N MET A 94 10.58 12.21 11.65
CA MET A 94 10.67 11.91 10.21
C MET A 94 10.10 10.52 9.88
N PRO A 95 8.83 10.25 10.25
CA PRO A 95 8.22 8.94 10.02
C PRO A 95 8.45 8.40 8.61
N ASP A 96 9.10 7.24 8.56
CA ASP A 96 9.37 6.55 7.32
C ASP A 96 8.84 5.14 7.41
N ASP A 97 8.94 4.56 8.61
CA ASP A 97 8.47 3.23 8.87
C ASP A 97 6.96 3.20 8.91
N LEU A 98 6.38 4.21 9.54
CA LEU A 98 4.93 4.32 9.65
C LEU A 98 4.52 5.74 9.26
N THR A 99 3.42 5.88 8.55
CA THR A 99 2.96 7.21 8.16
C THR A 99 1.47 7.39 8.41
N PHE A 100 1.11 8.61 8.73
CA PHE A 100 -0.27 8.99 8.95
C PHE A 100 -0.51 10.28 8.20
N THR A 101 -1.63 10.39 7.53
CA THR A 101 -1.92 11.61 6.81
C THR A 101 -3.35 12.06 7.06
N PRO A 102 -3.58 13.36 7.25
CA PRO A 102 -4.90 13.88 7.49
C PRO A 102 -5.63 14.16 6.17
N ILE A 103 -5.13 13.51 5.11
CA ILE A 103 -5.71 13.60 3.78
C ILE A 103 -5.67 14.98 3.15
N LYS A 104 -4.63 15.74 3.41
CA LYS A 104 -4.51 17.08 2.85
C LYS A 104 -3.53 16.94 1.71
N THR A 105 -4.00 17.31 0.52
CA THR A 105 -3.26 17.09 -0.70
C THR A 105 -1.87 17.69 -0.74
N TRP A 106 -0.91 16.77 -0.88
CA TRP A 106 0.50 17.06 -1.05
C TRP A 106 0.99 16.11 -2.12
N ASN A 107 1.36 16.59 -3.28
CA ASN A 107 1.75 15.68 -4.35
C ASN A 107 3.19 15.17 -4.23
N ALA A 108 4.15 16.02 -4.55
CA ALA A 108 5.55 15.63 -4.54
C ALA A 108 6.19 15.46 -3.16
N SER A 109 6.30 16.56 -2.42
CA SER A 109 6.98 16.55 -1.14
C SER A 109 6.51 15.42 -0.21
N LYS A 110 5.21 15.31 -0.02
CA LYS A 110 4.68 14.29 0.87
C LYS A 110 4.82 12.89 0.30
N THR A 111 4.39 12.70 -0.94
CA THR A 111 4.47 11.38 -1.57
C THR A 111 5.85 10.78 -1.40
N GLN A 112 6.86 11.43 -1.96
CA GLN A 112 8.23 10.95 -1.83
C GLN A 112 8.58 10.63 -0.37
N GLU A 113 8.25 11.56 0.53
CA GLU A 113 8.56 11.39 1.96
C GLU A 113 8.12 10.03 2.49
N PHE A 114 6.84 9.70 2.35
CA PHE A 114 6.30 8.45 2.86
C PHE A 114 6.24 7.37 1.77
N ILE A 115 5.74 7.76 0.62
CA ILE A 115 5.58 6.90 -0.55
C ILE A 115 6.86 6.29 -1.03
N ILE A 116 7.93 6.41 -0.28
CA ILE A 116 9.16 5.80 -0.74
C ILE A 116 8.81 4.34 -0.98
N ASP A 117 7.99 3.83 -0.07
CA ASP A 117 7.43 2.49 -0.18
C ASP A 117 8.35 1.54 -0.89
N GLY A 118 9.56 1.34 -0.39
CA GLY A 118 10.42 0.42 -1.10
C GLY A 118 9.69 -0.86 -1.32
N ASP A 119 9.02 -1.33 -0.28
CA ASP A 119 8.20 -2.52 -0.39
C ASP A 119 6.72 -2.23 -0.06
N LEU A 120 6.40 -1.10 0.61
CA LEU A 120 5.02 -0.84 0.96
C LEU A 120 4.55 0.58 0.81
N LEU A 121 3.36 0.70 0.27
CA LEU A 121 2.67 1.95 0.16
C LEU A 121 1.23 1.68 0.60
N ILE A 122 0.66 2.52 1.43
CA ILE A 122 -0.72 2.31 1.85
C ILE A 122 -1.52 3.58 1.77
N LEU A 123 -2.72 3.45 1.25
CA LEU A 123 -3.63 4.56 1.15
C LEU A 123 -4.97 4.08 1.62
N LYS A 124 -5.65 4.85 2.43
CA LYS A 124 -6.97 4.43 2.85
C LYS A 124 -7.96 5.57 2.70
N LEU A 125 -9.13 5.25 2.16
CA LEU A 125 -10.18 6.26 2.01
C LEU A 125 -11.41 5.75 2.73
N GLY A 126 -11.99 6.63 3.53
CA GLY A 126 -13.16 6.27 4.30
C GLY A 126 -14.45 6.53 3.58
N LYS A 127 -14.38 7.08 2.37
CA LYS A 127 -15.60 7.34 1.65
C LYS A 127 -16.15 6.01 1.16
N TRP A 128 -15.31 5.19 0.54
CA TRP A 128 -15.76 3.89 0.09
C TRP A 128 -14.76 2.75 0.33
N LYS A 129 -13.52 2.94 -0.13
CA LYS A 129 -12.54 1.87 -0.04
C LYS A 129 -11.15 2.32 0.35
N MET A 130 -10.35 1.35 0.72
CA MET A 130 -8.95 1.54 1.01
C MET A 130 -8.19 0.82 -0.08
N LYS A 131 -7.19 1.47 -0.60
CA LYS A 131 -6.36 0.91 -1.63
C LYS A 131 -4.95 0.78 -1.11
N LEU A 132 -4.35 -0.35 -1.34
CA LEU A 132 -3.00 -0.59 -0.92
C LEU A 132 -2.17 -0.92 -2.14
N VAL A 133 -1.00 -0.34 -2.22
CA VAL A 133 -0.16 -0.56 -3.36
C VAL A 133 1.28 -0.86 -2.97
N SER A 134 1.87 -1.84 -3.63
CA SER A 134 3.27 -2.17 -3.39
C SER A 134 4.05 -1.75 -4.62
N ILE A 135 5.20 -1.10 -4.44
CA ILE A 135 5.96 -0.62 -5.58
C ILE A 135 7.44 -0.92 -5.51
N VAL A 136 7.99 -1.26 -6.66
CA VAL A 136 9.41 -1.53 -6.79
C VAL A 136 9.98 -0.81 -8.01
N SER A 137 11.15 -0.22 -7.84
CA SER A 137 11.79 0.50 -8.93
C SER A 137 12.54 -0.47 -9.83
N ASP A 138 12.23 -0.43 -11.13
CA ASP A 138 12.89 -1.30 -12.09
C ASP A 138 14.39 -1.23 -11.94
N GLU A 139 14.90 -0.01 -11.89
CA GLU A 139 16.34 0.23 -11.73
C GLU A 139 16.89 -0.53 -10.53
N LYS A 140 16.23 -0.40 -9.38
CA LYS A 140 16.66 -1.10 -8.16
C LYS A 140 16.85 -2.57 -8.48
N PHE A 141 15.85 -3.13 -9.14
CA PHE A 141 15.88 -4.52 -9.55
C PHE A 141 17.18 -4.80 -10.29
N LYS A 142 17.54 -3.94 -11.24
CA LYS A 142 18.77 -4.11 -11.98
C LYS A 142 19.93 -4.34 -11.02
N GLU A 143 20.02 -3.50 -10.01
CA GLU A 143 21.08 -3.59 -9.01
C GLU A 143 21.20 -4.99 -8.39
N LEU A 144 20.10 -5.51 -7.84
CA LEU A 144 20.14 -6.84 -7.20
C LEU A 144 20.40 -7.96 -8.21
N GLY A 145 19.50 -8.07 -9.16
CA GLY A 145 19.57 -9.08 -10.22
C GLY A 145 20.54 -8.72 -11.32
N LEU A 146 21.38 -7.70 -11.10
CA LEU A 146 22.29 -7.20 -12.13
C LEU A 146 23.07 -8.33 -12.84
N THR A 147 23.03 -9.55 -12.32
CA THR A 147 23.70 -10.65 -12.98
C THR A 147 22.89 -11.92 -12.90
N ALA A 148 21.75 -11.87 -13.56
CA ALA A 148 20.83 -13.00 -13.63
C ALA A 148 20.40 -13.23 -15.07
N PRO A 149 19.59 -14.25 -15.34
CA PRO A 149 19.11 -14.51 -16.70
C PRO A 149 17.99 -13.53 -17.09
N GLY A 150 17.53 -12.75 -16.12
CA GLY A 150 16.49 -11.79 -16.35
C GLY A 150 16.91 -10.60 -17.18
N TRP A 151 18.04 -9.97 -16.83
CA TRP A 151 18.52 -8.82 -17.56
C TRP A 151 19.03 -9.20 -18.94
N ASP A 152 19.81 -10.25 -19.02
CA ASP A 152 20.36 -10.69 -20.28
C ASP A 152 19.27 -10.78 -21.35
N GLU A 153 18.21 -11.52 -21.05
CA GLU A 153 17.10 -11.68 -21.98
C GLU A 153 16.37 -10.36 -22.26
N VAL A 154 15.88 -9.71 -21.21
CA VAL A 154 15.14 -8.45 -21.34
C VAL A 154 15.89 -7.36 -22.11
N VAL A 155 16.91 -6.81 -21.47
CA VAL A 155 17.71 -5.72 -22.03
C VAL A 155 18.57 -6.15 -23.21
N GLY A 156 19.38 -7.17 -23.03
CA GLY A 156 20.26 -7.64 -24.09
C GLY A 156 19.51 -8.17 -25.28
N LYS A 157 18.76 -9.25 -25.08
CA LYS A 157 18.00 -9.87 -26.15
C LYS A 157 16.87 -8.96 -26.61
N GLY A 158 15.89 -8.76 -25.74
CA GLY A 158 14.76 -7.91 -26.08
C GLY A 158 13.51 -8.70 -26.40
N LYS A 159 13.09 -9.54 -25.46
CA LYS A 159 11.89 -10.37 -25.64
C LYS A 159 10.68 -9.71 -25.01
N GLU A 160 10.59 -8.40 -25.11
CA GLU A 160 9.48 -7.65 -24.54
C GLU A 160 8.72 -6.89 -25.62
N GLU A 161 7.71 -6.13 -25.20
CA GLU A 161 6.90 -5.35 -26.15
C GLU A 161 7.77 -4.37 -26.92
N PRO A 162 8.44 -3.43 -26.23
CA PRO A 162 9.30 -2.43 -26.86
C PRO A 162 10.60 -3.04 -27.38
N SER A 163 11.54 -2.18 -27.76
CA SER A 163 12.83 -2.63 -28.27
C SER A 163 13.90 -1.56 -28.08
N PRO A 164 14.55 -1.53 -26.91
CA PRO A 164 15.60 -0.55 -26.61
C PRO A 164 16.87 -0.80 -27.41
N MET A 1 0.81 -20.02 10.65
CA MET A 1 -0.46 -19.63 11.34
C MET A 1 -1.44 -20.79 11.41
N PRO A 2 -1.73 -21.44 10.27
CA PRO A 2 -2.66 -22.56 10.21
C PRO A 2 -2.30 -23.66 11.21
N ARG A 3 -3.01 -24.78 11.13
CA ARG A 3 -2.76 -25.91 12.02
C ARG A 3 -1.32 -26.40 11.90
N THR A 4 -0.72 -26.17 10.75
CA THR A 4 0.66 -26.59 10.50
C THR A 4 1.61 -25.96 11.54
N ALA A 5 1.27 -24.77 12.00
CA ALA A 5 2.07 -24.07 12.99
C ALA A 5 1.79 -24.59 14.39
N SER A 6 2.75 -25.31 14.95
CA SER A 6 2.60 -25.87 16.30
C SER A 6 3.11 -24.88 17.35
N PRO A 7 2.52 -24.91 18.56
CA PRO A 7 2.91 -24.01 19.65
C PRO A 7 4.41 -24.06 19.93
N GLY A 8 4.83 -23.36 20.98
CA GLY A 8 6.23 -23.35 21.34
C GLY A 8 6.77 -21.95 21.54
N ASN A 9 6.17 -20.98 20.85
CA ASN A 9 6.58 -19.59 20.95
C ASN A 9 5.37 -18.67 21.15
N PRO A 10 4.96 -18.46 22.42
CA PRO A 10 3.83 -17.60 22.74
C PRO A 10 4.11 -16.12 22.46
N LYS A 11 3.79 -15.68 21.24
CA LYS A 11 4.01 -14.30 20.85
C LYS A 11 2.70 -13.61 20.50
N SER A 12 2.37 -12.56 21.24
CA SER A 12 1.14 -11.82 21.01
C SER A 12 1.42 -10.49 20.31
N SER A 13 1.95 -9.53 21.08
CA SER A 13 2.26 -8.22 20.54
C SER A 13 3.75 -7.91 20.70
N LEU A 14 4.58 -8.95 20.67
CA LEU A 14 6.02 -8.79 20.81
C LEU A 14 6.76 -9.66 19.81
N SER A 15 6.69 -9.27 18.54
CA SER A 15 7.37 -10.01 17.47
C SER A 15 8.03 -9.07 16.48
N GLY A 16 8.56 -7.96 16.99
CA GLY A 16 9.22 -6.99 16.14
C GLY A 16 8.69 -5.58 16.36
N PHE A 17 7.40 -5.47 16.61
CA PHE A 17 6.78 -4.17 16.84
C PHE A 17 6.11 -4.13 18.22
N VAL A 18 6.60 -3.24 19.07
CA VAL A 18 6.06 -3.09 20.41
C VAL A 18 5.37 -1.74 20.58
N ASN A 19 4.04 -1.79 20.66
CA ASN A 19 3.24 -0.58 20.83
C ASN A 19 1.82 -0.92 21.30
N PRO A 20 1.11 0.07 21.85
CA PRO A 20 -0.26 -0.13 22.34
C PRO A 20 -1.23 -0.49 21.22
N GLN A 21 -1.17 -1.74 20.78
CA GLN A 21 -2.04 -2.22 19.71
C GLN A 21 -3.24 -2.96 20.27
N SER A 22 -3.75 -2.48 21.40
CA SER A 22 -4.91 -3.09 22.05
C SER A 22 -6.08 -3.21 21.07
N GLY A 23 -6.50 -2.07 20.52
CA GLY A 23 -7.61 -2.07 19.58
C GLY A 23 -8.87 -2.67 20.16
N ASN A 24 -9.49 -1.98 21.10
CA ASN A 24 -10.72 -2.46 21.73
C ASN A 24 -11.73 -2.91 20.69
N PRO A 25 -12.02 -2.06 19.69
CA PRO A 25 -12.96 -2.38 18.62
C PRO A 25 -12.32 -3.13 17.46
N HIS A 26 -11.34 -3.97 17.77
CA HIS A 26 -10.64 -4.75 16.76
C HIS A 26 -11.61 -5.41 15.78
N ALA A 27 -11.07 -5.98 14.71
CA ALA A 27 -11.88 -6.64 13.70
C ALA A 27 -12.06 -8.12 14.02
N PRO A 28 -12.86 -8.84 13.20
CA PRO A 28 -13.10 -10.27 13.40
C PRO A 28 -11.85 -11.05 13.77
N GLN A 29 -10.94 -11.20 12.82
CA GLN A 29 -9.70 -11.92 13.04
C GLN A 29 -8.54 -11.13 12.45
N THR A 30 -8.71 -10.73 11.20
CA THR A 30 -7.69 -9.95 10.50
C THR A 30 -8.35 -8.81 9.72
N ASN A 31 -7.70 -7.67 9.71
CA ASN A 31 -8.20 -6.50 9.00
C ASN A 31 -7.76 -6.54 7.55
N PHE A 32 -6.83 -7.45 7.24
CA PHE A 32 -6.30 -7.60 5.90
C PHE A 32 -7.42 -7.72 4.86
N ALA A 33 -8.40 -8.56 5.16
CA ALA A 33 -9.51 -8.79 4.25
C ALA A 33 -10.50 -7.62 4.15
N ASN A 34 -10.93 -7.07 5.28
CA ASN A 34 -11.93 -6.00 5.26
C ASN A 34 -11.44 -4.65 4.73
N MET A 35 -10.64 -3.92 5.52
CA MET A 35 -10.15 -2.61 5.08
C MET A 35 -9.48 -2.68 3.70
N PRO A 36 -8.52 -3.60 3.54
CA PRO A 36 -7.77 -3.80 2.30
C PRO A 36 -8.54 -4.62 1.27
N SER A 37 -9.84 -4.33 1.14
CA SER A 37 -10.70 -5.03 0.21
C SER A 37 -10.03 -5.26 -1.14
N ALA A 38 -9.25 -4.28 -1.57
CA ALA A 38 -8.56 -4.37 -2.85
C ALA A 38 -7.09 -3.97 -2.73
N ARG A 39 -6.22 -4.74 -3.38
CA ARG A 39 -4.79 -4.48 -3.38
C ARG A 39 -4.21 -4.60 -4.78
N VAL A 40 -3.37 -3.64 -5.15
CA VAL A 40 -2.72 -3.63 -6.45
C VAL A 40 -1.24 -3.27 -6.32
N THR A 41 -0.45 -3.56 -7.36
CA THR A 41 0.98 -3.22 -7.33
C THR A 41 1.37 -2.38 -8.55
N LEU A 42 2.16 -1.33 -8.28
CA LEU A 42 2.64 -0.42 -9.32
C LEU A 42 4.14 -0.16 -9.13
N PRO A 43 4.83 0.37 -10.16
CA PRO A 43 6.26 0.66 -10.05
C PRO A 43 6.53 1.73 -8.98
N LYS A 44 7.30 1.35 -7.96
CA LYS A 44 7.64 2.25 -6.85
C LYS A 44 8.17 3.61 -7.32
N SER A 45 8.82 3.63 -8.46
CA SER A 45 9.43 4.85 -8.99
C SER A 45 8.44 6.01 -9.14
N LEU A 46 7.28 5.75 -9.75
CA LEU A 46 6.28 6.80 -9.98
C LEU A 46 5.53 7.21 -8.70
N VAL A 47 5.73 6.47 -7.62
CA VAL A 47 5.06 6.77 -6.36
C VAL A 47 5.64 7.99 -5.67
N TYR A 48 6.90 8.26 -5.97
CA TYR A 48 7.63 9.37 -5.39
C TYR A 48 6.95 10.73 -5.55
N ASP A 49 6.18 10.93 -6.62
CA ASP A 49 5.58 12.24 -6.87
C ASP A 49 4.33 12.58 -6.02
N LYS A 50 3.32 11.70 -5.97
CA LYS A 50 2.11 11.97 -5.21
C LYS A 50 1.85 10.92 -4.14
N THR A 51 1.48 11.38 -2.96
CA THR A 51 1.18 10.47 -1.86
C THR A 51 -0.16 9.73 -2.04
N PHE A 52 -1.25 10.46 -1.80
CA PHE A 52 -2.62 9.92 -1.89
C PHE A 52 -3.11 9.72 -3.33
N SER A 53 -3.20 10.82 -4.06
CA SER A 53 -3.73 10.83 -5.41
C SER A 53 -3.15 9.78 -6.35
N LYS A 54 -1.91 10.00 -6.77
CA LYS A 54 -1.28 9.10 -7.73
C LYS A 54 -1.42 7.64 -7.34
N VAL A 55 -1.10 7.32 -6.10
CA VAL A 55 -1.19 5.95 -5.63
C VAL A 55 -2.58 5.37 -5.85
N LEU A 56 -3.55 5.97 -5.20
CA LEU A 56 -4.94 5.50 -5.25
C LEU A 56 -5.51 5.25 -6.65
N TRP A 57 -5.61 6.28 -7.49
CA TRP A 57 -6.22 6.13 -8.80
C TRP A 57 -5.37 5.36 -9.82
N SER A 58 -4.14 5.77 -9.92
CA SER A 58 -3.22 5.20 -10.88
C SER A 58 -2.94 3.74 -10.65
N ALA A 59 -2.67 3.41 -9.41
CA ALA A 59 -2.25 2.07 -9.05
C ALA A 59 -3.27 0.97 -9.12
N GLY A 60 -4.19 0.94 -8.16
CA GLY A 60 -5.07 -0.20 -8.10
C GLY A 60 -6.55 -0.06 -8.36
N LEU A 61 -7.16 1.04 -7.94
CA LEU A 61 -8.61 1.08 -8.00
C LEU A 61 -9.31 1.95 -9.03
N VAL A 62 -8.89 3.19 -9.26
CA VAL A 62 -9.74 3.99 -10.11
C VAL A 62 -9.08 5.13 -10.91
N ALA A 63 -9.91 5.70 -11.79
CA ALA A 63 -9.63 6.84 -12.65
C ALA A 63 -9.49 8.10 -11.83
N SER A 64 -9.55 7.92 -10.52
CA SER A 64 -9.60 8.97 -9.54
C SER A 64 -8.44 9.96 -9.58
N LYS A 65 -7.57 9.94 -10.57
CA LYS A 65 -6.56 10.99 -10.61
C LYS A 65 -7.34 12.27 -10.36
N SER A 66 -8.39 12.44 -11.15
CA SER A 66 -9.34 13.54 -10.98
C SER A 66 -10.26 13.26 -9.77
N GLU A 67 -10.95 12.11 -9.83
CA GLU A 67 -11.89 11.69 -8.78
C GLU A 67 -11.21 11.60 -7.42
N GLY A 68 -10.06 10.94 -7.41
CA GLY A 68 -9.30 10.76 -6.19
C GLY A 68 -9.12 12.05 -5.46
N GLN A 69 -8.54 13.04 -6.13
CA GLN A 69 -8.34 14.34 -5.52
C GLN A 69 -9.64 14.79 -4.84
N ARG A 70 -10.75 14.66 -5.56
CA ARG A 70 -12.06 15.03 -5.02
C ARG A 70 -12.28 14.39 -3.65
N ILE A 71 -12.01 13.09 -3.56
CA ILE A 71 -12.17 12.35 -2.30
C ILE A 71 -11.27 12.95 -1.23
N ILE A 72 -10.00 13.05 -1.55
CA ILE A 72 -9.02 13.66 -0.67
C ILE A 72 -9.57 15.00 -0.21
N ASN A 73 -10.06 15.76 -1.20
CA ASN A 73 -10.68 17.06 -0.95
C ASN A 73 -11.85 16.85 -0.01
N ASN A 74 -12.66 15.85 -0.35
CA ASN A 74 -13.80 15.44 0.45
C ASN A 74 -13.34 15.32 1.90
N ASN A 75 -12.12 14.80 2.06
CA ASN A 75 -11.52 14.59 3.37
C ASN A 75 -12.12 13.41 4.08
N GLY A 76 -12.35 12.36 3.31
CA GLY A 76 -12.87 11.12 3.85
C GLY A 76 -11.85 10.00 3.79
N ALA A 77 -10.57 10.36 3.67
CA ALA A 77 -9.50 9.36 3.57
C ALA A 77 -8.32 9.70 4.48
N TYR A 78 -7.47 8.70 4.72
CA TYR A 78 -6.25 8.85 5.51
C TYR A 78 -5.08 8.18 4.77
N VAL A 79 -3.85 8.51 5.14
CA VAL A 79 -2.70 7.89 4.47
C VAL A 79 -1.74 7.26 5.48
N GLY A 80 -1.31 6.04 5.14
CA GLY A 80 -0.40 5.30 5.98
C GLY A 80 0.75 4.67 5.23
N SER A 81 1.89 4.57 5.89
CA SER A 81 3.08 3.97 5.29
C SER A 81 3.79 3.01 6.24
N ARG A 82 4.30 1.90 5.72
CA ARG A 82 5.01 0.94 6.56
C ARG A 82 5.92 0.03 5.72
N PRO A 83 7.19 0.44 5.50
CA PRO A 83 8.16 -0.32 4.74
C PRO A 83 9.01 -1.23 5.63
N GLY A 84 10.08 -0.69 6.20
CA GLY A 84 10.95 -1.49 7.06
C GLY A 84 12.35 -1.68 6.48
N VAL A 85 12.53 -1.30 5.22
CA VAL A 85 13.83 -1.45 4.56
C VAL A 85 14.43 -0.10 4.19
N LYS A 86 13.76 0.96 4.60
CA LYS A 86 14.20 2.31 4.33
C LYS A 86 15.68 2.50 4.62
N LYS A 87 16.33 3.35 3.83
CA LYS A 87 17.75 3.64 4.00
C LYS A 87 17.99 5.14 4.09
N ASN A 88 17.88 5.83 2.96
CA ASN A 88 18.05 7.27 2.90
C ASN A 88 17.04 7.94 3.82
N GLU A 89 17.51 8.35 4.98
CA GLU A 89 16.66 8.99 5.99
C GLU A 89 15.76 10.07 5.37
N PRO A 90 14.49 9.72 5.07
CA PRO A 90 13.50 10.64 4.49
C PRO A 90 13.31 11.95 5.27
N GLY A 91 14.38 12.71 5.49
CA GLY A 91 14.24 13.96 6.23
C GLY A 91 13.53 13.73 7.56
N GLY A 92 14.10 12.83 8.36
CA GLY A 92 13.55 12.44 9.64
C GLY A 92 12.11 11.94 9.57
N GLY A 93 11.19 12.70 8.97
CA GLY A 93 9.82 12.25 8.83
C GLY A 93 9.38 11.34 9.97
N MET A 94 9.50 11.84 11.21
CA MET A 94 9.17 11.08 12.44
C MET A 94 8.52 9.72 12.15
N PRO A 95 7.41 9.67 11.40
CA PRO A 95 6.76 8.41 11.08
C PRO A 95 7.36 7.80 9.81
N ASP A 96 7.92 6.61 9.93
CA ASP A 96 8.51 5.91 8.80
C ASP A 96 7.91 4.53 8.71
N ASP A 97 7.74 3.92 9.88
CA ASP A 97 7.16 2.60 9.97
C ASP A 97 5.65 2.68 9.81
N LEU A 98 5.06 3.70 10.41
CA LEU A 98 3.63 3.90 10.33
C LEU A 98 3.32 5.34 9.94
N THR A 99 2.33 5.53 9.09
CA THR A 99 1.95 6.88 8.69
C THR A 99 0.45 7.08 8.79
N PHE A 100 0.07 8.28 9.13
CA PHE A 100 -1.33 8.66 9.22
C PHE A 100 -1.49 10.01 8.54
N THR A 101 -2.52 10.17 7.76
CA THR A 101 -2.74 11.45 7.12
C THR A 101 -4.18 11.88 7.27
N PRO A 102 -4.42 13.16 7.55
CA PRO A 102 -5.76 13.66 7.67
C PRO A 102 -6.29 14.04 6.30
N ILE A 103 -5.72 13.40 5.26
CA ILE A 103 -6.16 13.63 3.90
C ILE A 103 -5.89 15.06 3.41
N LYS A 104 -4.83 15.69 3.88
CA LYS A 104 -4.52 17.06 3.46
C LYS A 104 -3.39 16.98 2.47
N THR A 105 -3.58 17.66 1.35
CA THR A 105 -2.65 17.56 0.23
C THR A 105 -1.21 17.92 0.53
N TRP A 106 -0.40 16.88 0.38
CA TRP A 106 1.05 16.92 0.45
C TRP A 106 1.51 16.00 -0.67
N ASN A 107 2.13 16.51 -1.73
CA ASN A 107 2.47 15.63 -2.83
C ASN A 107 3.86 14.98 -2.75
N ALA A 108 4.88 15.77 -3.02
CA ALA A 108 6.25 15.26 -3.04
C ALA A 108 6.86 14.97 -1.68
N SER A 109 7.03 15.99 -0.86
CA SER A 109 7.67 15.84 0.44
C SER A 109 7.11 14.67 1.25
N LYS A 110 5.80 14.62 1.39
CA LYS A 110 5.17 13.57 2.17
C LYS A 110 5.22 12.20 1.48
N THR A 111 4.85 12.14 0.22
CA THR A 111 4.88 10.87 -0.52
C THR A 111 6.24 10.18 -0.37
N GLN A 112 7.29 10.81 -0.85
CA GLN A 112 8.63 10.27 -0.75
C GLN A 112 8.93 9.84 0.69
N GLU A 113 8.64 10.73 1.64
CA GLU A 113 8.92 10.46 3.05
C GLU A 113 8.41 9.10 3.50
N PHE A 114 7.09 8.94 3.54
CA PHE A 114 6.49 7.67 3.96
C PHE A 114 6.25 6.74 2.79
N ILE A 115 5.58 7.29 1.79
CA ILE A 115 5.24 6.55 0.58
C ILE A 115 6.45 5.95 -0.12
N ILE A 116 7.59 6.00 0.54
CA ILE A 116 8.77 5.40 -0.04
C ILE A 116 8.35 3.98 -0.33
N ASP A 117 7.54 3.47 0.59
CA ASP A 117 6.92 2.18 0.44
C ASP A 117 7.83 1.20 -0.25
N GLY A 118 9.03 1.03 0.29
CA GLY A 118 9.92 0.10 -0.36
C GLY A 118 9.19 -1.21 -0.54
N ASP A 119 8.49 -1.62 0.50
CA ASP A 119 7.67 -2.81 0.42
C ASP A 119 6.19 -2.52 0.68
N LEU A 120 5.84 -1.37 1.30
CA LEU A 120 4.44 -1.10 1.61
C LEU A 120 3.98 0.32 1.40
N LEU A 121 2.81 0.41 0.81
CA LEU A 121 2.12 1.66 0.63
C LEU A 121 0.67 1.42 1.01
N ILE A 122 0.05 2.27 1.81
CA ILE A 122 -1.35 2.05 2.15
C ILE A 122 -2.17 3.31 2.02
N LEU A 123 -3.35 3.15 1.45
CA LEU A 123 -4.27 4.25 1.30
C LEU A 123 -5.63 3.78 1.75
N LYS A 124 -6.32 4.58 2.52
CA LYS A 124 -7.65 4.18 2.94
C LYS A 124 -8.65 5.29 2.63
N LEU A 125 -9.80 4.91 2.08
CA LEU A 125 -10.82 5.89 1.78
C LEU A 125 -12.12 5.46 2.44
N GLY A 126 -12.75 6.42 3.10
CA GLY A 126 -13.98 6.15 3.79
C GLY A 126 -15.19 6.34 2.92
N LYS A 127 -14.99 6.76 1.67
CA LYS A 127 -16.13 6.93 0.80
C LYS A 127 -16.74 5.57 0.55
N TRP A 128 -15.90 4.61 0.16
CA TRP A 128 -16.36 3.26 -0.02
C TRP A 128 -15.36 2.20 0.43
N LYS A 129 -14.13 2.31 -0.08
CA LYS A 129 -13.12 1.29 0.17
C LYS A 129 -11.73 1.85 0.44
N MET A 130 -10.90 0.96 0.95
CA MET A 130 -9.51 1.25 1.17
C MET A 130 -8.73 0.45 0.14
N LYS A 131 -7.77 1.09 -0.47
CA LYS A 131 -6.93 0.46 -1.44
C LYS A 131 -5.53 0.43 -0.90
N LEU A 132 -4.89 -0.72 -1.00
CA LEU A 132 -3.55 -0.89 -0.50
C LEU A 132 -2.68 -1.33 -1.65
N VAL A 133 -1.51 -0.76 -1.74
CA VAL A 133 -0.62 -1.09 -2.83
C VAL A 133 0.80 -1.36 -2.36
N SER A 134 1.45 -2.30 -3.04
CA SER A 134 2.83 -2.63 -2.73
C SER A 134 3.68 -2.15 -3.90
N ILE A 135 4.81 -1.52 -3.61
CA ILE A 135 5.65 -0.99 -4.69
C ILE A 135 7.11 -1.35 -4.53
N VAL A 136 7.69 -1.73 -5.65
CA VAL A 136 9.11 -2.08 -5.71
C VAL A 136 9.79 -1.41 -6.89
N SER A 137 10.98 -0.88 -6.65
CA SER A 137 11.73 -0.21 -7.71
C SER A 137 12.48 -1.23 -8.56
N ASP A 138 12.63 -0.92 -9.84
CA ASP A 138 13.32 -1.82 -10.77
C ASP A 138 14.67 -2.23 -10.20
N GLU A 139 15.45 -1.24 -9.77
CA GLU A 139 16.78 -1.47 -9.20
C GLU A 139 16.73 -2.51 -8.08
N LYS A 140 15.82 -2.30 -7.13
CA LYS A 140 15.66 -3.23 -6.01
C LYS A 140 15.55 -4.64 -6.56
N PHE A 141 14.68 -4.78 -7.55
CA PHE A 141 14.46 -6.04 -8.22
C PHE A 141 15.80 -6.63 -8.64
N LYS A 142 16.64 -5.82 -9.26
CA LYS A 142 17.95 -6.27 -9.70
C LYS A 142 18.65 -7.00 -8.56
N GLU A 143 18.63 -6.38 -7.39
CA GLU A 143 19.27 -6.96 -6.21
C GLU A 143 18.77 -8.37 -5.89
N LEU A 144 17.47 -8.50 -5.59
CA LEU A 144 16.91 -9.82 -5.24
C LEU A 144 17.13 -10.86 -6.34
N GLY A 145 16.58 -10.56 -7.51
CA GLY A 145 16.68 -11.41 -8.68
C GLY A 145 18.00 -11.29 -9.40
N LEU A 146 19.00 -10.67 -8.74
CA LEU A 146 20.29 -10.41 -9.38
C LEU A 146 20.85 -11.63 -10.11
N THR A 147 20.32 -12.81 -9.83
CA THR A 147 20.77 -14.00 -10.56
C THR A 147 19.58 -14.76 -11.10
N ALA A 148 18.87 -14.14 -12.04
CA ALA A 148 17.72 -14.75 -12.68
C ALA A 148 17.82 -14.60 -14.19
N PRO A 149 17.16 -15.50 -14.95
CA PRO A 149 17.17 -15.43 -16.41
C PRO A 149 16.61 -14.09 -16.90
N GLY A 150 15.84 -13.43 -16.03
CA GLY A 150 15.26 -12.16 -16.36
C GLY A 150 16.29 -11.08 -16.66
N TRP A 151 17.28 -10.95 -15.79
CA TRP A 151 18.32 -9.94 -15.97
C TRP A 151 19.16 -10.25 -17.19
N ASP A 152 19.57 -11.50 -17.33
CA ASP A 152 20.40 -11.91 -18.44
C ASP A 152 19.82 -11.46 -19.76
N GLU A 153 18.61 -11.90 -20.06
CA GLU A 153 17.94 -11.55 -21.31
C GLU A 153 17.73 -10.04 -21.44
N VAL A 154 17.01 -9.45 -20.50
CA VAL A 154 16.71 -8.02 -20.52
C VAL A 154 17.93 -7.12 -20.74
N VAL A 155 18.75 -7.04 -19.71
CA VAL A 155 19.95 -6.21 -19.71
C VAL A 155 21.05 -6.72 -20.63
N GLY A 156 21.53 -7.93 -20.37
CA GLY A 156 22.60 -8.50 -21.16
C GLY A 156 22.27 -8.59 -22.64
N LYS A 157 21.23 -9.37 -22.96
CA LYS A 157 20.82 -9.54 -24.34
C LYS A 157 20.36 -8.21 -24.94
N GLY A 158 19.47 -7.52 -24.23
CA GLY A 158 18.97 -6.25 -24.70
C GLY A 158 17.98 -6.40 -25.83
N LYS A 159 16.94 -7.20 -25.60
CA LYS A 159 15.91 -7.44 -26.61
C LYS A 159 15.25 -6.13 -27.02
N GLU A 160 15.26 -5.15 -26.13
CA GLU A 160 14.66 -3.84 -26.41
C GLU A 160 15.57 -3.02 -27.33
N GLU A 161 15.06 -1.87 -27.77
CA GLU A 161 15.82 -0.99 -28.65
C GLU A 161 17.13 -0.57 -28.00
N PRO A 162 17.07 -0.02 -26.77
CA PRO A 162 18.27 0.42 -26.04
C PRO A 162 19.24 -0.72 -25.80
N SER A 163 20.10 -0.99 -26.79
CA SER A 163 21.09 -2.06 -26.68
C SER A 163 22.21 -1.67 -25.73
N PRO A 164 22.82 -2.66 -25.06
CA PRO A 164 23.92 -2.41 -24.12
C PRO A 164 25.03 -1.58 -24.72
N MET A 1 -32.63 -31.41 31.73
CA MET A 1 -33.90 -32.16 31.89
C MET A 1 -33.67 -33.53 32.51
N PRO A 2 -32.75 -34.33 31.95
CA PRO A 2 -32.44 -35.67 32.46
C PRO A 2 -31.48 -35.63 33.64
N ARG A 3 -31.57 -36.64 34.49
CA ARG A 3 -30.71 -36.73 35.68
C ARG A 3 -29.27 -37.04 35.27
N THR A 4 -29.09 -37.70 34.13
CA THR A 4 -27.77 -38.05 33.64
C THR A 4 -26.94 -36.80 33.39
N ALA A 5 -27.61 -35.72 32.99
CA ALA A 5 -26.93 -34.46 32.71
C ALA A 5 -26.17 -33.95 33.93
N SER A 6 -24.89 -33.67 33.76
CA SER A 6 -24.06 -33.18 34.85
C SER A 6 -24.10 -31.65 34.92
N PRO A 7 -23.84 -31.08 36.11
CA PRO A 7 -23.85 -29.63 36.31
C PRO A 7 -22.98 -28.90 35.29
N GLY A 8 -23.34 -27.66 34.99
CA GLY A 8 -22.59 -26.87 34.04
C GLY A 8 -23.25 -26.79 32.68
N ASN A 9 -24.50 -26.31 32.67
CA ASN A 9 -25.26 -26.19 31.43
C ASN A 9 -24.96 -24.86 30.74
N PRO A 10 -25.02 -24.84 29.40
CA PRO A 10 -24.76 -23.61 28.62
C PRO A 10 -25.61 -22.44 29.09
N LYS A 11 -25.13 -21.23 28.84
CA LYS A 11 -25.85 -20.02 29.24
C LYS A 11 -27.03 -19.76 28.30
N SER A 12 -27.99 -18.97 28.78
CA SER A 12 -29.17 -18.65 27.99
C SER A 12 -29.00 -17.30 27.27
N SER A 13 -27.75 -16.88 27.07
CA SER A 13 -27.48 -15.62 26.40
C SER A 13 -27.95 -15.65 24.95
N LEU A 14 -28.06 -16.86 24.39
CA LEU A 14 -28.52 -17.02 23.01
C LEU A 14 -29.89 -17.68 22.98
N SER A 15 -30.92 -16.94 23.39
CA SER A 15 -32.28 -17.46 23.39
C SER A 15 -33.18 -16.62 22.50
N GLY A 16 -32.67 -16.27 21.32
CA GLY A 16 -33.44 -15.46 20.39
C GLY A 16 -32.66 -14.25 19.90
N PHE A 17 -31.85 -13.68 20.79
CA PHE A 17 -31.04 -12.51 20.44
C PHE A 17 -29.56 -12.82 20.60
N VAL A 18 -28.83 -12.75 19.49
CA VAL A 18 -27.39 -13.02 19.50
C VAL A 18 -26.59 -11.76 19.20
N ASN A 19 -25.93 -11.24 20.23
CA ASN A 19 -25.13 -10.03 20.08
C ASN A 19 -23.97 -10.02 21.08
N PRO A 20 -22.84 -10.66 20.72
CA PRO A 20 -21.66 -10.72 21.59
C PRO A 20 -20.94 -9.38 21.68
N GLN A 21 -20.14 -9.22 22.73
CA GLN A 21 -19.38 -7.98 22.93
C GLN A 21 -18.45 -7.73 21.76
N SER A 22 -17.78 -8.77 21.30
CA SER A 22 -16.85 -8.66 20.19
C SER A 22 -17.00 -9.84 19.22
N GLY A 23 -17.02 -11.05 19.80
CA GLY A 23 -17.17 -12.24 18.99
C GLY A 23 -15.84 -12.84 18.58
N ASN A 24 -14.89 -11.98 18.21
CA ASN A 24 -13.57 -12.44 17.79
C ASN A 24 -13.66 -13.52 16.72
N PRO A 25 -14.42 -13.27 15.65
CA PRO A 25 -14.59 -14.24 14.56
C PRO A 25 -13.38 -14.33 13.65
N HIS A 26 -12.82 -13.17 13.29
CA HIS A 26 -11.66 -13.11 12.42
C HIS A 26 -10.38 -12.91 13.23
N ALA A 27 -9.46 -13.86 13.12
CA ALA A 27 -8.20 -13.79 13.85
C ALA A 27 -7.35 -12.63 13.34
N PRO A 28 -7.20 -11.57 14.16
CA PRO A 28 -6.40 -10.39 13.79
C PRO A 28 -4.90 -10.61 13.94
N GLN A 29 -4.42 -11.79 13.57
CA GLN A 29 -3.00 -12.11 13.67
C GLN A 29 -2.16 -11.05 12.96
N THR A 30 -2.67 -10.60 11.81
CA THR A 30 -1.98 -9.60 11.02
C THR A 30 -2.98 -8.56 10.52
N ASN A 31 -2.46 -7.49 9.91
CA ASN A 31 -3.30 -6.44 9.38
C ASN A 31 -3.33 -6.53 7.86
N PHE A 32 -2.38 -7.25 7.29
CA PHE A 32 -2.27 -7.44 5.85
C PHE A 32 -3.62 -7.88 5.25
N ALA A 33 -4.24 -8.86 5.88
CA ALA A 33 -5.51 -9.39 5.39
C ALA A 33 -6.68 -8.41 5.58
N ASN A 34 -6.81 -7.84 6.77
CA ASN A 34 -7.94 -6.95 7.06
C ASN A 34 -7.89 -5.57 6.38
N MET A 35 -7.01 -4.69 6.85
CA MET A 35 -6.93 -3.32 6.30
C MET A 35 -6.76 -3.31 4.78
N PRO A 36 -5.76 -4.04 4.25
CA PRO A 36 -5.46 -4.11 2.80
C PRO A 36 -6.56 -4.79 1.98
N SER A 37 -7.83 -4.45 2.27
CA SER A 37 -8.96 -5.03 1.54
C SER A 37 -8.63 -5.21 0.06
N ALA A 38 -7.99 -4.21 -0.53
CA ALA A 38 -7.60 -4.30 -1.93
C ALA A 38 -6.15 -3.87 -2.12
N ARG A 39 -5.40 -4.63 -2.91
CA ARG A 39 -3.99 -4.32 -3.16
C ARG A 39 -3.63 -4.47 -4.63
N VAL A 40 -2.90 -3.49 -5.15
CA VAL A 40 -2.44 -3.51 -6.54
C VAL A 40 -0.97 -3.11 -6.63
N THR A 41 -0.32 -3.42 -7.77
CA THR A 41 1.08 -3.05 -7.96
C THR A 41 1.25 -2.18 -9.21
N LEU A 42 2.03 -1.11 -9.06
CA LEU A 42 2.31 -0.17 -10.15
C LEU A 42 3.79 0.18 -10.17
N PRO A 43 4.29 0.76 -11.28
CA PRO A 43 5.70 1.17 -11.37
C PRO A 43 6.02 2.31 -10.38
N LYS A 44 6.93 2.05 -9.45
CA LYS A 44 7.31 3.02 -8.43
C LYS A 44 7.72 4.38 -9.02
N SER A 45 8.28 4.36 -10.22
CA SER A 45 8.78 5.58 -10.85
C SER A 45 7.70 6.66 -11.06
N LEU A 46 6.56 6.28 -11.62
CA LEU A 46 5.48 7.24 -11.89
C LEU A 46 4.76 7.69 -10.62
N VAL A 47 5.05 7.05 -9.51
CA VAL A 47 4.41 7.38 -8.23
C VAL A 47 4.96 8.67 -7.64
N TYR A 48 6.19 8.97 -8.01
CA TYR A 48 6.90 10.14 -7.52
C TYR A 48 6.13 11.46 -7.69
N ASP A 49 5.27 11.56 -8.69
CA ASP A 49 4.58 12.83 -8.97
C ASP A 49 3.44 13.18 -7.99
N LYS A 50 2.49 12.27 -7.73
CA LYS A 50 1.39 12.57 -6.83
C LYS A 50 1.36 11.63 -5.63
N THR A 51 1.16 12.20 -4.46
CA THR A 51 1.12 11.41 -3.24
C THR A 51 -0.16 10.57 -3.09
N PHE A 52 -1.27 11.22 -2.73
CA PHE A 52 -2.56 10.56 -2.54
C PHE A 52 -3.26 10.17 -3.84
N SER A 53 -3.55 11.19 -4.65
CA SER A 53 -4.30 11.05 -5.89
C SER A 53 -3.79 9.94 -6.83
N LYS A 54 -2.65 10.17 -7.44
CA LYS A 54 -2.11 9.21 -8.41
C LYS A 54 -2.05 7.79 -7.87
N VAL A 55 -1.52 7.62 -6.67
CA VAL A 55 -1.41 6.30 -6.07
C VAL A 55 -2.75 5.57 -6.07
N LEU A 56 -3.73 6.17 -5.42
CA LEU A 56 -5.04 5.55 -5.28
C LEU A 56 -5.74 5.19 -6.61
N TRP A 57 -6.06 6.19 -7.43
CA TRP A 57 -6.80 5.91 -8.66
C TRP A 57 -6.00 5.22 -9.74
N SER A 58 -4.88 5.80 -10.06
CA SER A 58 -4.03 5.31 -11.12
C SER A 58 -3.51 3.92 -10.86
N ALA A 59 -3.00 3.71 -9.66
CA ALA A 59 -2.38 2.47 -9.33
C ALA A 59 -3.30 1.27 -9.15
N GLY A 60 -4.01 1.23 -8.03
CA GLY A 60 -4.78 0.03 -7.73
C GLY A 60 -6.30 0.06 -7.69
N LEU A 61 -6.89 1.14 -7.23
CA LEU A 61 -8.34 1.08 -6.97
C LEU A 61 -9.30 1.80 -7.90
N VAL A 62 -9.02 3.00 -8.39
CA VAL A 62 -10.10 3.65 -9.11
C VAL A 62 -9.72 4.66 -10.22
N ALA A 63 -10.78 5.08 -10.92
CA ALA A 63 -10.80 6.06 -12.01
C ALA A 63 -10.91 7.45 -11.43
N SER A 64 -10.92 7.47 -10.09
CA SER A 64 -11.16 8.60 -9.27
C SER A 64 -10.19 9.75 -9.44
N LYS A 65 -9.36 9.80 -10.49
CA LYS A 65 -8.47 10.95 -10.62
C LYS A 65 -9.33 12.14 -10.23
N SER A 66 -10.55 12.15 -10.76
CA SER A 66 -11.55 13.12 -10.39
C SER A 66 -12.09 12.79 -8.98
N GLU A 67 -12.53 11.53 -8.81
CA GLU A 67 -13.09 11.05 -7.55
C GLU A 67 -12.07 11.09 -6.41
N GLY A 68 -10.87 10.60 -6.67
CA GLY A 68 -9.83 10.57 -5.67
C GLY A 68 -9.67 11.91 -5.02
N GLN A 69 -9.38 12.92 -5.81
CA GLN A 69 -9.23 14.28 -5.29
C GLN A 69 -10.40 14.61 -4.36
N ARG A 70 -11.62 14.33 -4.83
CA ARG A 70 -12.82 14.59 -4.03
C ARG A 70 -12.66 13.99 -2.62
N ILE A 71 -12.26 12.72 -2.55
CA ILE A 71 -12.06 12.05 -1.27
C ILE A 71 -11.05 12.82 -0.42
N ILE A 72 -9.88 13.03 -1.01
CA ILE A 72 -8.83 13.79 -0.37
C ILE A 72 -9.42 15.09 0.14
N ASN A 73 -10.16 15.75 -0.75
CA ASN A 73 -10.86 17.00 -0.45
C ASN A 73 -11.78 16.77 0.72
N ASN A 74 -12.54 15.69 0.60
CA ASN A 74 -13.46 15.25 1.63
C ASN A 74 -12.73 15.28 2.95
N ASN A 75 -11.46 14.85 2.91
CA ASN A 75 -10.63 14.80 4.09
C ASN A 75 -11.01 13.66 5.00
N GLY A 76 -11.33 12.54 4.35
CA GLY A 76 -11.69 11.33 5.07
C GLY A 76 -10.66 10.23 4.84
N ALA A 77 -9.46 10.62 4.43
CA ALA A 77 -8.40 9.65 4.16
C ALA A 77 -7.07 10.09 4.78
N TYR A 78 -6.19 9.13 5.02
CA TYR A 78 -4.85 9.39 5.57
C TYR A 78 -3.81 8.62 4.76
N VAL A 79 -2.55 9.04 4.80
CA VAL A 79 -1.52 8.35 4.01
C VAL A 79 -0.33 7.88 4.85
N GLY A 80 0.08 6.65 4.57
CA GLY A 80 1.19 6.05 5.29
C GLY A 80 2.21 5.34 4.42
N SER A 81 3.40 5.15 4.99
CA SER A 81 4.50 4.45 4.32
C SER A 81 5.14 3.43 5.26
N ARG A 82 5.44 2.24 4.76
CA ARG A 82 6.08 1.22 5.57
C ARG A 82 6.79 0.15 4.76
N PRO A 83 8.08 0.36 4.45
CA PRO A 83 8.88 -0.62 3.68
C PRO A 83 9.19 -1.87 4.49
N GLY A 84 9.34 -1.70 5.80
CA GLY A 84 9.64 -2.82 6.66
C GLY A 84 11.03 -3.36 6.44
N VAL A 85 12.03 -2.50 6.58
CA VAL A 85 13.42 -2.89 6.38
C VAL A 85 14.22 -2.74 7.66
N LYS A 86 14.05 -1.61 8.31
CA LYS A 86 14.77 -1.32 9.54
C LYS A 86 13.86 -1.39 10.76
N LYS A 87 14.47 -1.51 11.92
CA LYS A 87 13.74 -1.59 13.18
C LYS A 87 13.77 -0.26 13.91
N ASN A 88 13.84 0.83 13.16
CA ASN A 88 13.89 2.17 13.73
C ASN A 88 12.48 2.77 13.75
N GLU A 89 11.86 2.71 14.91
CA GLU A 89 10.52 3.25 15.10
C GLU A 89 10.41 4.68 14.57
N PRO A 90 9.21 5.09 14.14
CA PRO A 90 8.97 6.45 13.61
C PRO A 90 9.51 7.54 14.52
N GLY A 91 9.25 7.39 15.83
CA GLY A 91 9.73 8.37 16.79
C GLY A 91 9.33 9.78 16.43
N GLY A 92 8.23 9.93 15.69
CA GLY A 92 7.74 11.23 15.27
C GLY A 92 8.74 12.12 14.54
N GLY A 93 10.04 12.01 14.85
CA GLY A 93 11.07 12.81 14.22
C GLY A 93 11.05 12.80 12.69
N MET A 94 9.92 13.13 12.07
CA MET A 94 9.81 13.14 10.61
C MET A 94 10.32 11.83 10.01
N PRO A 95 9.78 10.69 10.49
CA PRO A 95 10.18 9.37 10.01
C PRO A 95 9.67 9.07 8.59
N ASP A 96 10.22 8.02 8.00
CA ASP A 96 9.85 7.59 6.67
C ASP A 96 9.41 6.14 6.71
N ASP A 97 9.85 5.42 7.75
CA ASP A 97 9.49 4.04 7.92
C ASP A 97 7.98 3.91 8.01
N LEU A 98 7.39 4.75 8.84
CA LEU A 98 5.95 4.80 9.01
C LEU A 98 5.45 6.19 8.64
N THR A 99 4.32 6.27 7.96
CA THR A 99 3.79 7.57 7.57
C THR A 99 2.32 7.71 7.87
N PHE A 100 1.94 8.93 8.19
CA PHE A 100 0.55 9.29 8.44
C PHE A 100 0.28 10.58 7.69
N THR A 101 -0.84 10.70 7.04
CA THR A 101 -1.13 11.94 6.33
C THR A 101 -2.54 12.41 6.64
N PRO A 102 -2.71 13.72 6.85
CA PRO A 102 -4.00 14.29 7.16
C PRO A 102 -4.80 14.62 5.90
N ILE A 103 -4.46 13.92 4.81
CA ILE A 103 -5.18 14.07 3.55
C ILE A 103 -5.05 15.45 2.88
N LYS A 104 -3.93 16.13 3.01
CA LYS A 104 -3.80 17.45 2.41
C LYS A 104 -2.93 17.29 1.17
N THR A 105 -3.46 17.76 0.04
CA THR A 105 -2.79 17.56 -1.23
C THR A 105 -1.38 18.12 -1.31
N TRP A 106 -0.46 17.19 -1.51
CA TRP A 106 0.96 17.46 -1.73
C TRP A 106 1.40 16.52 -2.83
N ASN A 107 1.73 17.02 -4.00
CA ASN A 107 2.07 16.11 -5.09
C ASN A 107 3.45 15.48 -4.97
N ALA A 108 4.49 16.26 -5.28
CA ALA A 108 5.87 15.77 -5.25
C ALA A 108 6.49 15.59 -3.87
N SER A 109 6.49 16.65 -3.08
CA SER A 109 7.13 16.62 -1.76
C SER A 109 6.73 15.41 -0.93
N LYS A 110 5.43 15.22 -0.76
CA LYS A 110 4.95 14.10 0.05
C LYS A 110 5.17 12.76 -0.61
N THR A 111 4.81 12.66 -1.88
CA THR A 111 4.95 11.40 -2.60
C THR A 111 6.34 10.81 -2.39
N GLN A 112 7.35 11.46 -2.92
CA GLN A 112 8.73 11.00 -2.75
C GLN A 112 9.03 10.67 -1.29
N GLU A 113 8.65 11.57 -0.40
CA GLU A 113 8.90 11.39 1.03
C GLU A 113 8.46 10.02 1.54
N PHE A 114 7.16 9.78 1.54
CA PHE A 114 6.61 8.53 2.05
C PHE A 114 6.50 7.46 0.97
N ILE A 115 6.10 7.86 -0.22
CA ILE A 115 5.95 6.96 -1.36
C ILE A 115 7.25 6.32 -1.77
N ILE A 116 8.28 6.47 -0.97
CA ILE A 116 9.51 5.83 -1.31
C ILE A 116 9.14 4.37 -1.46
N ASP A 117 8.34 3.90 -0.50
CA ASP A 117 7.78 2.57 -0.54
C ASP A 117 8.66 1.58 -1.26
N GLY A 118 9.88 1.36 -0.79
CA GLY A 118 10.70 0.42 -1.51
C GLY A 118 9.94 -0.86 -1.71
N ASP A 119 9.29 -1.32 -0.65
CA ASP A 119 8.44 -2.49 -0.74
C ASP A 119 6.99 -2.19 -0.40
N LEU A 120 6.69 -1.05 0.27
CA LEU A 120 5.32 -0.77 0.65
C LEU A 120 4.90 0.67 0.51
N LEU A 121 3.70 0.82 -0.01
CA LEU A 121 3.04 2.09 -0.12
C LEU A 121 1.63 1.87 0.39
N ILE A 122 1.11 2.76 1.22
CA ILE A 122 -0.26 2.57 1.73
C ILE A 122 -1.09 3.83 1.63
N LEU A 123 -2.32 3.65 1.19
CA LEU A 123 -3.27 4.72 1.11
C LEU A 123 -4.56 4.24 1.71
N LYS A 124 -5.19 5.04 2.54
CA LYS A 124 -6.44 4.61 3.11
C LYS A 124 -7.49 5.69 3.02
N LEU A 125 -8.69 5.32 2.61
CA LEU A 125 -9.77 6.26 2.53
C LEU A 125 -10.94 5.71 3.33
N GLY A 126 -11.50 6.58 4.19
CA GLY A 126 -12.60 6.18 5.03
C GLY A 126 -13.94 6.41 4.41
N LYS A 127 -13.98 6.99 3.23
CA LYS A 127 -15.25 7.23 2.60
C LYS A 127 -15.82 5.90 2.12
N TRP A 128 -14.99 5.10 1.44
CA TRP A 128 -15.45 3.80 1.00
C TRP A 128 -14.43 2.68 1.17
N LYS A 129 -13.22 2.89 0.65
CA LYS A 129 -12.22 1.84 0.67
C LYS A 129 -10.81 2.31 0.98
N MET A 130 -9.99 1.34 1.31
CA MET A 130 -8.58 1.55 1.53
C MET A 130 -7.86 0.75 0.46
N LYS A 131 -6.89 1.38 -0.15
CA LYS A 131 -6.12 0.76 -1.18
C LYS A 131 -4.67 0.76 -0.77
N LEU A 132 -4.04 -0.37 -0.94
CA LEU A 132 -2.64 -0.52 -0.62
C LEU A 132 -1.94 -0.87 -1.90
N VAL A 133 -0.82 -0.24 -2.14
CA VAL A 133 -0.08 -0.49 -3.34
C VAL A 133 1.39 -0.69 -3.07
N SER A 134 1.98 -1.66 -3.75
CA SER A 134 3.41 -1.91 -3.59
C SER A 134 4.09 -1.40 -4.85
N ILE A 135 5.21 -0.69 -4.71
CA ILE A 135 5.88 -0.15 -5.87
C ILE A 135 7.38 -0.38 -5.85
N VAL A 136 7.89 -0.75 -7.02
CA VAL A 136 9.31 -1.01 -7.19
C VAL A 136 9.85 -0.21 -8.37
N SER A 137 11.03 0.38 -8.19
CA SER A 137 11.67 1.17 -9.23
C SER A 137 11.84 0.37 -10.51
N ASP A 138 11.86 1.07 -11.63
CA ASP A 138 12.02 0.44 -12.94
C ASP A 138 13.21 -0.50 -12.98
N GLU A 139 14.36 -0.03 -12.50
CA GLU A 139 15.59 -0.83 -12.50
C GLU A 139 15.45 -2.11 -11.68
N LYS A 140 15.00 -1.97 -10.43
CA LYS A 140 14.85 -3.12 -9.55
C LYS A 140 13.98 -4.20 -10.20
N PHE A 141 12.77 -3.79 -10.57
CA PHE A 141 11.82 -4.68 -11.22
C PHE A 141 12.48 -5.40 -12.39
N LYS A 142 13.18 -4.65 -13.21
CA LYS A 142 13.88 -5.20 -14.37
C LYS A 142 14.71 -6.42 -13.95
N GLU A 143 15.47 -6.26 -12.88
CA GLU A 143 16.33 -7.33 -12.37
C GLU A 143 15.55 -8.59 -12.00
N LEU A 144 14.61 -8.47 -11.06
CA LEU A 144 13.83 -9.63 -10.61
C LEU A 144 13.20 -10.38 -11.78
N GLY A 145 12.52 -9.64 -12.63
CA GLY A 145 11.85 -10.21 -13.78
C GLY A 145 12.69 -10.17 -15.03
N LEU A 146 13.98 -9.86 -14.89
CA LEU A 146 14.88 -9.72 -16.04
C LEU A 146 14.82 -10.92 -17.01
N THR A 147 14.03 -11.95 -16.70
CA THR A 147 13.91 -13.08 -17.62
C THR A 147 12.45 -13.44 -17.85
N ALA A 148 11.76 -12.53 -18.52
CA ALA A 148 10.36 -12.67 -18.85
C ALA A 148 10.16 -12.34 -20.33
N PRO A 149 8.89 -12.29 -20.82
CA PRO A 149 8.63 -11.96 -22.22
C PRO A 149 8.88 -10.49 -22.54
N GLY A 150 8.64 -9.62 -21.56
CA GLY A 150 8.84 -8.20 -21.75
C GLY A 150 10.31 -7.81 -21.85
N TRP A 151 11.09 -8.30 -20.90
CA TRP A 151 12.52 -8.00 -20.82
C TRP A 151 13.28 -8.69 -21.93
N ASP A 152 13.00 -9.95 -22.12
CA ASP A 152 13.68 -10.73 -23.14
C ASP A 152 13.67 -10.01 -24.48
N GLU A 153 12.48 -9.74 -24.99
CA GLU A 153 12.32 -9.05 -26.27
C GLU A 153 12.91 -7.63 -26.24
N VAL A 154 12.39 -6.78 -25.37
CA VAL A 154 12.84 -5.39 -25.27
C VAL A 154 14.35 -5.23 -25.06
N VAL A 155 14.79 -5.57 -23.86
CA VAL A 155 16.17 -5.44 -23.46
C VAL A 155 17.12 -6.38 -24.23
N GLY A 156 16.86 -7.67 -24.15
CA GLY A 156 17.69 -8.64 -24.82
C GLY A 156 17.76 -8.44 -26.32
N LYS A 157 16.63 -8.59 -26.98
CA LYS A 157 16.56 -8.42 -28.43
C LYS A 157 16.96 -7.00 -28.83
N GLY A 158 16.38 -6.01 -28.17
CA GLY A 158 16.69 -4.63 -28.47
C GLY A 158 15.86 -4.09 -29.63
N LYS A 159 14.55 -4.15 -29.49
CA LYS A 159 13.65 -3.66 -30.52
C LYS A 159 13.16 -2.25 -30.19
N GLU A 160 14.03 -1.44 -29.62
CA GLU A 160 13.69 -0.07 -29.25
C GLU A 160 14.59 0.93 -29.97
N GLU A 161 13.98 1.96 -30.54
CA GLU A 161 14.72 2.99 -31.25
C GLU A 161 15.74 3.67 -30.35
N PRO A 162 15.27 4.31 -29.26
CA PRO A 162 16.14 4.99 -28.30
C PRO A 162 16.92 4.02 -27.42
N SER A 163 18.06 3.56 -27.92
CA SER A 163 18.89 2.62 -27.19
C SER A 163 19.50 3.28 -25.94
N PRO A 164 19.09 2.86 -24.74
CA PRO A 164 19.59 3.43 -23.49
C PRO A 164 21.13 3.42 -23.44
N MET A 1 8.21 -24.49 56.23
CA MET A 1 8.01 -25.93 55.91
C MET A 1 6.59 -26.18 55.38
N PRO A 2 6.38 -27.32 54.69
CA PRO A 2 5.08 -27.68 54.13
C PRO A 2 4.08 -28.05 55.22
N ARG A 3 4.58 -28.59 56.32
CA ARG A 3 3.73 -28.98 57.43
C ARG A 3 3.08 -27.77 58.09
N THR A 4 3.73 -26.63 57.98
CA THR A 4 3.21 -25.39 58.56
C THR A 4 2.53 -24.53 57.49
N ALA A 5 1.94 -25.19 56.50
CA ALA A 5 1.25 -24.48 55.42
C ALA A 5 -0.26 -24.62 55.55
N SER A 6 -0.96 -23.49 55.46
CA SER A 6 -2.41 -23.48 55.57
C SER A 6 -3.06 -23.29 54.20
N PRO A 7 -4.29 -23.78 54.03
CA PRO A 7 -5.02 -23.66 52.76
C PRO A 7 -5.44 -22.21 52.47
N GLY A 8 -4.92 -21.67 51.38
CA GLY A 8 -5.25 -20.30 51.01
C GLY A 8 -4.18 -19.31 51.42
N ASN A 9 -2.95 -19.55 50.95
CA ASN A 9 -1.84 -18.66 51.27
C ASN A 9 -1.59 -17.66 50.14
N PRO A 10 -1.11 -16.46 50.48
CA PRO A 10 -0.84 -15.41 49.49
C PRO A 10 0.06 -15.91 48.36
N LYS A 11 -0.19 -15.42 47.15
CA LYS A 11 0.59 -15.81 45.99
C LYS A 11 1.51 -14.68 45.54
N SER A 12 2.78 -14.98 45.36
CA SER A 12 3.76 -13.99 44.94
C SER A 12 4.24 -14.27 43.52
N SER A 13 3.45 -15.00 42.75
CA SER A 13 3.80 -15.35 41.38
C SER A 13 4.12 -14.10 40.57
N LEU A 14 3.57 -12.97 40.99
CA LEU A 14 3.80 -11.69 40.31
C LEU A 14 4.81 -10.85 41.07
N SER A 15 6.10 -11.10 40.84
CA SER A 15 7.16 -10.35 41.51
C SER A 15 8.28 -10.03 40.54
N GLY A 16 7.91 -9.59 39.33
CA GLY A 16 8.90 -9.24 38.33
C GLY A 16 8.64 -9.93 37.00
N PHE A 17 8.17 -11.16 37.06
CA PHE A 17 7.87 -11.92 35.84
C PHE A 17 6.36 -12.03 35.65
N VAL A 18 5.87 -11.47 34.56
CA VAL A 18 4.44 -11.50 34.25
C VAL A 18 4.18 -12.35 33.01
N ASN A 19 3.56 -13.50 33.21
CA ASN A 19 3.25 -14.41 32.12
C ASN A 19 1.86 -14.10 31.54
N PRO A 20 1.65 -14.44 30.25
CA PRO A 20 0.37 -14.19 29.58
C PRO A 20 -0.82 -14.72 30.38
N GLN A 21 -1.88 -13.92 30.45
CA GLN A 21 -3.08 -14.30 31.19
C GLN A 21 -4.33 -13.95 30.39
N SER A 22 -4.36 -12.74 29.84
CA SER A 22 -5.51 -12.28 29.05
C SER A 22 -5.81 -13.25 27.90
N GLY A 23 -4.77 -13.94 27.44
CA GLY A 23 -4.95 -14.89 26.34
C GLY A 23 -4.41 -14.36 25.03
N ASN A 24 -4.34 -13.04 24.91
CA ASN A 24 -3.84 -12.40 23.68
C ASN A 24 -4.41 -13.06 22.42
N PRO A 25 -5.74 -13.20 22.34
CA PRO A 25 -6.41 -13.82 21.19
C PRO A 25 -6.28 -12.99 19.92
N HIS A 26 -5.97 -11.70 20.08
CA HIS A 26 -5.83 -10.80 18.95
C HIS A 26 -4.79 -11.32 17.96
N ALA A 27 -5.17 -11.43 16.70
CA ALA A 27 -4.28 -11.91 15.66
C ALA A 27 -4.45 -11.13 14.36
N PRO A 28 -3.66 -11.44 13.33
CA PRO A 28 -3.72 -10.76 12.03
C PRO A 28 -4.89 -11.25 11.16
N GLN A 29 -6.04 -11.47 11.79
CA GLN A 29 -7.21 -11.94 11.06
C GLN A 29 -7.78 -10.83 10.20
N THR A 30 -8.20 -9.73 10.83
CA THR A 30 -8.75 -8.61 10.10
C THR A 30 -7.88 -7.37 10.24
N ASN A 31 -6.67 -7.45 9.69
CA ASN A 31 -5.73 -6.34 9.71
C ASN A 31 -5.20 -6.13 8.30
N PHE A 32 -4.40 -7.10 7.86
CA PHE A 32 -3.83 -7.11 6.51
C PHE A 32 -4.93 -7.41 5.50
N ALA A 33 -5.71 -8.43 5.80
CA ALA A 33 -6.78 -8.87 4.92
C ALA A 33 -7.97 -7.91 4.90
N ASN A 34 -8.44 -7.48 6.07
CA ASN A 34 -9.63 -6.62 6.15
C ASN A 34 -9.42 -5.19 5.64
N MET A 35 -8.70 -4.36 6.40
CA MET A 35 -8.51 -2.95 6.00
C MET A 35 -8.03 -2.81 4.56
N PRO A 36 -6.93 -3.51 4.20
CA PRO A 36 -6.35 -3.48 2.85
C PRO A 36 -7.15 -4.31 1.85
N SER A 37 -8.47 -4.20 1.93
CA SER A 37 -9.38 -4.95 1.05
C SER A 37 -8.87 -5.06 -0.38
N ALA A 38 -8.11 -4.07 -0.84
CA ALA A 38 -7.58 -4.11 -2.20
C ALA A 38 -6.09 -3.77 -2.25
N ARG A 39 -5.33 -4.53 -3.03
CA ARG A 39 -3.90 -4.30 -3.21
C ARG A 39 -3.53 -4.43 -4.68
N VAL A 40 -2.75 -3.48 -5.17
CA VAL A 40 -2.30 -3.50 -6.55
C VAL A 40 -0.81 -3.15 -6.66
N THR A 41 -0.21 -3.45 -7.81
CA THR A 41 1.19 -3.10 -8.04
C THR A 41 1.32 -2.16 -9.24
N LEU A 42 2.10 -1.10 -9.07
CA LEU A 42 2.34 -0.12 -10.11
C LEU A 42 3.82 0.27 -10.18
N PRO A 43 4.27 0.89 -11.28
CA PRO A 43 5.68 1.32 -11.43
C PRO A 43 6.04 2.45 -10.46
N LYS A 44 7.02 2.19 -9.59
CA LYS A 44 7.47 3.15 -8.58
C LYS A 44 7.82 4.51 -9.17
N SER A 45 8.28 4.54 -10.41
CA SER A 45 8.71 5.77 -11.04
C SER A 45 7.61 6.84 -11.16
N LEU A 46 6.43 6.45 -11.64
CA LEU A 46 5.33 7.40 -11.82
C LEU A 46 4.67 7.80 -10.50
N VAL A 47 5.04 7.13 -9.41
CA VAL A 47 4.45 7.43 -8.11
C VAL A 47 4.99 8.71 -7.50
N TYR A 48 6.19 9.07 -7.90
CA TYR A 48 6.88 10.26 -7.40
C TYR A 48 6.07 11.55 -7.53
N ASP A 49 5.21 11.66 -8.54
CA ASP A 49 4.47 12.91 -8.77
C ASP A 49 3.29 13.16 -7.80
N LYS A 50 2.40 12.19 -7.61
CA LYS A 50 1.26 12.39 -6.73
C LYS A 50 1.27 11.40 -5.58
N THR A 51 1.07 11.92 -4.38
CA THR A 51 1.04 11.09 -3.19
C THR A 51 -0.22 10.22 -3.06
N PHE A 52 -1.32 10.88 -2.69
CA PHE A 52 -2.63 10.22 -2.50
C PHE A 52 -3.32 9.85 -3.81
N SER A 53 -3.63 10.89 -4.58
CA SER A 53 -4.38 10.77 -5.84
C SER A 53 -3.87 9.70 -6.79
N LYS A 54 -2.72 9.96 -7.41
CA LYS A 54 -2.19 9.05 -8.40
C LYS A 54 -2.17 7.60 -7.93
N VAL A 55 -1.65 7.36 -6.74
CA VAL A 55 -1.58 5.99 -6.23
C VAL A 55 -2.93 5.30 -6.23
N LEU A 56 -3.89 5.90 -5.55
CA LEU A 56 -5.23 5.31 -5.41
C LEU A 56 -5.97 5.06 -6.74
N TRP A 57 -6.29 6.12 -7.48
CA TRP A 57 -7.07 5.98 -8.71
C TRP A 57 -6.31 5.36 -9.87
N SER A 58 -5.14 5.88 -10.11
CA SER A 58 -4.31 5.46 -11.21
C SER A 58 -3.89 4.02 -11.10
N ALA A 59 -3.40 3.66 -9.92
CA ALA A 59 -2.86 2.35 -9.74
C ALA A 59 -3.85 1.20 -9.68
N GLY A 60 -4.58 1.05 -8.58
CA GLY A 60 -5.43 -0.11 -8.45
C GLY A 60 -6.92 0.03 -8.33
N LEU A 61 -7.36 1.07 -7.66
CA LEU A 61 -8.77 1.13 -7.32
C LEU A 61 -9.72 1.90 -8.18
N VAL A 62 -9.42 3.12 -8.59
CA VAL A 62 -10.48 3.83 -9.28
C VAL A 62 -10.05 4.87 -10.33
N ALA A 63 -11.09 5.33 -11.04
CA ALA A 63 -11.04 6.38 -12.04
C ALA A 63 -10.88 7.73 -11.33
N SER A 64 -10.75 7.63 -10.02
CA SER A 64 -10.73 8.71 -9.09
C SER A 64 -9.65 9.76 -9.30
N LYS A 65 -8.90 9.75 -10.41
CA LYS A 65 -7.95 10.85 -10.57
C LYS A 65 -8.75 12.10 -10.20
N SER A 66 -9.94 12.20 -10.78
CA SER A 66 -10.89 13.24 -10.44
C SER A 66 -11.54 12.95 -9.08
N GLU A 67 -12.17 11.76 -8.98
CA GLU A 67 -12.87 11.34 -7.77
C GLU A 67 -11.94 11.29 -6.55
N GLY A 68 -10.79 10.68 -6.73
CA GLY A 68 -9.82 10.54 -5.67
C GLY A 68 -9.58 11.87 -5.00
N GLN A 69 -9.23 12.87 -5.79
CA GLN A 69 -9.01 14.20 -5.26
C GLN A 69 -10.19 14.58 -4.36
N ARG A 70 -11.40 14.35 -4.86
CA ARG A 70 -12.61 14.64 -4.09
C ARG A 70 -12.52 14.03 -2.68
N ILE A 71 -12.15 12.76 -2.60
CA ILE A 71 -12.00 12.07 -1.32
C ILE A 71 -11.00 12.82 -0.46
N ILE A 72 -9.81 13.00 -0.99
CA ILE A 72 -8.75 13.73 -0.32
C ILE A 72 -9.33 15.07 0.15
N ASN A 73 -10.04 15.73 -0.77
CA ASN A 73 -10.70 17.00 -0.49
C ASN A 73 -11.66 16.79 0.66
N ASN A 74 -12.44 15.73 0.53
CA ASN A 74 -13.39 15.31 1.54
C ASN A 74 -12.67 15.32 2.88
N ASN A 75 -11.41 14.88 2.85
CA ASN A 75 -10.57 14.80 4.03
C ASN A 75 -10.97 13.65 4.92
N GLY A 76 -11.30 12.54 4.28
CA GLY A 76 -11.66 11.34 4.99
C GLY A 76 -10.63 10.25 4.77
N ALA A 77 -9.40 10.64 4.45
CA ALA A 77 -8.33 9.68 4.20
C ALA A 77 -7.03 10.06 4.93
N TYR A 78 -6.16 9.06 5.09
CA TYR A 78 -4.86 9.24 5.73
C TYR A 78 -3.81 8.53 4.87
N VAL A 79 -2.54 8.91 4.99
CA VAL A 79 -1.51 8.25 4.19
C VAL A 79 -0.35 7.71 5.05
N GLY A 80 0.04 6.48 4.73
CA GLY A 80 1.11 5.82 5.45
C GLY A 80 2.14 5.15 4.57
N SER A 81 3.34 5.03 5.09
CA SER A 81 4.45 4.39 4.37
C SER A 81 5.20 3.41 5.25
N ARG A 82 5.54 2.24 4.72
CA ARG A 82 6.30 1.27 5.49
C ARG A 82 6.99 0.23 4.61
N PRO A 83 8.24 0.50 4.21
CA PRO A 83 9.03 -0.42 3.38
C PRO A 83 9.50 -1.64 4.16
N GLY A 84 9.87 -1.42 5.42
CA GLY A 84 10.34 -2.51 6.26
C GLY A 84 11.82 -2.80 6.06
N VAL A 85 12.65 -1.77 6.17
CA VAL A 85 14.08 -1.93 6.00
C VAL A 85 14.83 -1.61 7.28
N LYS A 86 14.46 -0.51 7.89
CA LYS A 86 15.11 -0.08 9.11
C LYS A 86 14.24 -0.26 10.34
N LYS A 87 14.88 -0.24 11.50
CA LYS A 87 14.20 -0.41 12.77
C LYS A 87 14.08 0.93 13.49
N ASN A 88 13.97 2.01 12.72
CA ASN A 88 13.84 3.34 13.29
C ASN A 88 12.39 3.75 13.37
N GLU A 89 11.83 3.62 14.57
CA GLU A 89 10.43 3.98 14.81
C GLU A 89 10.09 5.36 14.27
N PRO A 90 8.82 5.77 14.36
CA PRO A 90 8.37 7.08 13.86
C PRO A 90 9.31 8.21 14.25
N GLY A 91 9.63 8.30 15.54
CA GLY A 91 10.51 9.34 16.02
C GLY A 91 10.11 10.73 15.57
N GLY A 92 8.83 10.90 15.23
CA GLY A 92 8.30 12.20 14.79
C GLY A 92 9.05 12.84 13.62
N GLY A 93 10.38 12.88 13.68
CA GLY A 93 11.20 13.49 12.63
C GLY A 93 10.89 13.06 11.21
N MET A 94 9.64 13.18 10.78
CA MET A 94 9.25 12.81 9.42
C MET A 94 9.70 11.39 9.07
N PRO A 95 9.36 10.41 9.91
CA PRO A 95 9.73 9.00 9.70
C PRO A 95 9.35 8.50 8.32
N ASP A 96 9.91 7.34 7.97
CA ASP A 96 9.63 6.70 6.69
C ASP A 96 9.12 5.29 6.93
N ASP A 97 9.50 4.73 8.09
CA ASP A 97 9.07 3.39 8.46
C ASP A 97 7.54 3.36 8.51
N LEU A 98 6.98 4.36 9.17
CA LEU A 98 5.54 4.50 9.28
C LEU A 98 5.15 5.92 8.93
N THR A 99 4.05 6.09 8.21
CA THR A 99 3.63 7.43 7.85
C THR A 99 2.14 7.62 8.10
N PHE A 100 1.79 8.84 8.43
CA PHE A 100 0.42 9.24 8.63
C PHE A 100 0.21 10.57 7.93
N THR A 101 -0.88 10.73 7.23
CA THR A 101 -1.14 11.98 6.57
C THR A 101 -2.55 12.43 6.85
N PRO A 102 -2.75 13.73 7.09
CA PRO A 102 -4.08 14.24 7.38
C PRO A 102 -4.85 14.52 6.10
N ILE A 103 -4.44 13.88 5.00
CA ILE A 103 -5.13 14.02 3.74
C ILE A 103 -5.09 15.44 3.15
N LYS A 104 -4.01 16.17 3.40
CA LYS A 104 -3.91 17.53 2.88
C LYS A 104 -2.97 17.48 1.71
N THR A 105 -3.52 17.87 0.55
CA THR A 105 -2.81 17.74 -0.70
C THR A 105 -1.46 18.43 -0.79
N TRP A 106 -0.47 17.57 -0.96
CA TRP A 106 0.92 17.93 -1.21
C TRP A 106 1.35 16.93 -2.28
N ASN A 107 1.60 17.39 -3.49
CA ASN A 107 1.91 16.44 -4.56
C ASN A 107 3.25 15.73 -4.42
N ALA A 108 4.33 16.43 -4.71
CA ALA A 108 5.67 15.85 -4.66
C ALA A 108 6.22 15.62 -3.26
N SER A 109 6.15 16.64 -2.41
CA SER A 109 6.69 16.54 -1.06
C SER A 109 6.25 15.28 -0.33
N LYS A 110 4.94 15.07 -0.25
CA LYS A 110 4.41 13.91 0.45
C LYS A 110 4.70 12.62 -0.29
N THR A 111 4.43 12.59 -1.59
CA THR A 111 4.64 11.39 -2.38
C THR A 111 6.04 10.81 -2.16
N GLN A 112 7.06 11.48 -2.66
CA GLN A 112 8.43 11.02 -2.53
C GLN A 112 8.75 10.65 -1.07
N GLU A 113 8.37 11.52 -0.13
CA GLU A 113 8.66 11.30 1.28
C GLU A 113 8.23 9.91 1.76
N PHE A 114 6.95 9.61 1.67
CA PHE A 114 6.42 8.34 2.15
C PHE A 114 6.26 7.29 1.04
N ILE A 115 5.99 7.76 -0.15
CA ILE A 115 5.79 6.89 -1.31
C ILE A 115 7.06 6.29 -1.81
N ILE A 116 8.14 6.45 -1.08
CA ILE A 116 9.37 5.86 -1.52
C ILE A 116 9.04 4.40 -1.73
N ASP A 117 8.21 3.89 -0.83
CA ASP A 117 7.66 2.56 -0.96
C ASP A 117 8.63 1.60 -1.62
N GLY A 118 9.80 1.39 -1.05
CA GLY A 118 10.68 0.46 -1.71
C GLY A 118 9.93 -0.83 -1.89
N ASP A 119 9.28 -1.27 -0.81
CA ASP A 119 8.44 -2.43 -0.86
C ASP A 119 6.98 -2.12 -0.48
N LEU A 120 6.71 -0.98 0.18
CA LEU A 120 5.34 -0.69 0.59
C LEU A 120 4.89 0.75 0.45
N LEU A 121 3.67 0.87 -0.03
CA LEU A 121 2.99 2.14 -0.12
C LEU A 121 1.58 1.87 0.39
N ILE A 122 1.05 2.72 1.25
CA ILE A 122 -0.30 2.50 1.75
C ILE A 122 -1.13 3.77 1.69
N LEU A 123 -2.36 3.61 1.25
CA LEU A 123 -3.30 4.69 1.20
C LEU A 123 -4.60 4.21 1.79
N LYS A 124 -5.22 5.01 2.61
CA LYS A 124 -6.49 4.60 3.17
C LYS A 124 -7.52 5.69 3.01
N LEU A 125 -8.72 5.30 2.58
CA LEU A 125 -9.79 6.25 2.44
C LEU A 125 -10.97 5.76 3.25
N GLY A 126 -11.53 6.67 4.04
CA GLY A 126 -12.65 6.33 4.89
C GLY A 126 -13.98 6.53 4.25
N LYS A 127 -13.99 7.03 3.02
CA LYS A 127 -15.26 7.23 2.37
C LYS A 127 -15.82 5.88 1.97
N TRP A 128 -14.99 5.04 1.35
CA TRP A 128 -15.45 3.70 1.01
C TRP A 128 -14.41 2.61 1.25
N LYS A 129 -13.21 2.80 0.71
CA LYS A 129 -12.20 1.75 0.78
C LYS A 129 -10.79 2.25 1.03
N MET A 130 -9.94 1.30 1.39
CA MET A 130 -8.53 1.53 1.54
C MET A 130 -7.86 0.82 0.38
N LYS A 131 -6.93 1.50 -0.24
CA LYS A 131 -6.19 0.92 -1.33
C LYS A 131 -4.73 0.92 -0.96
N LEU A 132 -4.08 -0.20 -1.20
CA LEU A 132 -2.68 -0.36 -0.88
C LEU A 132 -1.94 -0.66 -2.15
N VAL A 133 -0.81 -0.02 -2.33
CA VAL A 133 -0.03 -0.22 -3.52
C VAL A 133 1.44 -0.44 -3.20
N SER A 134 2.06 -1.39 -3.88
CA SER A 134 3.48 -1.67 -3.70
C SER A 134 4.20 -1.22 -4.98
N ILE A 135 5.35 -0.54 -4.86
CA ILE A 135 6.03 -0.06 -6.05
C ILE A 135 7.52 -0.34 -6.06
N VAL A 136 7.98 -0.78 -7.22
CA VAL A 136 9.38 -1.08 -7.46
C VAL A 136 9.83 -0.47 -8.78
N SER A 137 11.02 0.11 -8.78
CA SER A 137 11.56 0.72 -9.99
C SER A 137 11.88 -0.36 -11.03
N ASP A 138 11.34 -0.20 -12.22
CA ASP A 138 11.58 -1.16 -13.30
C ASP A 138 13.07 -1.43 -13.44
N GLU A 139 13.84 -0.36 -13.51
CA GLU A 139 15.29 -0.44 -13.63
C GLU A 139 15.89 -1.34 -12.55
N LYS A 140 15.50 -1.11 -11.30
CA LYS A 140 16.00 -1.92 -10.19
C LYS A 140 15.80 -3.39 -10.52
N PHE A 141 14.59 -3.70 -10.96
CA PHE A 141 14.24 -5.05 -11.35
C PHE A 141 15.27 -5.57 -12.34
N LYS A 142 15.61 -4.78 -13.34
CA LYS A 142 16.60 -5.18 -14.33
C LYS A 142 17.85 -5.68 -13.63
N GLU A 143 18.32 -4.92 -12.65
CA GLU A 143 19.52 -5.28 -11.90
C GLU A 143 19.44 -6.70 -11.32
N LEU A 144 18.42 -6.97 -10.52
CA LEU A 144 18.28 -8.31 -9.90
C LEU A 144 18.07 -9.41 -10.95
N GLY A 145 16.97 -9.30 -11.66
CA GLY A 145 16.59 -10.24 -12.69
C GLY A 145 17.34 -10.05 -13.99
N LEU A 146 18.43 -9.27 -13.98
CA LEU A 146 19.17 -8.95 -15.20
C LEU A 146 19.46 -10.18 -16.05
N THR A 147 19.31 -11.38 -15.50
CA THR A 147 19.52 -12.58 -16.30
C THR A 147 18.38 -13.56 -16.10
N ALA A 148 17.19 -13.17 -16.55
CA ALA A 148 16.01 -14.00 -16.46
C ALA A 148 15.28 -14.06 -17.80
N PRO A 149 14.32 -14.99 -17.95
CA PRO A 149 13.55 -15.12 -19.18
C PRO A 149 12.61 -13.93 -19.37
N GLY A 150 12.44 -13.14 -18.32
CA GLY A 150 11.58 -11.98 -18.35
C GLY A 150 12.13 -10.86 -19.21
N TRP A 151 13.40 -10.51 -18.99
CA TRP A 151 14.04 -9.43 -19.74
C TRP A 151 14.14 -9.76 -21.21
N ASP A 152 14.57 -10.97 -21.52
CA ASP A 152 14.73 -11.39 -22.90
C ASP A 152 13.46 -11.12 -23.68
N GLU A 153 12.35 -11.59 -23.15
CA GLU A 153 11.05 -11.40 -23.78
C GLU A 153 10.67 -9.92 -23.91
N VAL A 154 10.53 -9.26 -22.78
CA VAL A 154 10.13 -7.85 -22.74
C VAL A 154 10.98 -6.94 -23.64
N VAL A 155 12.22 -6.73 -23.24
CA VAL A 155 13.14 -5.84 -23.94
C VAL A 155 13.59 -6.40 -25.30
N GLY A 156 14.20 -7.58 -25.29
CA GLY A 156 14.69 -8.17 -26.51
C GLY A 156 13.60 -8.41 -27.55
N LYS A 157 12.66 -9.27 -27.20
CA LYS A 157 11.55 -9.59 -28.11
C LYS A 157 10.60 -8.42 -28.25
N GLY A 158 9.84 -8.15 -27.19
CA GLY A 158 8.88 -7.06 -27.21
C GLY A 158 7.47 -7.53 -27.43
N LYS A 159 7.06 -8.55 -26.70
CA LYS A 159 5.71 -9.10 -26.82
C LYS A 159 4.82 -8.58 -25.70
N GLU A 160 4.97 -7.30 -25.37
CA GLU A 160 4.17 -6.68 -24.31
C GLU A 160 2.76 -6.41 -24.81
N GLU A 161 1.89 -5.98 -23.89
CA GLU A 161 0.50 -5.68 -24.23
C GLU A 161 0.43 -4.53 -25.23
N PRO A 162 0.94 -3.34 -24.84
CA PRO A 162 0.91 -2.15 -25.70
C PRO A 162 1.91 -2.27 -26.86
N SER A 163 1.39 -2.45 -28.07
CA SER A 163 2.23 -2.57 -29.25
C SER A 163 2.94 -1.25 -29.56
N PRO A 164 4.27 -1.20 -29.39
CA PRO A 164 5.05 0.02 -29.65
C PRO A 164 5.12 0.35 -31.13
N MET A 1 -23.02 1.92 24.14
CA MET A 1 -22.00 2.99 24.35
C MET A 1 -22.53 4.35 23.88
N PRO A 2 -22.02 5.44 24.47
CA PRO A 2 -22.44 6.80 24.12
C PRO A 2 -21.95 7.20 22.73
N ARG A 3 -22.57 8.24 22.17
CA ARG A 3 -22.20 8.73 20.85
C ARG A 3 -21.04 9.71 20.94
N THR A 4 -20.92 10.38 22.09
CA THR A 4 -19.85 11.35 22.30
C THR A 4 -18.68 10.73 23.05
N ALA A 5 -18.37 9.47 22.73
CA ALA A 5 -17.28 8.75 23.37
C ALA A 5 -15.93 9.24 22.86
N SER A 6 -15.34 10.20 23.55
CA SER A 6 -14.06 10.75 23.16
C SER A 6 -12.92 9.99 23.83
N PRO A 7 -11.67 10.14 23.32
CA PRO A 7 -10.51 9.47 23.88
C PRO A 7 -10.12 10.00 25.26
N GLY A 8 -9.01 9.53 25.78
CA GLY A 8 -8.55 9.97 27.08
C GLY A 8 -8.74 8.92 28.16
N ASN A 9 -8.46 7.68 27.82
CA ASN A 9 -8.60 6.58 28.77
C ASN A 9 -7.27 6.27 29.46
N PRO A 10 -7.31 5.54 30.58
CA PRO A 10 -6.11 5.18 31.34
C PRO A 10 -5.05 4.54 30.46
N LYS A 11 -3.93 5.25 30.27
CA LYS A 11 -2.84 4.75 29.45
C LYS A 11 -1.62 4.44 30.30
N SER A 12 -1.19 3.18 30.29
CA SER A 12 -0.02 2.76 31.06
C SER A 12 1.10 2.29 30.14
N SER A 13 0.96 1.08 29.61
CA SER A 13 1.96 0.52 28.71
C SER A 13 1.88 1.17 27.33
N LEU A 14 0.70 1.66 26.98
CA LEU A 14 0.49 2.30 25.69
C LEU A 14 0.39 3.82 25.84
N SER A 15 1.51 4.46 26.15
CA SER A 15 1.54 5.91 26.33
C SER A 15 2.41 6.56 25.26
N GLY A 16 2.26 6.10 24.02
CA GLY A 16 3.04 6.65 22.92
C GLY A 16 3.72 5.56 22.11
N PHE A 17 4.19 4.52 22.80
CA PHE A 17 4.87 3.42 22.14
C PHE A 17 4.05 2.13 22.27
N VAL A 18 3.62 1.59 21.14
CA VAL A 18 2.84 0.37 21.13
C VAL A 18 3.62 -0.78 20.49
N ASN A 19 4.05 -1.73 21.32
CA ASN A 19 4.80 -2.88 20.83
C ASN A 19 4.30 -4.17 21.49
N PRO A 20 4.38 -5.29 20.76
CA PRO A 20 3.93 -6.60 21.27
C PRO A 20 4.56 -6.93 22.63
N GLN A 21 3.76 -6.89 23.68
CA GLN A 21 4.23 -7.19 25.02
C GLN A 21 3.71 -8.55 25.49
N SER A 22 2.51 -8.88 25.07
CA SER A 22 1.89 -10.15 25.44
C SER A 22 1.95 -11.15 24.29
N GLY A 23 1.91 -10.63 23.07
CA GLY A 23 1.96 -11.49 21.90
C GLY A 23 0.88 -11.15 20.89
N ASN A 24 -0.19 -10.54 21.36
CA ASN A 24 -1.31 -10.15 20.50
C ASN A 24 -1.68 -11.28 19.52
N PRO A 25 -1.90 -12.50 20.05
CA PRO A 25 -2.25 -13.66 19.23
C PRO A 25 -3.72 -13.63 18.79
N HIS A 26 -4.54 -12.90 19.53
CA HIS A 26 -5.96 -12.81 19.22
C HIS A 26 -6.18 -12.17 17.85
N ALA A 27 -6.11 -12.99 16.80
CA ALA A 27 -6.30 -12.52 15.44
C ALA A 27 -7.11 -13.52 14.62
N PRO A 28 -8.15 -13.06 13.90
CA PRO A 28 -8.99 -13.94 13.08
C PRO A 28 -8.17 -14.90 12.22
N GLN A 29 -7.64 -14.40 11.11
CA GLN A 29 -6.82 -15.20 10.21
C GLN A 29 -5.60 -14.41 9.78
N THR A 30 -5.84 -13.42 8.93
CA THR A 30 -4.79 -12.56 8.42
C THR A 30 -5.26 -11.11 8.42
N ASN A 31 -4.30 -10.19 8.43
CA ASN A 31 -4.60 -8.76 8.40
C ASN A 31 -4.56 -8.27 6.96
N PHE A 32 -3.64 -8.85 6.20
CA PHE A 32 -3.47 -8.51 4.79
C PHE A 32 -4.81 -8.55 4.05
N ALA A 33 -5.56 -9.61 4.29
CA ALA A 33 -6.85 -9.81 3.62
C ALA A 33 -7.94 -8.82 4.06
N ASN A 34 -8.11 -8.62 5.37
CA ASN A 34 -9.18 -7.75 5.86
C ASN A 34 -8.98 -6.25 5.61
N MET A 35 -8.09 -5.60 6.37
CA MET A 35 -7.87 -4.15 6.19
C MET A 35 -7.56 -3.81 4.74
N PRO A 36 -6.56 -4.49 4.16
CA PRO A 36 -6.11 -4.30 2.76
C PRO A 36 -7.07 -4.91 1.75
N SER A 37 -8.38 -4.70 1.96
CA SER A 37 -9.41 -5.25 1.08
C SER A 37 -8.99 -5.27 -0.38
N ALA A 38 -8.16 -4.31 -0.79
CA ALA A 38 -7.69 -4.27 -2.17
C ALA A 38 -6.17 -4.07 -2.21
N ARG A 39 -5.49 -4.83 -3.07
CA ARG A 39 -4.05 -4.70 -3.22
C ARG A 39 -3.69 -4.74 -4.70
N VAL A 40 -2.83 -3.83 -5.11
CA VAL A 40 -2.39 -3.76 -6.49
C VAL A 40 -0.89 -3.53 -6.61
N THR A 41 -0.32 -3.77 -7.79
CA THR A 41 1.09 -3.49 -8.01
C THR A 41 1.23 -2.40 -9.07
N LEU A 42 2.06 -1.41 -8.78
CA LEU A 42 2.28 -0.29 -9.70
C LEU A 42 3.79 0.04 -9.77
N PRO A 43 4.21 0.80 -10.81
CA PRO A 43 5.62 1.19 -10.95
C PRO A 43 6.01 2.25 -9.92
N LYS A 44 6.99 1.92 -9.09
CA LYS A 44 7.47 2.81 -8.02
C LYS A 44 7.93 4.17 -8.53
N SER A 45 8.42 4.22 -9.75
CA SER A 45 8.95 5.47 -10.30
C SER A 45 7.91 6.58 -10.44
N LEU A 46 6.76 6.26 -11.02
CA LEU A 46 5.70 7.27 -11.23
C LEU A 46 4.97 7.66 -9.94
N VAL A 47 5.22 6.94 -8.86
CA VAL A 47 4.57 7.23 -7.58
C VAL A 47 5.16 8.48 -6.91
N TYR A 48 6.40 8.76 -7.26
CA TYR A 48 7.15 9.88 -6.72
C TYR A 48 6.45 11.23 -6.86
N ASP A 49 5.62 11.40 -7.90
CA ASP A 49 4.99 12.70 -8.16
C ASP A 49 3.80 13.07 -7.25
N LYS A 50 2.81 12.18 -7.07
CA LYS A 50 1.65 12.50 -6.25
C LYS A 50 1.48 11.55 -5.07
N THR A 51 1.19 12.11 -3.92
CA THR A 51 0.99 11.31 -2.71
C THR A 51 -0.34 10.55 -2.70
N PHE A 52 -1.43 11.27 -2.42
CA PHE A 52 -2.77 10.68 -2.36
C PHE A 52 -3.37 10.35 -3.73
N SER A 53 -3.54 11.38 -4.53
CA SER A 53 -4.19 11.26 -5.85
C SER A 53 -3.64 10.13 -6.72
N LYS A 54 -2.44 10.32 -7.26
CA LYS A 54 -1.85 9.34 -8.16
C LYS A 54 -1.93 7.92 -7.61
N VAL A 55 -1.52 7.74 -6.37
CA VAL A 55 -1.54 6.41 -5.76
C VAL A 55 -2.92 5.76 -5.86
N LEU A 56 -3.90 6.41 -5.28
CA LEU A 56 -5.26 5.87 -5.23
C LEU A 56 -5.88 5.52 -6.60
N TRP A 57 -6.05 6.51 -7.47
CA TRP A 57 -6.72 6.26 -8.75
C TRP A 57 -5.88 5.47 -9.76
N SER A 58 -4.67 5.94 -9.97
CA SER A 58 -3.78 5.35 -10.94
C SER A 58 -3.38 3.94 -10.61
N ALA A 59 -2.99 3.73 -9.37
CA ALA A 59 -2.47 2.47 -8.94
C ALA A 59 -3.44 1.30 -8.83
N GLY A 60 -4.29 1.31 -7.82
CA GLY A 60 -5.11 0.13 -7.60
C GLY A 60 -6.60 0.20 -7.76
N LEU A 61 -7.22 1.30 -7.41
CA LEU A 61 -8.67 1.29 -7.36
C LEU A 61 -9.46 2.01 -8.43
N VAL A 62 -9.15 3.24 -8.79
CA VAL A 62 -10.08 3.88 -9.71
C VAL A 62 -9.54 4.99 -10.63
N ALA A 63 -10.44 5.40 -11.53
CA ALA A 63 -10.26 6.48 -12.50
C ALA A 63 -10.19 7.81 -11.78
N SER A 64 -10.20 7.72 -10.46
CA SER A 64 -10.31 8.81 -9.54
C SER A 64 -9.23 9.88 -9.66
N LYS A 65 -8.38 9.87 -10.68
CA LYS A 65 -7.44 10.98 -10.78
C LYS A 65 -8.30 12.22 -10.51
N SER A 66 -9.45 12.26 -11.20
CA SER A 66 -10.45 13.28 -10.98
C SER A 66 -11.21 13.00 -9.66
N GLU A 67 -11.83 11.80 -9.60
CA GLU A 67 -12.61 11.39 -8.42
C GLU A 67 -11.77 11.38 -7.15
N GLY A 68 -10.60 10.78 -7.25
CA GLY A 68 -9.68 10.68 -6.14
C GLY A 68 -9.49 12.00 -5.48
N GLN A 69 -9.09 13.00 -6.25
CA GLN A 69 -8.91 14.34 -5.72
C GLN A 69 -10.14 14.72 -4.89
N ARG A 70 -11.32 14.48 -5.45
CA ARG A 70 -12.58 14.75 -4.76
C ARG A 70 -12.57 14.14 -3.35
N ILE A 71 -12.19 12.87 -3.26
CA ILE A 71 -12.14 12.19 -1.97
C ILE A 71 -11.19 12.92 -1.04
N ILE A 72 -9.98 13.11 -1.51
CA ILE A 72 -8.95 13.84 -0.78
C ILE A 72 -9.57 15.16 -0.32
N ASN A 73 -10.22 15.82 -1.29
CA ASN A 73 -10.92 17.07 -1.05
C ASN A 73 -11.92 16.86 0.06
N ASN A 74 -12.67 15.77 -0.09
CA ASN A 74 -13.63 15.35 0.91
C ASN A 74 -12.94 15.40 2.26
N ASN A 75 -11.68 14.96 2.24
CA ASN A 75 -10.85 14.92 3.43
C ASN A 75 -11.25 13.81 4.38
N GLY A 76 -11.58 12.66 3.79
CA GLY A 76 -11.96 11.51 4.59
C GLY A 76 -10.99 10.35 4.47
N ALA A 77 -9.72 10.65 4.18
CA ALA A 77 -8.70 9.61 4.02
C ALA A 77 -7.39 9.95 4.78
N TYR A 78 -6.56 8.94 4.97
CA TYR A 78 -5.26 9.08 5.62
C TYR A 78 -4.20 8.35 4.79
N VAL A 79 -2.93 8.73 4.90
CA VAL A 79 -1.89 8.05 4.12
C VAL A 79 -0.74 7.55 4.99
N GLY A 80 -0.34 6.31 4.71
CA GLY A 80 0.73 5.70 5.45
C GLY A 80 1.76 5.00 4.58
N SER A 81 2.96 4.88 5.12
CA SER A 81 4.07 4.20 4.42
C SER A 81 4.79 3.24 5.36
N ARG A 82 5.19 2.08 4.84
CA ARG A 82 5.92 1.12 5.67
C ARG A 82 6.72 0.12 4.82
N PRO A 83 7.99 0.43 4.52
CA PRO A 83 8.86 -0.46 3.74
C PRO A 83 9.23 -1.72 4.53
N GLY A 84 9.62 -1.53 5.79
CA GLY A 84 10.00 -2.65 6.63
C GLY A 84 11.49 -2.92 6.63
N VAL A 85 12.27 -1.97 6.13
CA VAL A 85 13.72 -2.12 6.08
C VAL A 85 14.42 -1.08 6.96
N LYS A 86 13.68 -0.49 7.87
CA LYS A 86 14.24 0.53 8.74
C LYS A 86 14.43 0.03 10.16
N LYS A 87 15.68 -0.11 10.55
CA LYS A 87 16.04 -0.57 11.89
C LYS A 87 16.66 0.56 12.71
N ASN A 88 16.85 1.72 12.07
CA ASN A 88 17.41 2.88 12.73
C ASN A 88 16.30 3.79 13.22
N GLU A 89 16.07 3.76 14.52
CA GLU A 89 15.02 4.58 15.13
C GLU A 89 15.10 6.02 14.64
N PRO A 90 14.21 6.40 13.69
CA PRO A 90 14.18 7.76 13.12
C PRO A 90 14.12 8.87 14.16
N GLY A 91 13.90 8.54 15.43
CA GLY A 91 13.83 9.57 16.45
C GLY A 91 12.84 10.65 16.08
N GLY A 92 11.61 10.24 15.79
CA GLY A 92 10.56 11.16 15.38
C GLY A 92 10.92 12.04 14.18
N GLY A 93 12.17 11.98 13.73
CA GLY A 93 12.62 12.73 12.56
C GLY A 93 11.78 12.51 11.31
N MET A 94 10.47 12.72 11.37
CA MET A 94 9.60 12.50 10.22
C MET A 94 9.83 11.10 9.63
N PRO A 95 9.71 10.06 10.46
CA PRO A 95 9.91 8.66 10.05
C PRO A 95 9.21 8.31 8.74
N ASP A 96 9.59 7.17 8.19
CA ASP A 96 9.00 6.66 6.95
C ASP A 96 8.46 5.26 7.19
N ASP A 97 8.96 4.61 8.24
CA ASP A 97 8.51 3.27 8.59
C ASP A 97 6.99 3.27 8.66
N LEU A 98 6.47 4.32 9.26
CA LEU A 98 5.04 4.51 9.37
C LEU A 98 4.70 5.92 8.93
N THR A 99 3.62 6.09 8.21
CA THR A 99 3.24 7.42 7.77
C THR A 99 1.74 7.67 7.99
N PHE A 100 1.43 8.92 8.25
CA PHE A 100 0.07 9.36 8.44
C PHE A 100 -0.15 10.63 7.65
N THR A 101 -1.25 10.76 6.98
CA THR A 101 -1.53 11.96 6.23
C THR A 101 -2.93 12.43 6.55
N PRO A 102 -3.13 13.74 6.72
CA PRO A 102 -4.43 14.27 7.03
C PRO A 102 -5.28 14.48 5.78
N ILE A 103 -4.95 13.73 4.72
CA ILE A 103 -5.69 13.79 3.47
C ILE A 103 -5.67 15.16 2.81
N LYS A 104 -4.60 15.89 3.01
CA LYS A 104 -4.48 17.20 2.42
C LYS A 104 -3.51 17.04 1.29
N THR A 105 -4.00 17.30 0.09
CA THR A 105 -3.21 17.01 -1.10
C THR A 105 -1.87 17.72 -1.12
N TRP A 106 -0.85 16.87 -1.14
CA TRP A 106 0.54 17.24 -1.25
C TRP A 106 1.14 16.26 -2.25
N ASN A 107 1.52 16.72 -3.43
CA ASN A 107 1.99 15.80 -4.45
C ASN A 107 3.43 15.31 -4.26
N ALA A 108 4.39 16.18 -4.54
CA ALA A 108 5.80 15.79 -4.46
C ALA A 108 6.36 15.62 -3.05
N SER A 109 6.40 16.69 -2.29
CA SER A 109 6.99 16.66 -0.95
C SER A 109 6.49 15.50 -0.11
N LYS A 110 5.17 15.34 -0.04
CA LYS A 110 4.59 14.29 0.78
C LYS A 110 4.81 12.91 0.18
N THR A 111 4.52 12.74 -1.10
CA THR A 111 4.67 11.44 -1.75
C THR A 111 6.08 10.89 -1.54
N GLN A 112 7.08 11.56 -2.08
CA GLN A 112 8.46 11.12 -1.91
C GLN A 112 8.78 10.80 -0.45
N GLU A 113 8.39 11.70 0.45
CA GLU A 113 8.65 11.52 1.88
C GLU A 113 8.23 10.14 2.38
N PHE A 114 6.97 9.78 2.17
CA PHE A 114 6.44 8.51 2.64
C PHE A 114 6.44 7.44 1.52
N ILE A 115 5.98 7.87 0.36
CA ILE A 115 5.86 7.03 -0.83
C ILE A 115 7.16 6.41 -1.29
N ILE A 116 8.21 6.50 -0.51
CA ILE A 116 9.44 5.89 -0.95
C ILE A 116 9.08 4.45 -1.22
N ASP A 117 8.22 3.94 -0.33
CA ASP A 117 7.63 2.63 -0.48
C ASP A 117 8.54 1.66 -1.19
N GLY A 118 9.76 1.44 -0.70
CA GLY A 118 10.60 0.51 -1.41
C GLY A 118 9.85 -0.76 -1.60
N ASP A 119 9.18 -1.20 -0.54
CA ASP A 119 8.34 -2.37 -0.63
C ASP A 119 6.86 -2.07 -0.29
N LEU A 120 6.57 -0.91 0.35
CA LEU A 120 5.18 -0.65 0.72
C LEU A 120 4.70 0.77 0.54
N LEU A 121 3.50 0.86 0.02
CA LEU A 121 2.78 2.10 -0.10
C LEU A 121 1.36 1.79 0.37
N ILE A 122 0.79 2.63 1.21
CA ILE A 122 -0.59 2.36 1.69
C ILE A 122 -1.44 3.61 1.63
N LEU A 123 -2.66 3.42 1.19
CA LEU A 123 -3.64 4.50 1.13
C LEU A 123 -4.93 4.00 1.72
N LYS A 124 -5.56 4.78 2.56
CA LYS A 124 -6.83 4.36 3.09
C LYS A 124 -7.85 5.47 2.98
N LEU A 125 -9.05 5.12 2.55
CA LEU A 125 -10.11 6.09 2.44
C LEU A 125 -11.29 5.59 3.25
N GLY A 126 -11.84 6.49 4.08
CA GLY A 126 -12.95 6.12 4.92
C GLY A 126 -14.28 6.34 4.27
N LYS A 127 -14.29 6.85 3.05
CA LYS A 127 -15.55 7.05 2.38
C LYS A 127 -16.10 5.71 1.97
N TRP A 128 -15.27 4.89 1.34
CA TRP A 128 -15.73 3.56 0.96
C TRP A 128 -14.70 2.45 1.17
N LYS A 129 -13.50 2.63 0.62
CA LYS A 129 -12.50 1.58 0.67
C LYS A 129 -11.09 2.04 0.93
N MET A 130 -10.26 1.08 1.28
CA MET A 130 -8.84 1.29 1.45
C MET A 130 -8.16 0.55 0.31
N LYS A 131 -7.22 1.22 -0.30
CA LYS A 131 -6.46 0.66 -1.39
C LYS A 131 -5.00 0.65 -0.97
N LEU A 132 -4.35 -0.45 -1.21
CA LEU A 132 -2.96 -0.63 -0.85
C LEU A 132 -2.18 -0.94 -2.10
N VAL A 133 -1.03 -0.32 -2.22
CA VAL A 133 -0.21 -0.51 -3.39
C VAL A 133 1.24 -0.79 -3.02
N SER A 134 1.84 -1.76 -3.70
CA SER A 134 3.25 -2.06 -3.46
C SER A 134 4.00 -1.69 -4.74
N ILE A 135 5.13 -1.01 -4.60
CA ILE A 135 5.88 -0.59 -5.76
C ILE A 135 7.37 -0.83 -5.65
N VAL A 136 7.94 -1.25 -6.77
CA VAL A 136 9.35 -1.50 -6.86
C VAL A 136 9.93 -0.86 -8.12
N SER A 137 11.16 -0.38 -8.02
CA SER A 137 11.82 0.24 -9.15
C SER A 137 11.79 -0.67 -10.37
N ASP A 138 11.61 -0.08 -11.55
CA ASP A 138 11.57 -0.84 -12.79
C ASP A 138 12.75 -1.80 -12.88
N GLU A 139 13.93 -1.26 -12.63
CA GLU A 139 15.18 -2.04 -12.68
C GLU A 139 15.08 -3.28 -11.80
N LYS A 140 14.67 -3.09 -10.55
CA LYS A 140 14.52 -4.20 -9.61
C LYS A 140 13.69 -5.29 -10.26
N PHE A 141 12.57 -4.86 -10.85
CA PHE A 141 11.68 -5.75 -11.55
C PHE A 141 12.46 -6.59 -12.53
N LYS A 142 13.31 -5.95 -13.32
CA LYS A 142 14.14 -6.66 -14.28
C LYS A 142 14.81 -7.83 -13.60
N GLU A 143 15.41 -7.58 -12.44
CA GLU A 143 16.10 -8.60 -11.69
C GLU A 143 15.23 -9.84 -11.44
N LEU A 144 14.13 -9.67 -10.70
CA LEU A 144 13.26 -10.81 -10.38
C LEU A 144 12.72 -11.51 -11.64
N GLY A 145 12.01 -10.74 -12.44
CA GLY A 145 11.42 -11.22 -13.68
C GLY A 145 12.41 -11.28 -14.83
N LEU A 146 13.70 -11.17 -14.53
CA LEU A 146 14.73 -11.13 -15.57
C LEU A 146 14.56 -12.21 -16.64
N THR A 147 13.72 -13.21 -16.39
CA THR A 147 13.47 -14.22 -17.40
C THR A 147 11.97 -14.46 -17.56
N ALA A 148 11.29 -13.45 -18.06
CA ALA A 148 9.85 -13.53 -18.30
C ALA A 148 9.51 -13.04 -19.70
N PRO A 149 8.28 -13.29 -20.16
CA PRO A 149 7.84 -12.83 -21.49
C PRO A 149 7.69 -11.32 -21.53
N GLY A 150 7.70 -10.71 -20.34
CA GLY A 150 7.55 -9.27 -20.23
C GLY A 150 8.76 -8.50 -20.74
N TRP A 151 9.95 -8.91 -20.28
CA TRP A 151 11.17 -8.24 -20.69
C TRP A 151 11.44 -8.42 -22.16
N ASP A 152 11.30 -9.64 -22.63
CA ASP A 152 11.54 -9.95 -24.03
C ASP A 152 10.80 -8.99 -24.95
N GLU A 153 9.49 -8.94 -24.81
CA GLU A 153 8.66 -8.07 -25.64
C GLU A 153 9.00 -6.58 -25.45
N VAL A 154 8.93 -6.08 -24.23
CA VAL A 154 9.22 -4.68 -23.94
C VAL A 154 10.59 -4.20 -24.43
N VAL A 155 11.63 -4.66 -23.76
CA VAL A 155 13.00 -4.27 -24.06
C VAL A 155 13.50 -4.81 -25.40
N GLY A 156 13.48 -6.12 -25.54
CA GLY A 156 13.95 -6.75 -26.77
C GLY A 156 13.20 -6.29 -28.00
N LYS A 157 11.90 -6.57 -28.03
CA LYS A 157 11.07 -6.18 -29.17
C LYS A 157 10.99 -4.67 -29.29
N GLY A 158 10.69 -4.00 -28.18
CA GLY A 158 10.59 -2.55 -28.18
C GLY A 158 9.17 -2.07 -28.00
N LYS A 159 8.53 -2.50 -26.91
CA LYS A 159 7.16 -2.11 -26.62
C LYS A 159 7.13 -0.80 -25.82
N GLU A 160 8.15 -0.59 -25.02
CA GLU A 160 8.24 0.63 -24.20
C GLU A 160 8.57 1.83 -25.06
N GLU A 161 8.18 3.01 -24.59
CA GLU A 161 8.43 4.25 -25.32
C GLU A 161 9.92 4.47 -25.52
N PRO A 162 10.69 4.59 -24.41
CA PRO A 162 12.13 4.80 -24.46
C PRO A 162 12.89 3.55 -24.91
N SER A 163 13.01 3.37 -26.22
CA SER A 163 13.71 2.21 -26.76
C SER A 163 15.21 2.50 -26.91
N PRO A 164 16.04 1.45 -26.78
CA PRO A 164 17.49 1.60 -26.90
C PRO A 164 17.93 1.91 -28.33
N MET A 1 -44.65 3.93 29.61
CA MET A 1 -44.47 4.73 30.85
C MET A 1 -44.65 3.87 32.10
N PRO A 2 -43.60 3.12 32.49
CA PRO A 2 -43.65 2.24 33.67
C PRO A 2 -43.70 3.04 34.97
N ARG A 3 -44.74 2.81 35.76
CA ARG A 3 -44.90 3.50 37.03
C ARG A 3 -44.14 2.79 38.14
N THR A 4 -43.94 1.48 37.98
CA THR A 4 -43.23 0.68 38.97
C THR A 4 -41.73 0.81 38.79
N ALA A 5 -41.29 0.86 37.52
CA ALA A 5 -39.87 0.98 37.21
C ALA A 5 -39.29 2.25 37.81
N SER A 6 -38.43 2.09 38.81
CA SER A 6 -37.80 3.23 39.47
C SER A 6 -36.31 3.29 39.13
N PRO A 7 -35.74 4.52 39.05
CA PRO A 7 -34.31 4.70 38.75
C PRO A 7 -33.42 4.30 39.91
N GLY A 8 -32.13 4.62 39.78
CA GLY A 8 -31.19 4.28 40.83
C GLY A 8 -30.68 2.86 40.72
N ASN A 9 -30.67 2.32 39.50
CA ASN A 9 -30.20 0.96 39.26
C ASN A 9 -29.93 0.73 37.77
N PRO A 10 -28.91 -0.08 37.44
CA PRO A 10 -28.56 -0.38 36.06
C PRO A 10 -29.56 -1.35 35.40
N LYS A 11 -29.25 -1.76 34.18
CA LYS A 11 -30.12 -2.68 33.45
C LYS A 11 -29.70 -4.12 33.67
N SER A 12 -30.43 -5.06 33.07
CA SER A 12 -30.14 -6.48 33.20
C SER A 12 -29.33 -6.99 32.01
N SER A 13 -28.65 -6.08 31.32
CA SER A 13 -27.84 -6.45 30.17
C SER A 13 -26.73 -7.40 30.56
N LEU A 14 -26.30 -7.33 31.82
CA LEU A 14 -25.24 -8.20 32.33
C LEU A 14 -25.81 -9.33 33.17
N SER A 15 -26.28 -10.37 32.49
CA SER A 15 -26.86 -11.53 33.17
C SER A 15 -26.40 -12.83 32.52
N GLY A 16 -25.11 -12.89 32.20
CA GLY A 16 -24.56 -14.09 31.57
C GLY A 16 -23.77 -13.76 30.33
N PHE A 17 -24.24 -12.78 29.57
CA PHE A 17 -23.57 -12.36 28.34
C PHE A 17 -23.06 -10.94 28.46
N VAL A 18 -21.75 -10.77 28.37
CA VAL A 18 -21.13 -9.46 28.47
C VAL A 18 -20.50 -9.04 27.15
N ASN A 19 -21.14 -8.09 26.48
CA ASN A 19 -20.65 -7.59 25.19
C ASN A 19 -20.19 -6.13 25.31
N PRO A 20 -18.91 -5.91 25.64
CA PRO A 20 -18.36 -4.56 25.77
C PRO A 20 -18.27 -3.83 24.44
N GLN A 21 -18.48 -2.52 24.47
CA GLN A 21 -18.44 -1.71 23.27
C GLN A 21 -17.08 -1.03 23.12
N SER A 22 -16.02 -1.73 23.50
CA SER A 22 -14.67 -1.21 23.41
C SER A 22 -14.04 -1.54 22.06
N GLY A 23 -14.46 -2.66 21.48
CA GLY A 23 -13.93 -3.08 20.19
C GLY A 23 -13.32 -4.47 20.24
N ASN A 24 -14.02 -5.40 20.88
CA ASN A 24 -13.55 -6.77 20.99
C ASN A 24 -13.14 -7.34 19.63
N PRO A 25 -14.03 -7.24 18.62
CA PRO A 25 -13.74 -7.73 17.28
C PRO A 25 -12.86 -6.78 16.48
N HIS A 26 -12.94 -5.49 16.80
CA HIS A 26 -12.15 -4.48 16.10
C HIS A 26 -10.65 -4.72 16.32
N ALA A 27 -9.95 -5.01 15.24
CA ALA A 27 -8.51 -5.25 15.31
C ALA A 27 -7.74 -3.95 15.53
N PRO A 28 -6.53 -4.04 16.10
CA PRO A 28 -5.70 -2.87 16.37
C PRO A 28 -5.41 -2.06 15.10
N GLN A 29 -4.57 -2.62 14.23
CA GLN A 29 -4.22 -1.94 12.98
C GLN A 29 -4.26 -2.92 11.82
N THR A 30 -5.11 -3.94 11.92
CA THR A 30 -5.25 -4.93 10.87
C THR A 30 -5.92 -4.33 9.64
N ASN A 31 -5.22 -3.41 9.00
CA ASN A 31 -5.73 -2.74 7.80
C ASN A 31 -4.68 -2.77 6.68
N PHE A 32 -3.60 -2.02 6.87
CA PHE A 32 -2.53 -1.95 5.89
C PHE A 32 -1.77 -3.27 5.82
N ALA A 33 -1.32 -3.74 6.98
CA ALA A 33 -0.59 -5.00 7.06
C ALA A 33 -1.45 -6.14 6.52
N ASN A 34 -2.68 -6.19 6.98
CA ASN A 34 -3.63 -7.21 6.55
C ASN A 34 -4.03 -7.01 5.09
N MET A 35 -4.39 -5.78 4.73
CA MET A 35 -4.81 -5.45 3.36
C MET A 35 -5.89 -6.42 2.89
N PRO A 36 -6.94 -6.59 3.71
CA PRO A 36 -8.04 -7.50 3.41
C PRO A 36 -9.07 -6.96 2.41
N SER A 37 -8.76 -5.87 1.71
CA SER A 37 -9.71 -5.33 0.75
C SER A 37 -9.15 -5.27 -0.67
N ALA A 38 -8.18 -4.38 -0.92
CA ALA A 38 -7.59 -4.29 -2.25
C ALA A 38 -6.07 -4.18 -2.22
N ARG A 39 -5.39 -4.90 -3.10
CA ARG A 39 -3.96 -4.80 -3.22
C ARG A 39 -3.57 -4.77 -4.70
N VAL A 40 -2.73 -3.82 -5.05
CA VAL A 40 -2.27 -3.66 -6.43
C VAL A 40 -0.78 -3.32 -6.49
N THR A 41 -0.16 -3.48 -7.66
CA THR A 41 1.25 -3.10 -7.81
C THR A 41 1.44 -2.22 -9.05
N LEU A 42 2.18 -1.12 -8.87
CA LEU A 42 2.47 -0.19 -9.97
C LEU A 42 3.94 0.25 -9.91
N PRO A 43 4.47 0.83 -11.01
CA PRO A 43 5.86 1.30 -11.03
C PRO A 43 6.09 2.43 -10.03
N LYS A 44 6.99 2.20 -9.08
CA LYS A 44 7.30 3.18 -8.04
C LYS A 44 7.75 4.53 -8.59
N SER A 45 8.40 4.50 -9.75
CA SER A 45 8.92 5.73 -10.37
C SER A 45 7.86 6.81 -10.57
N LEU A 46 6.72 6.45 -11.14
CA LEU A 46 5.65 7.42 -11.40
C LEU A 46 4.92 7.85 -10.13
N VAL A 47 5.22 7.20 -9.02
CA VAL A 47 4.58 7.50 -7.75
C VAL A 47 5.11 8.80 -7.14
N TYR A 48 6.34 9.14 -7.52
CA TYR A 48 7.02 10.33 -7.03
C TYR A 48 6.21 11.62 -7.21
N ASP A 49 5.37 11.69 -8.24
CA ASP A 49 4.63 12.93 -8.53
C ASP A 49 3.42 13.23 -7.60
N LYS A 50 2.52 12.28 -7.38
CA LYS A 50 1.35 12.52 -6.53
C LYS A 50 1.32 11.59 -5.33
N THR A 51 1.02 12.14 -4.18
CA THR A 51 0.96 11.34 -2.96
C THR A 51 -0.29 10.45 -2.90
N PHE A 52 -1.44 11.07 -2.59
CA PHE A 52 -2.71 10.34 -2.48
C PHE A 52 -3.33 9.96 -3.82
N SER A 53 -3.60 10.98 -4.63
CA SER A 53 -4.27 10.82 -5.91
C SER A 53 -3.72 9.73 -6.84
N LYS A 54 -2.53 9.95 -7.40
CA LYS A 54 -1.98 9.02 -8.37
C LYS A 54 -2.04 7.56 -7.94
N VAL A 55 -1.60 7.27 -6.74
CA VAL A 55 -1.60 5.89 -6.28
C VAL A 55 -3.01 5.32 -6.16
N LEU A 56 -3.89 6.04 -5.51
CA LEU A 56 -5.25 5.56 -5.32
C LEU A 56 -6.00 5.21 -6.62
N TRP A 57 -6.20 6.18 -7.50
CA TRP A 57 -6.96 5.93 -8.72
C TRP A 57 -6.22 5.11 -9.78
N SER A 58 -5.01 5.51 -10.06
CA SER A 58 -4.20 4.89 -11.09
C SER A 58 -3.87 3.44 -10.78
N ALA A 59 -3.43 3.20 -9.57
CA ALA A 59 -2.96 1.90 -9.18
C ALA A 59 -3.99 0.78 -9.04
N GLY A 60 -4.77 0.83 -7.97
CA GLY A 60 -5.67 -0.29 -7.72
C GLY A 60 -7.16 -0.12 -7.78
N LEU A 61 -7.66 1.03 -7.37
CA LEU A 61 -9.10 1.12 -7.22
C LEU A 61 -9.91 1.84 -8.27
N VAL A 62 -9.54 3.04 -8.70
CA VAL A 62 -10.47 3.69 -9.60
C VAL A 62 -9.90 4.76 -10.55
N ALA A 63 -10.79 5.19 -11.45
CA ALA A 63 -10.58 6.24 -12.44
C ALA A 63 -10.45 7.59 -11.74
N SER A 64 -10.45 7.51 -10.42
CA SER A 64 -10.50 8.62 -9.51
C SER A 64 -9.39 9.65 -9.65
N LYS A 65 -8.53 9.59 -10.67
CA LYS A 65 -7.56 10.67 -10.78
C LYS A 65 -8.37 11.94 -10.54
N SER A 66 -9.52 12.00 -11.23
CA SER A 66 -10.49 13.06 -11.02
C SER A 66 -11.26 12.83 -9.70
N GLU A 67 -11.93 11.66 -9.62
CA GLU A 67 -12.72 11.29 -8.45
C GLU A 67 -11.87 11.27 -7.18
N GLY A 68 -10.73 10.62 -7.29
CA GLY A 68 -9.81 10.51 -6.17
C GLY A 68 -9.57 11.84 -5.53
N GLN A 69 -9.18 12.82 -6.32
CA GLN A 69 -8.95 14.16 -5.81
C GLN A 69 -10.16 14.56 -4.95
N ARG A 70 -11.35 14.33 -5.49
CA ARG A 70 -12.59 14.63 -4.77
C ARG A 70 -12.56 14.03 -3.37
N ILE A 71 -12.20 12.75 -3.27
CA ILE A 71 -12.11 12.07 -1.98
C ILE A 71 -11.15 12.81 -1.07
N ILE A 72 -9.94 12.99 -1.57
CA ILE A 72 -8.91 13.72 -0.86
C ILE A 72 -9.51 15.05 -0.39
N ASN A 73 -10.18 15.70 -1.34
CA ASN A 73 -10.87 16.96 -1.12
C ASN A 73 -11.86 16.77 0.02
N ASN A 74 -12.60 15.69 -0.10
CA ASN A 74 -13.57 15.28 0.90
C ASN A 74 -12.88 15.36 2.25
N ASN A 75 -11.62 14.94 2.26
CA ASN A 75 -10.81 14.93 3.47
C ASN A 75 -11.23 13.81 4.40
N GLY A 76 -11.53 12.66 3.81
CA GLY A 76 -11.93 11.51 4.59
C GLY A 76 -10.97 10.33 4.44
N ALA A 77 -9.69 10.63 4.22
CA ALA A 77 -8.67 9.60 4.03
C ALA A 77 -7.40 9.86 4.85
N TYR A 78 -6.58 8.82 5.00
CA TYR A 78 -5.30 8.90 5.70
C TYR A 78 -4.22 8.19 4.86
N VAL A 79 -2.95 8.58 4.99
CA VAL A 79 -1.91 7.92 4.21
C VAL A 79 -0.79 7.40 5.09
N GLY A 80 -0.38 6.18 4.77
CA GLY A 80 0.68 5.54 5.53
C GLY A 80 1.74 4.89 4.67
N SER A 81 2.94 4.81 5.22
CA SER A 81 4.08 4.18 4.54
C SER A 81 4.82 3.24 5.46
N ARG A 82 5.30 2.11 4.94
CA ARG A 82 6.04 1.16 5.76
C ARG A 82 6.90 0.22 4.92
N PRO A 83 8.17 0.60 4.66
CA PRO A 83 9.10 -0.23 3.90
C PRO A 83 9.32 -1.60 4.55
N GLY A 84 9.78 -1.58 5.79
CA GLY A 84 10.02 -2.82 6.51
C GLY A 84 11.49 -3.07 6.82
N VAL A 85 12.34 -2.07 6.56
CA VAL A 85 13.76 -2.19 6.82
C VAL A 85 14.23 -1.21 7.88
N LYS A 86 13.29 -0.68 8.66
CA LYS A 86 13.61 0.26 9.72
C LYS A 86 14.61 -0.32 10.71
N LYS A 87 15.77 0.31 10.81
CA LYS A 87 16.82 -0.14 11.72
C LYS A 87 17.30 1.01 12.60
N ASN A 88 17.43 2.19 12.00
CA ASN A 88 17.88 3.37 12.72
C ASN A 88 16.69 4.18 13.17
N GLU A 89 16.34 4.04 14.44
CA GLU A 89 15.21 4.75 15.02
C GLU A 89 15.26 6.24 14.65
N PRO A 90 14.40 6.67 13.69
CA PRO A 90 14.34 8.06 13.22
C PRO A 90 14.21 9.10 14.34
N GLY A 91 14.00 8.66 15.58
CA GLY A 91 13.85 9.61 16.67
C GLY A 91 12.80 10.66 16.36
N GLY A 92 11.59 10.18 16.04
CA GLY A 92 10.48 11.05 15.69
C GLY A 92 10.78 12.02 14.54
N GLY A 93 12.03 12.05 14.08
CA GLY A 93 12.44 12.91 12.97
C GLY A 93 11.59 12.74 11.71
N MET A 94 10.27 12.89 11.80
CA MET A 94 9.40 12.71 10.64
C MET A 94 9.68 11.37 9.97
N PRO A 95 9.61 10.27 10.74
CA PRO A 95 9.87 8.91 10.23
C PRO A 95 9.17 8.60 8.92
N ASP A 96 9.59 7.51 8.29
CA ASP A 96 9.01 7.04 7.05
C ASP A 96 8.54 5.60 7.22
N ASP A 97 9.05 4.94 8.26
CA ASP A 97 8.67 3.57 8.56
C ASP A 97 7.17 3.49 8.66
N LEU A 98 6.59 4.52 9.26
CA LEU A 98 5.15 4.64 9.41
C LEU A 98 4.74 6.03 8.96
N THR A 99 3.63 6.13 8.26
CA THR A 99 3.17 7.44 7.81
C THR A 99 1.69 7.65 8.07
N PHE A 100 1.36 8.89 8.35
CA PHE A 100 -0.01 9.29 8.57
C PHE A 100 -0.25 10.57 7.78
N THR A 101 -1.36 10.67 7.11
CA THR A 101 -1.65 11.87 6.36
C THR A 101 -3.07 12.32 6.65
N PRO A 102 -3.29 13.62 6.82
CA PRO A 102 -4.62 14.13 7.08
C PRO A 102 -5.42 14.28 5.81
N ILE A 103 -4.98 13.59 4.75
CA ILE A 103 -5.66 13.60 3.47
C ILE A 103 -5.72 14.97 2.83
N LYS A 104 -4.70 15.79 3.05
CA LYS A 104 -4.67 17.12 2.47
C LYS A 104 -3.68 17.01 1.34
N THR A 105 -4.16 17.34 0.14
CA THR A 105 -3.37 17.12 -1.04
C THR A 105 -2.02 17.81 -1.03
N TRP A 106 -1.02 16.95 -1.09
CA TRP A 106 0.39 17.32 -1.19
C TRP A 106 0.95 16.35 -2.22
N ASN A 107 1.34 16.84 -3.38
CA ASN A 107 1.78 15.93 -4.44
C ASN A 107 3.21 15.43 -4.32
N ALA A 108 4.17 16.28 -4.63
CA ALA A 108 5.57 15.87 -4.61
C ALA A 108 6.18 15.68 -3.23
N SER A 109 6.22 16.73 -2.45
CA SER A 109 6.83 16.68 -1.12
C SER A 109 6.34 15.48 -0.30
N LYS A 110 5.03 15.32 -0.21
CA LYS A 110 4.46 14.24 0.57
C LYS A 110 4.68 12.87 -0.06
N THR A 111 4.37 12.75 -1.34
CA THR A 111 4.52 11.48 -2.04
C THR A 111 5.93 10.90 -1.87
N GLN A 112 6.92 11.59 -2.42
CA GLN A 112 8.30 11.15 -2.30
C GLN A 112 8.66 10.80 -0.86
N GLU A 113 8.31 11.69 0.06
CA GLU A 113 8.62 11.49 1.48
C GLU A 113 8.19 10.10 1.97
N PHE A 114 6.89 9.86 2.00
CA PHE A 114 6.36 8.59 2.49
C PHE A 114 6.28 7.52 1.40
N ILE A 115 5.82 7.94 0.24
CA ILE A 115 5.67 7.06 -0.93
C ILE A 115 6.96 6.48 -1.43
N ILE A 116 8.04 6.65 -0.69
CA ILE A 116 9.29 6.09 -1.11
C ILE A 116 9.01 4.62 -1.31
N ASP A 117 8.23 4.10 -0.39
CA ASP A 117 7.72 2.74 -0.48
C ASP A 117 8.70 1.79 -1.14
N GLY A 118 9.89 1.62 -0.60
CA GLY A 118 10.77 0.69 -1.27
C GLY A 118 10.02 -0.60 -1.47
N ASP A 119 9.33 -1.03 -0.41
CA ASP A 119 8.51 -2.22 -0.49
C ASP A 119 7.02 -1.93 -0.17
N LEU A 120 6.69 -0.77 0.46
CA LEU A 120 5.29 -0.55 0.83
C LEU A 120 4.76 0.86 0.62
N LEU A 121 3.56 0.89 0.09
CA LEU A 121 2.79 2.11 -0.06
C LEU A 121 1.37 1.78 0.41
N ILE A 122 0.76 2.61 1.24
CA ILE A 122 -0.61 2.33 1.69
C ILE A 122 -1.49 3.56 1.62
N LEU A 123 -2.70 3.37 1.15
CA LEU A 123 -3.67 4.44 1.09
C LEU A 123 -4.97 3.93 1.66
N LYS A 124 -5.60 4.72 2.50
CA LYS A 124 -6.88 4.29 3.03
C LYS A 124 -7.89 5.41 2.92
N LEU A 125 -9.10 5.07 2.49
CA LEU A 125 -10.16 6.05 2.39
C LEU A 125 -11.33 5.54 3.21
N GLY A 126 -11.86 6.42 4.04
CA GLY A 126 -12.97 6.06 4.90
C GLY A 126 -14.31 6.28 4.26
N LYS A 127 -14.33 6.80 3.04
CA LYS A 127 -15.60 7.01 2.41
C LYS A 127 -16.15 5.68 1.95
N TRP A 128 -15.32 4.87 1.30
CA TRP A 128 -15.78 3.56 0.86
C TRP A 128 -14.75 2.44 1.04
N LYS A 129 -13.54 2.63 0.52
CA LYS A 129 -12.56 1.56 0.53
C LYS A 129 -11.14 2.00 0.84
N MET A 130 -10.33 1.01 1.16
CA MET A 130 -8.93 1.19 1.36
C MET A 130 -8.23 0.43 0.24
N LYS A 131 -7.26 1.09 -0.33
CA LYS A 131 -6.48 0.52 -1.40
C LYS A 131 -5.03 0.57 -0.97
N LEU A 132 -4.33 -0.53 -1.18
CA LEU A 132 -2.94 -0.63 -0.80
C LEU A 132 -2.13 -0.94 -2.04
N VAL A 133 -1.00 -0.28 -2.17
CA VAL A 133 -0.16 -0.47 -3.32
C VAL A 133 1.29 -0.69 -2.91
N SER A 134 1.95 -1.66 -3.55
CA SER A 134 3.36 -1.89 -3.30
C SER A 134 4.09 -1.50 -4.57
N ILE A 135 5.19 -0.76 -4.45
CA ILE A 135 5.91 -0.35 -5.64
C ILE A 135 7.40 -0.51 -5.54
N VAL A 136 8.00 -0.80 -6.68
CA VAL A 136 9.43 -0.97 -6.80
C VAL A 136 9.96 -0.19 -7.99
N SER A 137 11.19 0.31 -7.87
CA SER A 137 11.82 1.08 -8.94
C SER A 137 11.61 0.42 -10.29
N ASP A 138 11.46 1.23 -11.33
CA ASP A 138 11.25 0.73 -12.68
C ASP A 138 12.30 -0.32 -13.02
N GLU A 139 13.56 0.03 -12.79
CA GLU A 139 14.68 -0.87 -13.06
C GLU A 139 14.45 -2.23 -12.41
N LYS A 140 14.10 -2.22 -11.13
CA LYS A 140 13.83 -3.46 -10.40
C LYS A 140 12.85 -4.30 -11.21
N PHE A 141 11.79 -3.64 -11.65
CA PHE A 141 10.78 -4.28 -12.46
C PHE A 141 11.43 -5.01 -13.62
N LYS A 142 12.34 -4.33 -14.31
CA LYS A 142 13.04 -4.94 -15.42
C LYS A 142 13.59 -6.29 -15.01
N GLU A 143 14.24 -6.33 -13.85
CA GLU A 143 14.81 -7.55 -13.33
C GLU A 143 13.79 -8.70 -13.28
N LEU A 144 12.74 -8.55 -12.48
CA LEU A 144 11.73 -9.61 -12.34
C LEU A 144 11.08 -9.96 -13.69
N GLY A 145 10.43 -8.98 -14.27
CA GLY A 145 9.75 -9.11 -15.54
C GLY A 145 10.68 -9.07 -16.74
N LEU A 146 11.99 -9.20 -16.49
CA LEU A 146 12.98 -9.08 -17.58
C LEU A 146 12.61 -9.88 -18.82
N THR A 147 11.68 -10.81 -18.71
CA THR A 147 11.24 -11.54 -19.88
C THR A 147 9.71 -11.51 -19.99
N ALA A 148 9.19 -10.31 -20.23
CA ALA A 148 7.76 -10.11 -20.38
C ALA A 148 7.47 -9.27 -21.61
N PRO A 149 6.28 -9.43 -22.21
CA PRO A 149 5.89 -8.65 -23.40
C PRO A 149 5.96 -7.15 -23.11
N GLY A 150 5.90 -6.80 -21.83
CA GLY A 150 5.96 -5.41 -21.42
C GLY A 150 7.26 -4.73 -21.82
N TRP A 151 8.39 -5.37 -21.52
CA TRP A 151 9.69 -4.80 -21.86
C TRP A 151 9.88 -4.70 -23.36
N ASP A 152 9.55 -5.77 -24.05
CA ASP A 152 9.71 -5.81 -25.49
C ASP A 152 9.07 -4.60 -26.16
N GLU A 153 7.77 -4.41 -25.93
CA GLU A 153 7.05 -3.29 -26.51
C GLU A 153 7.61 -1.93 -26.07
N VAL A 154 7.65 -1.69 -24.76
CA VAL A 154 8.14 -0.42 -24.22
C VAL A 154 9.54 -0.03 -24.69
N VAL A 155 10.52 -0.74 -24.17
CA VAL A 155 11.93 -0.49 -24.46
C VAL A 155 12.31 -0.80 -25.91
N GLY A 156 12.10 -2.04 -26.32
CA GLY A 156 12.45 -2.45 -27.66
C GLY A 156 11.74 -1.66 -28.74
N LYS A 157 10.41 -1.75 -28.75
CA LYS A 157 9.60 -1.04 -29.74
C LYS A 157 9.71 0.47 -29.52
N GLY A 158 9.34 0.93 -28.33
CA GLY A 158 9.41 2.35 -28.04
C GLY A 158 8.07 2.92 -27.63
N LYS A 159 7.46 2.34 -26.60
CA LYS A 159 6.17 2.79 -26.12
C LYS A 159 6.33 3.73 -24.92
N GLU A 160 7.42 4.49 -24.91
CA GLU A 160 7.69 5.42 -23.83
C GLU A 160 7.38 6.86 -24.26
N GLU A 161 7.60 7.81 -23.35
CA GLU A 161 7.34 9.21 -23.64
C GLU A 161 8.24 9.71 -24.77
N PRO A 162 9.57 9.65 -24.58
CA PRO A 162 10.52 10.09 -25.60
C PRO A 162 10.61 9.13 -26.78
N SER A 163 9.72 9.31 -27.74
CA SER A 163 9.70 8.45 -28.92
C SER A 163 10.83 8.81 -29.88
N PRO A 164 11.34 7.82 -30.64
CA PRO A 164 12.43 8.04 -31.59
C PRO A 164 12.14 9.17 -32.56
#